data_2YG0
# 
_entry.id   2YG0 
# 
_audit_conform.dict_name       mmcif_pdbx.dic 
_audit_conform.dict_version    5.383 
_audit_conform.dict_location   http://mmcif.pdb.org/dictionaries/ascii/mmcif_pdbx.dic 
# 
loop_
_database_2.database_id 
_database_2.database_code 
_database_2.pdbx_database_accession 
_database_2.pdbx_DOI 
PDB   2YG0         pdb_00002yg0 10.2210/pdb2yg0/pdb 
PDBE  EBI-47991    ?            ?                   
WWPDB D_1290047991 ?            ?                   
# 
_pdbx_database_PDB_obs_spr.id               SPRSDE 
_pdbx_database_PDB_obs_spr.date             2011-05-18 
_pdbx_database_PDB_obs_spr.pdb_id           2YG0 
_pdbx_database_PDB_obs_spr.replace_pdb_id   2Y8M 
_pdbx_database_PDB_obs_spr.details          ? 
# 
loop_
_pdbx_database_related.db_name 
_pdbx_database_related.db_id 
_pdbx_database_related.content_type 
_pdbx_database_related.details 
PDB 2YFZ unspecified 'CBM62 FROM CLOSTRIDIUM THERMOCELLUM XYL5A' 
PDB 2YFU unspecified 'CBM62 FROM CLOSTRIDIUM THERMOCELLUM XYL5A' 
# 
_pdbx_database_status.status_code                     REL 
_pdbx_database_status.entry_id                        2YG0 
_pdbx_database_status.deposit_site                    PDBE 
_pdbx_database_status.process_site                    PDBE 
_pdbx_database_status.SG_entry                        . 
_pdbx_database_status.recvd_initial_deposition_date   2011-04-11 
_pdbx_database_status.pdb_format_compatible           Y 
_pdbx_database_status.status_code_sf                  REL 
_pdbx_database_status.status_code_mr                  ? 
_pdbx_database_status.status_code_cs                  ? 
_pdbx_database_status.methods_development_category    ? 
_pdbx_database_status.status_code_nmr_data            ? 
# 
loop_
_audit_author.name 
_audit_author.pdbx_ordinal 
'Montanier, C.Y.'  1  
'Correia, M.A.S.'  2  
'Flint, J.E.'      3  
'Zhu, Y.'          4  
'Basle, A.'        5  
'Mckee, L.S.'      6  
'Prates, J.A.M.'   7  
'Polizzi, S.J.'    8  
'Coutinho, P.M.'   9  
'Henrissat, B.'    10 
'Fontes, C.M.G.A.' 11 
'Gilbert, H.J.'    12 
# 
_citation.id                        primary 
_citation.title                     
;A Novel, Noncatalytic Carbohydrate-Binding Module Displays Specificity for Galactose-Containing Polysaccharides Through Calcium-Mediated Oligomerization.
;
_citation.journal_abbrev            J.Biol.Chem. 
_citation.journal_volume            286 
_citation.page_first                22499 
_citation.page_last                 ? 
_citation.year                      2011 
_citation.journal_id_ASTM           JBCHA3 
_citation.country                   US 
_citation.journal_id_ISSN           0021-9258 
_citation.journal_id_CSD            0071 
_citation.book_publisher            ? 
_citation.pdbx_database_id_PubMed   21454512 
_citation.pdbx_database_id_DOI      10.1074/JBC.M110.217372 
# 
loop_
_citation_author.citation_id 
_citation_author.name 
_citation_author.ordinal 
_citation_author.identifier_ORCID 
primary 'Montanier, C.Y.'  1  ? 
primary 'Correia, M.A.S.'  2  ? 
primary 'Flint, J.E.'      3  ? 
primary 'Zhu, Y.'          4  ? 
primary 'Basle, A.'        5  ? 
primary 'Mckee, L.S.'      6  ? 
primary 'Prates, J.A.M.'   7  ? 
primary 'Polizzi, S.J.'    8  ? 
primary 'Coutinho, P.M.'   9  ? 
primary 'Lewis, R.J.'      10 ? 
primary 'Henrissat, B.'    11 ? 
primary 'Fontes, C.M.G.A.' 12 ? 
primary 'Gilbert, H.J.'    13 ? 
# 
_cell.entry_id           2YG0 
_cell.length_a           191.717 
_cell.length_b           191.717 
_cell.length_c           191.717 
_cell.angle_alpha        90.00 
_cell.angle_beta         90.00 
_cell.angle_gamma        90.00 
_cell.Z_PDB              96 
_cell.pdbx_unique_axis   ? 
# 
_symmetry.entry_id                         2YG0 
_symmetry.space_group_name_H-M             'F 4 3 2' 
_symmetry.pdbx_full_space_group_name_H-M   ? 
_symmetry.cell_setting                     ? 
_symmetry.Int_Tables_number                209 
# 
loop_
_entity.id 
_entity.type 
_entity.src_method 
_entity.pdbx_description 
_entity.formula_weight 
_entity.pdbx_number_of_molecules 
_entity.pdbx_ec 
_entity.pdbx_mutation 
_entity.pdbx_fragment 
_entity.details 
1 polymer     man 'CARBOHYDRATE BINDING FAMILY 6'                      16884.484 1   ? ? 
'CARBOHYDRATE BINDING DOMAIN, RESIDUES 740-883' ? 
2 branched    man 'alpha-D-galactopyranose-(1-6)-beta-D-mannopyranose' 342.297   1   ? ? ? ? 
3 non-polymer syn GLYCEROL                                             92.094    1   ? ? ? ? 
4 non-polymer syn 'CALCIUM ION'                                        40.078    1   ? ? ? ? 
5 water       nat water                                                18.015    190 ? ? ? ? 
# 
_entity_name_com.entity_id   1 
_entity_name_com.name        'CELLULOSOMAL PROTEIN' 
# 
_entity_poly.entity_id                      1 
_entity_poly.type                           'polypeptide(L)' 
_entity_poly.nstd_linkage                   no 
_entity_poly.nstd_monomer                   no 
_entity_poly.pdbx_seq_one_letter_code       
;MASYPKLTGTVIGTQGSWNNIGNTIHKAFDGDLNTFFDGPTANGCWLGLDFGEGVRNVITQIKFCPRSGYEQRMIGGIFQ
GANKEDFSDAVTLFTITSLPGSGTLTSVDVDNPTGFRYVRYLSPDGSNGNIAELQFFGTPAGEENDDLEHHHHHH
;
_entity_poly.pdbx_seq_one_letter_code_can   
;MASYPKLTGTVIGTQGSWNNIGNTIHKAFDGDLNTFFDGPTANGCWLGLDFGEGVRNVITQIKFCPRSGYEQRMIGGIFQ
GANKEDFSDAVTLFTITSLPGSGTLTSVDVDNPTGFRYVRYLSPDGSNGNIAELQFFGTPAGEENDDLEHHHHHH
;
_entity_poly.pdbx_strand_id                 A 
_entity_poly.pdbx_target_identifier         ? 
# 
loop_
_entity_poly_seq.entity_id 
_entity_poly_seq.num 
_entity_poly_seq.mon_id 
_entity_poly_seq.hetero 
1 1   MET n 
1 2   ALA n 
1 3   SER n 
1 4   TYR n 
1 5   PRO n 
1 6   LYS n 
1 7   LEU n 
1 8   THR n 
1 9   GLY n 
1 10  THR n 
1 11  VAL n 
1 12  ILE n 
1 13  GLY n 
1 14  THR n 
1 15  GLN n 
1 16  GLY n 
1 17  SER n 
1 18  TRP n 
1 19  ASN n 
1 20  ASN n 
1 21  ILE n 
1 22  GLY n 
1 23  ASN n 
1 24  THR n 
1 25  ILE n 
1 26  HIS n 
1 27  LYS n 
1 28  ALA n 
1 29  PHE n 
1 30  ASP n 
1 31  GLY n 
1 32  ASP n 
1 33  LEU n 
1 34  ASN n 
1 35  THR n 
1 36  PHE n 
1 37  PHE n 
1 38  ASP n 
1 39  GLY n 
1 40  PRO n 
1 41  THR n 
1 42  ALA n 
1 43  ASN n 
1 44  GLY n 
1 45  CYS n 
1 46  TRP n 
1 47  LEU n 
1 48  GLY n 
1 49  LEU n 
1 50  ASP n 
1 51  PHE n 
1 52  GLY n 
1 53  GLU n 
1 54  GLY n 
1 55  VAL n 
1 56  ARG n 
1 57  ASN n 
1 58  VAL n 
1 59  ILE n 
1 60  THR n 
1 61  GLN n 
1 62  ILE n 
1 63  LYS n 
1 64  PHE n 
1 65  CYS n 
1 66  PRO n 
1 67  ARG n 
1 68  SER n 
1 69  GLY n 
1 70  TYR n 
1 71  GLU n 
1 72  GLN n 
1 73  ARG n 
1 74  MET n 
1 75  ILE n 
1 76  GLY n 
1 77  GLY n 
1 78  ILE n 
1 79  PHE n 
1 80  GLN n 
1 81  GLY n 
1 82  ALA n 
1 83  ASN n 
1 84  LYS n 
1 85  GLU n 
1 86  ASP n 
1 87  PHE n 
1 88  SER n 
1 89  ASP n 
1 90  ALA n 
1 91  VAL n 
1 92  THR n 
1 93  LEU n 
1 94  PHE n 
1 95  THR n 
1 96  ILE n 
1 97  THR n 
1 98  SER n 
1 99  LEU n 
1 100 PRO n 
1 101 GLY n 
1 102 SER n 
1 103 GLY n 
1 104 THR n 
1 105 LEU n 
1 106 THR n 
1 107 SER n 
1 108 VAL n 
1 109 ASP n 
1 110 VAL n 
1 111 ASP n 
1 112 ASN n 
1 113 PRO n 
1 114 THR n 
1 115 GLY n 
1 116 PHE n 
1 117 ARG n 
1 118 TYR n 
1 119 VAL n 
1 120 ARG n 
1 121 TYR n 
1 122 LEU n 
1 123 SER n 
1 124 PRO n 
1 125 ASP n 
1 126 GLY n 
1 127 SER n 
1 128 ASN n 
1 129 GLY n 
1 130 ASN n 
1 131 ILE n 
1 132 ALA n 
1 133 GLU n 
1 134 LEU n 
1 135 GLN n 
1 136 PHE n 
1 137 PHE n 
1 138 GLY n 
1 139 THR n 
1 140 PRO n 
1 141 ALA n 
1 142 GLY n 
1 143 GLU n 
1 144 GLU n 
1 145 ASN n 
1 146 ASP n 
1 147 ASP n 
1 148 LEU n 
1 149 GLU n 
1 150 HIS n 
1 151 HIS n 
1 152 HIS n 
1 153 HIS n 
1 154 HIS n 
1 155 HIS n 
# 
_entity_src_gen.entity_id                          1 
_entity_src_gen.pdbx_src_id                        1 
_entity_src_gen.pdbx_alt_source_flag               sample 
_entity_src_gen.pdbx_seq_type                      ? 
_entity_src_gen.pdbx_beg_seq_num                   ? 
_entity_src_gen.pdbx_end_seq_num                   ? 
_entity_src_gen.gene_src_common_name               ? 
_entity_src_gen.gene_src_genus                     ? 
_entity_src_gen.pdbx_gene_src_gene                 ? 
_entity_src_gen.gene_src_species                   ? 
_entity_src_gen.gene_src_strain                    ? 
_entity_src_gen.gene_src_tissue                    ? 
_entity_src_gen.gene_src_tissue_fraction           ? 
_entity_src_gen.gene_src_details                   ? 
_entity_src_gen.pdbx_gene_src_fragment             ? 
_entity_src_gen.pdbx_gene_src_scientific_name      'CLOSTRIDIUM THERMOCELLUM' 
_entity_src_gen.pdbx_gene_src_ncbi_taxonomy_id     1515 
_entity_src_gen.pdbx_gene_src_variant              ? 
_entity_src_gen.pdbx_gene_src_cell_line            ? 
_entity_src_gen.pdbx_gene_src_atcc                 ? 
_entity_src_gen.pdbx_gene_src_organ                ? 
_entity_src_gen.pdbx_gene_src_organelle            ? 
_entity_src_gen.pdbx_gene_src_cell                 ? 
_entity_src_gen.pdbx_gene_src_cellular_location    ? 
_entity_src_gen.host_org_common_name               ? 
_entity_src_gen.pdbx_host_org_scientific_name      'ESCHERICHIA COLI' 
_entity_src_gen.pdbx_host_org_ncbi_taxonomy_id     511693 
_entity_src_gen.host_org_genus                     ? 
_entity_src_gen.pdbx_host_org_gene                 ? 
_entity_src_gen.pdbx_host_org_organ                ? 
_entity_src_gen.host_org_species                   ? 
_entity_src_gen.pdbx_host_org_tissue               ? 
_entity_src_gen.pdbx_host_org_tissue_fraction      ? 
_entity_src_gen.pdbx_host_org_strain               BL21 
_entity_src_gen.pdbx_host_org_variant              ? 
_entity_src_gen.pdbx_host_org_cell_line            ? 
_entity_src_gen.pdbx_host_org_atcc                 ? 
_entity_src_gen.pdbx_host_org_culture_collection   ? 
_entity_src_gen.pdbx_host_org_cell                 ? 
_entity_src_gen.pdbx_host_org_organelle            ? 
_entity_src_gen.pdbx_host_org_cellular_location    ? 
_entity_src_gen.pdbx_host_org_vector_type          PLASMID 
_entity_src_gen.pdbx_host_org_vector               PET21A 
_entity_src_gen.host_org_details                   ? 
_entity_src_gen.expression_system_id               ? 
_entity_src_gen.plasmid_name                       ? 
_entity_src_gen.plasmid_details                    ? 
_entity_src_gen.pdbx_description                   ? 
# 
_struct_ref.id                         1 
_struct_ref.db_name                    UNP 
_struct_ref.db_code                    D1NNT8_CLOTM 
_struct_ref.entity_id                  1 
_struct_ref.pdbx_seq_one_letter_code   ? 
_struct_ref.pdbx_align_begin           ? 
_struct_ref.pdbx_db_accession          D1NNT8 
_struct_ref.pdbx_db_isoform            ? 
# 
_struct_ref_seq.align_id                      1 
_struct_ref_seq.ref_id                        1 
_struct_ref_seq.pdbx_PDB_id_code              2YG0 
_struct_ref_seq.pdbx_strand_id                A 
_struct_ref_seq.seq_align_beg                 4 
_struct_ref_seq.pdbx_seq_align_beg_ins_code   ? 
_struct_ref_seq.seq_align_end                 147 
_struct_ref_seq.pdbx_seq_align_end_ins_code   ? 
_struct_ref_seq.pdbx_db_accession             D1NNT8 
_struct_ref_seq.db_align_beg                  740 
_struct_ref_seq.pdbx_db_align_beg_ins_code    ? 
_struct_ref_seq.db_align_end                  883 
_struct_ref_seq.pdbx_db_align_end_ins_code    ? 
_struct_ref_seq.pdbx_auth_seq_align_beg       2 
_struct_ref_seq.pdbx_auth_seq_align_end       145 
# 
loop_
_struct_ref_seq_dif.align_id 
_struct_ref_seq_dif.pdbx_pdb_id_code 
_struct_ref_seq_dif.mon_id 
_struct_ref_seq_dif.pdbx_pdb_strand_id 
_struct_ref_seq_dif.seq_num 
_struct_ref_seq_dif.pdbx_pdb_ins_code 
_struct_ref_seq_dif.pdbx_seq_db_name 
_struct_ref_seq_dif.pdbx_seq_db_accession_code 
_struct_ref_seq_dif.db_mon_id 
_struct_ref_seq_dif.pdbx_seq_db_seq_num 
_struct_ref_seq_dif.details 
_struct_ref_seq_dif.pdbx_auth_seq_num 
_struct_ref_seq_dif.pdbx_ordinal 
1 2YG0 MET A 1   ? UNP D1NNT8 ? ? 'expression tag' -1  1  
1 2YG0 ALA A 2   ? UNP D1NNT8 ? ? 'expression tag' 0   2  
1 2YG0 SER A 3   ? UNP D1NNT8 ? ? 'expression tag' 1   3  
1 2YG0 LEU A 148 ? UNP D1NNT8 ? ? 'expression tag' 146 4  
1 2YG0 GLU A 149 ? UNP D1NNT8 ? ? 'expression tag' 147 5  
1 2YG0 HIS A 150 ? UNP D1NNT8 ? ? 'expression tag' 148 6  
1 2YG0 HIS A 151 ? UNP D1NNT8 ? ? 'expression tag' 149 7  
1 2YG0 HIS A 152 ? UNP D1NNT8 ? ? 'expression tag' 150 8  
1 2YG0 HIS A 153 ? UNP D1NNT8 ? ? 'expression tag' 151 9  
1 2YG0 HIS A 154 ? UNP D1NNT8 ? ? 'expression tag' 152 10 
1 2YG0 HIS A 155 ? UNP D1NNT8 ? ? 'expression tag' 153 11 
# 
loop_
_chem_comp.id 
_chem_comp.type 
_chem_comp.mon_nstd_flag 
_chem_comp.name 
_chem_comp.pdbx_synonyms 
_chem_comp.formula 
_chem_comp.formula_weight 
ALA 'L-peptide linking'           y ALANINE                 ?                                                              
'C3 H7 N O2'     89.093  
ARG 'L-peptide linking'           y ARGININE                ?                                                              
'C6 H15 N4 O2 1' 175.209 
ASN 'L-peptide linking'           y ASPARAGINE              ?                                                              
'C4 H8 N2 O3'    132.118 
ASP 'L-peptide linking'           y 'ASPARTIC ACID'         ?                                                              
'C4 H7 N O4'     133.103 
BMA 'D-saccharide, beta linking'  . beta-D-mannopyranose    'beta-D-mannose; D-mannose; mannose'                           
'C6 H12 O6'      180.156 
CA  non-polymer                   . 'CALCIUM ION'           ?                                                              'Ca 2' 
40.078  
CYS 'L-peptide linking'           y CYSTEINE                ?                                                              
'C3 H7 N O2 S'   121.158 
GLA 'D-saccharide, alpha linking' . alpha-D-galactopyranose 'alpha-D-galactose; D-galactose; galactose; ALPHA D-GALACTOSE' 
'C6 H12 O6'      180.156 
GLN 'L-peptide linking'           y GLUTAMINE               ?                                                              
'C5 H10 N2 O3'   146.144 
GLU 'L-peptide linking'           y 'GLUTAMIC ACID'         ?                                                              
'C5 H9 N O4'     147.129 
GLY 'peptide linking'             y GLYCINE                 ?                                                              
'C2 H5 N O2'     75.067  
GOL non-polymer                   . GLYCEROL                'GLYCERIN; PROPANE-1,2,3-TRIOL'                                
'C3 H8 O3'       92.094  
HIS 'L-peptide linking'           y HISTIDINE               ?                                                              
'C6 H10 N3 O2 1' 156.162 
HOH non-polymer                   . WATER                   ?                                                              'H2 O' 
18.015  
ILE 'L-peptide linking'           y ISOLEUCINE              ?                                                              
'C6 H13 N O2'    131.173 
LEU 'L-peptide linking'           y LEUCINE                 ?                                                              
'C6 H13 N O2'    131.173 
LYS 'L-peptide linking'           y LYSINE                  ?                                                              
'C6 H15 N2 O2 1' 147.195 
MET 'L-peptide linking'           y METHIONINE              ?                                                              
'C5 H11 N O2 S'  149.211 
PHE 'L-peptide linking'           y PHENYLALANINE           ?                                                              
'C9 H11 N O2'    165.189 
PRO 'L-peptide linking'           y PROLINE                 ?                                                              
'C5 H9 N O2'     115.130 
SER 'L-peptide linking'           y SERINE                  ?                                                              
'C3 H7 N O3'     105.093 
THR 'L-peptide linking'           y THREONINE               ?                                                              
'C4 H9 N O3'     119.119 
TRP 'L-peptide linking'           y TRYPTOPHAN              ?                                                              
'C11 H12 N2 O2'  204.225 
TYR 'L-peptide linking'           y TYROSINE                ?                                                              
'C9 H11 N O3'    181.189 
VAL 'L-peptide linking'           y VALINE                  ?                                                              
'C5 H11 N O2'    117.146 
# 
_exptl.entry_id          2YG0 
_exptl.method            'X-RAY DIFFRACTION' 
_exptl.crystals_number   1 
# 
_exptl_crystal.id                    1 
_exptl_crystal.density_meas          ? 
_exptl_crystal.density_Matthews      4.9 
_exptl_crystal.density_percent_sol   75 
_exptl_crystal.description           NONE 
# 
_exptl_crystal_grow.crystal_id      1 
_exptl_crystal_grow.method          ? 
_exptl_crystal_grow.temp            ? 
_exptl_crystal_grow.temp_details    ? 
_exptl_crystal_grow.pH              7.4 
_exptl_crystal_grow.pdbx_pH_range   ? 
_exptl_crystal_grow.pdbx_details    '0.5 M AMMONIUM SULPHATE IN 0.1 M NA/HEPES, PH 7.4, CONTAINING 30% 2-METHYL-2,4-PENTANEDIOL.' 
# 
_diffrn.id                     1 
_diffrn.ambient_temp           100 
_diffrn.ambient_temp_details   ? 
_diffrn.crystal_id             1 
# 
_diffrn_detector.diffrn_id              1 
_diffrn_detector.detector               CCD 
_diffrn_detector.type                   'ADSC CCD' 
_diffrn_detector.pdbx_collection_date   ? 
_diffrn_detector.details                ? 
# 
_diffrn_radiation.diffrn_id                        1 
_diffrn_radiation.wavelength_id                    1 
_diffrn_radiation.pdbx_monochromatic_or_laue_m_l   M 
_diffrn_radiation.monochromator                    ? 
_diffrn_radiation.pdbx_diffrn_protocol             'SINGLE WAVELENGTH' 
_diffrn_radiation.pdbx_scattering_type             x-ray 
# 
_diffrn_radiation_wavelength.id           1 
_diffrn_radiation_wavelength.wavelength   1.073 
_diffrn_radiation_wavelength.wt           1.0 
# 
_diffrn_source.diffrn_id                   1 
_diffrn_source.source                      SYNCHROTRON 
_diffrn_source.type                        'SRS BEAMLINE PX10.1' 
_diffrn_source.pdbx_synchrotron_site       SRS 
_diffrn_source.pdbx_synchrotron_beamline   PX10.1 
_diffrn_source.pdbx_wavelength             1.073 
_diffrn_source.pdbx_wavelength_list        ? 
# 
_reflns.pdbx_diffrn_id               1 
_reflns.pdbx_ordinal                 1 
_reflns.entry_id                     2YG0 
_reflns.observed_criterion_sigma_I   2.0 
_reflns.observed_criterion_sigma_F   ? 
_reflns.d_resolution_low             47.93 
_reflns.d_resolution_high            1.80 
_reflns.number_obs                   28437 
_reflns.number_all                   ? 
_reflns.percent_possible_obs         99.8 
_reflns.pdbx_Rmerge_I_obs            0.08 
_reflns.pdbx_Rsym_value              ? 
_reflns.pdbx_netI_over_sigmaI        21.90 
_reflns.B_iso_Wilson_estimate        17 
_reflns.pdbx_redundancy              10.4 
# 
_reflns_shell.pdbx_diffrn_id         1 
_reflns_shell.pdbx_ordinal           1 
_reflns_shell.d_res_high             1.80 
_reflns_shell.d_res_low              1.90 
_reflns_shell.percent_possible_all   100.0 
_reflns_shell.Rmerge_I_obs           0.48 
_reflns_shell.pdbx_Rsym_value        ? 
_reflns_shell.meanI_over_sigI_obs    5.40 
_reflns_shell.pdbx_redundancy        10.5 
# 
_refine.pdbx_refine_id                           'X-RAY DIFFRACTION' 
_refine.entry_id                                 2YG0 
_refine.pdbx_diffrn_id                           1 
_refine.pdbx_TLS_residual_ADP_flag               ? 
_refine.ls_number_reflns_obs                     26965 
_refine.ls_number_reflns_all                     ? 
_refine.pdbx_ls_sigma_I                          ? 
_refine.pdbx_ls_sigma_F                          . 
_refine.pdbx_data_cutoff_high_absF               ? 
_refine.pdbx_data_cutoff_low_absF                ? 
_refine.pdbx_data_cutoff_high_rms_absF           ? 
_refine.ls_d_res_low                             43.98 
_refine.ls_d_res_high                            1.80 
_refine.ls_percent_reflns_obs                    99.40 
_refine.ls_R_factor_obs                          0.16289 
_refine.ls_R_factor_all                          ? 
_refine.ls_R_factor_R_work                       0.16208 
_refine.ls_R_factor_R_free                       0.17870 
_refine.ls_R_factor_R_free_error                 ? 
_refine.ls_R_factor_R_free_error_details         ? 
_refine.ls_percent_reflns_R_free                 5.0 
_refine.ls_number_reflns_R_free                  1418 
_refine.ls_number_parameters                     ? 
_refine.ls_number_restraints                     ? 
_refine.occupancy_min                            ? 
_refine.occupancy_max                            ? 
_refine.correlation_coeff_Fo_to_Fc               0.960 
_refine.correlation_coeff_Fo_to_Fc_free          0.952 
_refine.B_iso_mean                               17.721 
_refine.aniso_B[1][1]                            ? 
_refine.aniso_B[2][2]                            ? 
_refine.aniso_B[3][3]                            ? 
_refine.aniso_B[1][2]                            ? 
_refine.aniso_B[1][3]                            ? 
_refine.aniso_B[2][3]                            ? 
_refine.solvent_model_details                    MASK 
_refine.solvent_model_param_ksol                 ? 
_refine.solvent_model_param_bsol                 ? 
_refine.pdbx_solvent_vdw_probe_radii             1.40 
_refine.pdbx_solvent_ion_probe_radii             0.80 
_refine.pdbx_solvent_shrinkage_radii             0.80 
_refine.pdbx_ls_cross_valid_method               THROUGHOUT 
_refine.details                                  'HYDROGENS HAVE BEEN ADDED IN THE RIDING POSITIONS.' 
_refine.pdbx_starting_model                      'PDB ENTRY 2YFU' 
_refine.pdbx_method_to_determine_struct          'MOLECULAR REPLACEMENT' 
_refine.pdbx_isotropic_thermal_model             ? 
_refine.pdbx_stereochemistry_target_values       'MAXIMUM LIKELIHOOD' 
_refine.pdbx_stereochem_target_val_spec_case     ? 
_refine.pdbx_R_Free_selection_details            RANDOM 
_refine.pdbx_overall_ESU_R                       0.072 
_refine.pdbx_overall_ESU_R_Free                  0.072 
_refine.overall_SU_ML                            0.042 
_refine.pdbx_overall_phase_error                 ? 
_refine.overall_SU_B                             1.343 
_refine.overall_SU_R_Cruickshank_DPI             ? 
_refine.pdbx_overall_SU_R_free_Cruickshank_DPI   ? 
_refine.pdbx_overall_SU_R_Blow_DPI               ? 
_refine.pdbx_overall_SU_R_free_Blow_DPI          ? 
# 
_refine_hist.pdbx_refine_id                   'X-RAY DIFFRACTION' 
_refine_hist.cycle_id                         LAST 
_refine_hist.pdbx_number_atoms_protein        1053 
_refine_hist.pdbx_number_atoms_nucleic_acid   0 
_refine_hist.pdbx_number_atoms_ligand         30 
_refine_hist.number_atoms_solvent             190 
_refine_hist.number_atoms_total               1273 
_refine_hist.d_res_high                       1.80 
_refine_hist.d_res_low                        43.98 
# 
loop_
_refine_ls_restr.type 
_refine_ls_restr.dev_ideal 
_refine_ls_restr.dev_ideal_target 
_refine_ls_restr.weight 
_refine_ls_restr.number 
_refine_ls_restr.pdbx_refine_id 
_refine_ls_restr.pdbx_restraint_function 
r_bond_refined_d             0.021  0.022  ? 1132 'X-RAY DIFFRACTION' ? 
r_bond_other_d               ?      ?      ? ?    'X-RAY DIFFRACTION' ? 
r_angle_refined_deg          1.667  1.956  ? 1543 'X-RAY DIFFRACTION' ? 
r_angle_other_deg            ?      ?      ? ?    'X-RAY DIFFRACTION' ? 
r_dihedral_angle_1_deg       5.753  5.000  ? 142  'X-RAY DIFFRACTION' ? 
r_dihedral_angle_2_deg       29.712 24.528 ? 53   'X-RAY DIFFRACTION' ? 
r_dihedral_angle_3_deg       10.012 15.000 ? 159  'X-RAY DIFFRACTION' ? 
r_dihedral_angle_4_deg       2.621  15.000 ? 5    'X-RAY DIFFRACTION' ? 
r_chiral_restr               0.144  0.200  ? 169  'X-RAY DIFFRACTION' ? 
r_gen_planes_refined         0.009  0.021  ? 878  'X-RAY DIFFRACTION' ? 
r_gen_planes_other           ?      ?      ? ?    'X-RAY DIFFRACTION' ? 
r_nbd_refined                ?      ?      ? ?    'X-RAY DIFFRACTION' ? 
r_nbd_other                  ?      ?      ? ?    'X-RAY DIFFRACTION' ? 
r_nbtor_refined              ?      ?      ? ?    'X-RAY DIFFRACTION' ? 
r_nbtor_other                ?      ?      ? ?    'X-RAY DIFFRACTION' ? 
r_xyhbond_nbd_refined        ?      ?      ? ?    'X-RAY DIFFRACTION' ? 
r_xyhbond_nbd_other          ?      ?      ? ?    'X-RAY DIFFRACTION' ? 
r_metal_ion_refined          ?      ?      ? ?    'X-RAY DIFFRACTION' ? 
r_metal_ion_other            ?      ?      ? ?    'X-RAY DIFFRACTION' ? 
r_symmetry_vdw_refined       ?      ?      ? ?    'X-RAY DIFFRACTION' ? 
r_symmetry_vdw_other         ?      ?      ? ?    'X-RAY DIFFRACTION' ? 
r_symmetry_hbond_refined     ?      ?      ? ?    'X-RAY DIFFRACTION' ? 
r_symmetry_hbond_other       ?      ?      ? ?    'X-RAY DIFFRACTION' ? 
r_symmetry_metal_ion_refined ?      ?      ? ?    'X-RAY DIFFRACTION' ? 
r_symmetry_metal_ion_other   ?      ?      ? ?    'X-RAY DIFFRACTION' ? 
r_mcbond_it                  1.023  1.500  ? 689  'X-RAY DIFFRACTION' ? 
r_mcbond_other               ?      ?      ? ?    'X-RAY DIFFRACTION' ? 
r_mcangle_it                 1.794  2.000  ? 1108 'X-RAY DIFFRACTION' ? 
r_mcangle_other              ?      ?      ? ?    'X-RAY DIFFRACTION' ? 
r_scbond_it                  2.716  3.000  ? 443  'X-RAY DIFFRACTION' ? 
r_scbond_other               ?      ?      ? ?    'X-RAY DIFFRACTION' ? 
r_scangle_it                 4.487  4.500  ? 434  'X-RAY DIFFRACTION' ? 
r_scangle_other              ?      ?      ? ?    'X-RAY DIFFRACTION' ? 
r_long_range_B_refined       ?      ?      ? ?    'X-RAY DIFFRACTION' ? 
r_long_range_B_other         ?      ?      ? ?    'X-RAY DIFFRACTION' ? 
r_rigid_bond_restr           ?      ?      ? ?    'X-RAY DIFFRACTION' ? 
r_sphericity_free            ?      ?      ? ?    'X-RAY DIFFRACTION' ? 
r_sphericity_bonded          ?      ?      ? ?    'X-RAY DIFFRACTION' ? 
# 
_refine_ls_shell.pdbx_refine_id                   'X-RAY DIFFRACTION' 
_refine_ls_shell.pdbx_total_number_of_bins_used   20 
_refine_ls_shell.d_res_high                       1.800 
_refine_ls_shell.d_res_low                        1.847 
_refine_ls_shell.number_reflns_R_work             1986 
_refine_ls_shell.R_factor_R_work                  0.260 
_refine_ls_shell.percent_reflns_obs               99.90 
_refine_ls_shell.R_factor_R_free                  0.310 
_refine_ls_shell.R_factor_R_free_error            ? 
_refine_ls_shell.percent_reflns_R_free            ? 
_refine_ls_shell.number_reflns_R_free             101 
_refine_ls_shell.number_reflns_all                ? 
_refine_ls_shell.R_factor_all                     ? 
# 
_struct.entry_id                  2YG0 
_struct.title                     'CBM62 FROM CLOSTRIDIUM THERMOCELLUM XYL5A' 
_struct.pdbx_model_details        ? 
_struct.pdbx_CASP_flag            ? 
_struct.pdbx_model_type_details   ? 
# 
_struct_keywords.entry_id        2YG0 
_struct_keywords.pdbx_keywords   'SUGAR BINDING PROTEIN' 
_struct_keywords.text            'SUGAR BINDING PROTEIN' 
# 
loop_
_struct_asym.id 
_struct_asym.pdbx_blank_PDB_chainid_flag 
_struct_asym.pdbx_modified 
_struct_asym.entity_id 
_struct_asym.details 
A N N 1 ? 
B N N 2 ? 
C N N 3 ? 
D N N 4 ? 
E N N 5 ? 
# 
_struct_biol.id   1 
# 
loop_
_struct_conf.conf_type_id 
_struct_conf.id 
_struct_conf.pdbx_PDB_helix_id 
_struct_conf.beg_label_comp_id 
_struct_conf.beg_label_asym_id 
_struct_conf.beg_label_seq_id 
_struct_conf.pdbx_beg_PDB_ins_code 
_struct_conf.end_label_comp_id 
_struct_conf.end_label_asym_id 
_struct_conf.end_label_seq_id 
_struct_conf.pdbx_end_PDB_ins_code 
_struct_conf.beg_auth_comp_id 
_struct_conf.beg_auth_asym_id 
_struct_conf.beg_auth_seq_id 
_struct_conf.end_auth_comp_id 
_struct_conf.end_auth_asym_id 
_struct_conf.end_auth_seq_id 
_struct_conf.pdbx_PDB_helix_class 
_struct_conf.details 
_struct_conf.pdbx_PDB_helix_length 
HELX_P HELX_P1 1 SER A 17 ? ILE A 21 ? SER A 15 ILE A 19 5 ? 5 
HELX_P HELX_P2 2 THR A 24 ? ASP A 30 ? THR A 22 ASP A 28 5 ? 7 
HELX_P HELX_P3 3 TYR A 70 ? ILE A 75 ? TYR A 68 ILE A 73 5 ? 6 
# 
_struct_conf_type.id          HELX_P 
_struct_conf_type.criteria    ? 
_struct_conf_type.reference   ? 
# 
loop_
_struct_conn.id 
_struct_conn.conn_type_id 
_struct_conn.pdbx_leaving_atom_flag 
_struct_conn.pdbx_PDB_id 
_struct_conn.ptnr1_label_asym_id 
_struct_conn.ptnr1_label_comp_id 
_struct_conn.ptnr1_label_seq_id 
_struct_conn.ptnr1_label_atom_id 
_struct_conn.pdbx_ptnr1_label_alt_id 
_struct_conn.pdbx_ptnr1_PDB_ins_code 
_struct_conn.pdbx_ptnr1_standard_comp_id 
_struct_conn.ptnr1_symmetry 
_struct_conn.ptnr2_label_asym_id 
_struct_conn.ptnr2_label_comp_id 
_struct_conn.ptnr2_label_seq_id 
_struct_conn.ptnr2_label_atom_id 
_struct_conn.pdbx_ptnr2_label_alt_id 
_struct_conn.pdbx_ptnr2_PDB_ins_code 
_struct_conn.ptnr1_auth_asym_id 
_struct_conn.ptnr1_auth_comp_id 
_struct_conn.ptnr1_auth_seq_id 
_struct_conn.ptnr2_auth_asym_id 
_struct_conn.ptnr2_auth_comp_id 
_struct_conn.ptnr2_auth_seq_id 
_struct_conn.ptnr2_symmetry 
_struct_conn.pdbx_ptnr3_label_atom_id 
_struct_conn.pdbx_ptnr3_label_seq_id 
_struct_conn.pdbx_ptnr3_label_comp_id 
_struct_conn.pdbx_ptnr3_label_asym_id 
_struct_conn.pdbx_ptnr3_label_alt_id 
_struct_conn.pdbx_ptnr3_PDB_ins_code 
_struct_conn.details 
_struct_conn.pdbx_dist_value 
_struct_conn.pdbx_value_order 
_struct_conn.pdbx_role 
covale1 covale both ? B BMA .   O6  ? ? ? 1_555 B GLA . C1 ? ? B BMA 1   B GLA 2    1_555 ? ? ? ? ? ? ? 1.456 ? ? 
metalc1 metalc ?    ? A LYS 27  O   ? ? ? 1_555 D CA  . CA ? ? A LYS 25  A CA  1144 1_555 ? ? ? ? ? ? ? 2.261 ? ? 
metalc2 metalc ?    ? A ASP 30  OD1 ? ? ? 1_555 D CA  . CA ? ? A ASP 28  A CA  1144 1_555 ? ? ? ? ? ? ? 2.451 ? ? 
metalc3 metalc ?    ? A ASP 32  O   ? ? ? 1_555 D CA  . CA ? ? A ASP 30  A CA  1144 1_555 ? ? ? ? ? ? ? 2.279 ? ? 
metalc4 metalc ?    ? A THR 35  O   ? ? ? 1_555 D CA  . CA ? ? A THR 33  A CA  1144 1_555 ? ? ? ? ? ? ? 2.537 ? ? 
metalc5 metalc ?    ? A THR 35  OG1 ? ? ? 1_555 D CA  . CA ? ? A THR 33  A CA  1144 1_555 ? ? ? ? ? ? ? 2.487 ? ? 
metalc6 metalc ?    ? A ALA 132 O   ? ? ? 1_555 D CA  . CA ? ? A ALA 130 A CA  1144 1_555 ? ? ? ? ? ? ? 2.413 ? ? 
metalc7 metalc ?    ? A GLU 133 OE1 ? ? ? 1_555 D CA  . CA ? ? A GLU 131 A CA  1144 1_555 ? ? ? ? ? ? ? 2.301 ? ? 
# 
loop_
_struct_conn_type.id 
_struct_conn_type.criteria 
_struct_conn_type.reference 
covale ? ? 
metalc ? ? 
# 
loop_
_struct_sheet.id 
_struct_sheet.type 
_struct_sheet.number_strands 
_struct_sheet.details 
AA ? 5 ? 
AB ? 3 ? 
# 
loop_
_struct_sheet_order.sheet_id 
_struct_sheet_order.range_id_1 
_struct_sheet_order.range_id_2 
_struct_sheet_order.offset 
_struct_sheet_order.sense 
AA 1 2 ? anti-parallel 
AA 2 3 ? anti-parallel 
AA 3 4 ? anti-parallel 
AA 4 5 ? anti-parallel 
AB 1 2 ? anti-parallel 
AB 2 3 ? anti-parallel 
# 
loop_
_struct_sheet_range.sheet_id 
_struct_sheet_range.id 
_struct_sheet_range.beg_label_comp_id 
_struct_sheet_range.beg_label_asym_id 
_struct_sheet_range.beg_label_seq_id 
_struct_sheet_range.pdbx_beg_PDB_ins_code 
_struct_sheet_range.end_label_comp_id 
_struct_sheet_range.end_label_asym_id 
_struct_sheet_range.end_label_seq_id 
_struct_sheet_range.pdbx_end_PDB_ins_code 
_struct_sheet_range.beg_auth_comp_id 
_struct_sheet_range.beg_auth_asym_id 
_struct_sheet_range.beg_auth_seq_id 
_struct_sheet_range.end_auth_comp_id 
_struct_sheet_range.end_auth_asym_id 
_struct_sheet_range.end_auth_seq_id 
AA 1 THR A 10  ? GLY A 13  ? THR A 8   GLY A 11  
AA 2 TRP A 46  ? ASP A 50  ? TRP A 44  ASP A 48  
AA 3 TYR A 118 ? LEU A 122 ? TYR A 116 LEU A 120 
AA 4 ILE A 78  ? ALA A 82  ? ILE A 76  ALA A 80  
AA 5 VAL A 91  ? THR A 95  ? VAL A 89  THR A 93  
AB 1 THR A 106 ? ASP A 109 ? THR A 104 ASP A 107 
AB 2 ASN A 57  ? CYS A 65  ? ASN A 55  CYS A 63  
AB 3 GLU A 133 ? PRO A 140 ? GLU A 131 PRO A 138 
# 
loop_
_pdbx_struct_sheet_hbond.sheet_id 
_pdbx_struct_sheet_hbond.range_id_1 
_pdbx_struct_sheet_hbond.range_id_2 
_pdbx_struct_sheet_hbond.range_1_label_atom_id 
_pdbx_struct_sheet_hbond.range_1_label_comp_id 
_pdbx_struct_sheet_hbond.range_1_label_asym_id 
_pdbx_struct_sheet_hbond.range_1_label_seq_id 
_pdbx_struct_sheet_hbond.range_1_PDB_ins_code 
_pdbx_struct_sheet_hbond.range_1_auth_atom_id 
_pdbx_struct_sheet_hbond.range_1_auth_comp_id 
_pdbx_struct_sheet_hbond.range_1_auth_asym_id 
_pdbx_struct_sheet_hbond.range_1_auth_seq_id 
_pdbx_struct_sheet_hbond.range_2_label_atom_id 
_pdbx_struct_sheet_hbond.range_2_label_comp_id 
_pdbx_struct_sheet_hbond.range_2_label_asym_id 
_pdbx_struct_sheet_hbond.range_2_label_seq_id 
_pdbx_struct_sheet_hbond.range_2_PDB_ins_code 
_pdbx_struct_sheet_hbond.range_2_auth_atom_id 
_pdbx_struct_sheet_hbond.range_2_auth_comp_id 
_pdbx_struct_sheet_hbond.range_2_auth_asym_id 
_pdbx_struct_sheet_hbond.range_2_auth_seq_id 
AA 1 2 N ILE A 12  ? N ILE A 10  O GLY A 48  ? O GLY A 46  
AA 2 3 N LEU A 49  ? N LEU A 47  O VAL A 119 ? O VAL A 117 
AA 3 4 N LEU A 122 ? N LEU A 120 O ILE A 78  ? O ILE A 76  
AA 4 5 N GLY A 81  ? N GLY A 79  O VAL A 91  ? O VAL A 89  
AB 1 2 N VAL A 108 ? N VAL A 106 O ILE A 62  ? O ILE A 60  
AB 2 3 N CYS A 65  ? N CYS A 63  O GLU A 133 ? O GLU A 131 
# 
_atom_sites.entry_id                    2YG0 
_atom_sites.fract_transf_matrix[1][1]   0.00157434 
_atom_sites.fract_transf_matrix[1][2]   0.00178487 
_atom_sites.fract_transf_matrix[1][3]   0.00464137 
_atom_sites.fract_transf_matrix[2][1]   0.00034666 
_atom_sites.fract_transf_matrix[2][2]   -0.00489598 
_atom_sites.fract_transf_matrix[2][3]   0.00176519 
_atom_sites.fract_transf_matrix[3][1]   0.00496064 
_atom_sites.fract_transf_matrix[3][2]   -0.00022431 
_atom_sites.fract_transf_matrix[3][3]   -0.00159637 
_atom_sites.fract_transf_vector[1]      0.181065 
_atom_sites.fract_transf_vector[2]      0.073225 
_atom_sites.fract_transf_vector[3]      0.311407 
# 
loop_
_atom_type.symbol 
C  
CA 
N  
O  
S  
# 
loop_
_atom_site.group_PDB 
_atom_site.id 
_atom_site.type_symbol 
_atom_site.label_atom_id 
_atom_site.label_alt_id 
_atom_site.label_comp_id 
_atom_site.label_asym_id 
_atom_site.label_entity_id 
_atom_site.label_seq_id 
_atom_site.pdbx_PDB_ins_code 
_atom_site.Cartn_x 
_atom_site.Cartn_y 
_atom_site.Cartn_z 
_atom_site.occupancy 
_atom_site.B_iso_or_equiv 
_atom_site.pdbx_formal_charge 
_atom_site.auth_seq_id 
_atom_site.auth_comp_id 
_atom_site.auth_asym_id 
_atom_site.auth_atom_id 
_atom_site.pdbx_PDB_model_num 
ATOM   1    N  N   . TYR A 1 4   ? -5.285  6.511   -16.322 1.00 36.85 ? 2    TYR A N   1 
ATOM   2    C  CA  . TYR A 1 4   ? -6.286  5.555   -15.714 1.00 35.10 ? 2    TYR A CA  1 
ATOM   3    C  C   . TYR A 1 4   ? -6.774  6.018   -14.348 1.00 32.52 ? 2    TYR A C   1 
ATOM   4    O  O   . TYR A 1 4   ? -6.020  6.646   -13.599 1.00 32.39 ? 2    TYR A O   1 
ATOM   5    C  CB  . TYR A 1 4   ? -5.717  4.142   -15.605 1.00 36.80 ? 2    TYR A CB  1 
ATOM   6    C  CG  . TYR A 1 4   ? -5.424  3.480   -16.931 1.00 41.24 ? 2    TYR A CG  1 
ATOM   7    C  CD1 . TYR A 1 4   ? -6.448  2.867   -17.668 1.00 46.67 ? 2    TYR A CD1 1 
ATOM   8    C  CD2 . TYR A 1 4   ? -4.121  3.474   -17.455 1.00 45.75 ? 2    TYR A CD2 1 
ATOM   9    C  CE1 . TYR A 1 4   ? -6.182  2.248   -18.898 1.00 50.30 ? 2    TYR A CE1 1 
ATOM   10   C  CE2 . TYR A 1 4   ? -3.835  2.866   -18.670 1.00 49.42 ? 2    TYR A CE2 1 
ATOM   11   C  CZ  . TYR A 1 4   ? -4.872  2.247   -19.380 1.00 51.77 ? 2    TYR A CZ  1 
ATOM   12   O  OH  . TYR A 1 4   ? -4.611  1.636   -20.581 1.00 54.85 ? 2    TYR A OH  1 
ATOM   13   N  N   . PRO A 1 5   ? -8.048  5.739   -14.023 1.00 29.81 ? 3    PRO A N   1 
ATOM   14   C  CA  . PRO A 1 5   ? -8.650  6.234   -12.804 1.00 27.53 ? 3    PRO A CA  1 
ATOM   15   C  C   . PRO A 1 5   ? -8.075  5.588   -11.521 1.00 25.41 ? 3    PRO A C   1 
ATOM   16   O  O   . PRO A 1 5   ? -7.460  4.503   -11.575 1.00 23.57 ? 3    PRO A O   1 
ATOM   17   C  CB  . PRO A 1 5   ? -10.133 5.858   -12.941 1.00 28.29 ? 3    PRO A CB  1 
ATOM   18   C  CG  . PRO A 1 5   ? -10.327 5.422   -14.373 1.00 30.28 ? 3    PRO A CG  1 
ATOM   19   C  CD  . PRO A 1 5   ? -8.998  4.995   -14.878 1.00 30.17 ? 3    PRO A CD  1 
ATOM   20   N  N   . LYS A 1 6   ? -8.284  6.269   -10.406 1.00 23.56 ? 4    LYS A N   1 
ATOM   21   C  CA  . LYS A 1 6   ? -7.894  5.773   -9.096  1.00 21.72 ? 4    LYS A CA  1 
ATOM   22   C  C   . LYS A 1 6   ? -8.873  4.679   -8.695  1.00 21.27 ? 4    LYS A C   1 
ATOM   23   O  O   . LYS A 1 6   ? -10.113 4.866   -8.792  1.00 21.66 ? 4    LYS A O   1 
ATOM   24   C  CB  . LYS A 1 6   ? -7.903  6.911   -8.072  1.00 22.40 ? 4    LYS A CB  1 
ATOM   25   C  CG  . LYS A 1 6   ? -7.522  6.452   -6.657  1.00 22.86 ? 4    LYS A CG  1 
ATOM   26   C  CD  . LYS A 1 6   ? -7.048  7.599   -5.707  1.00 26.93 ? 4    LYS A CD  1 
ATOM   27   C  CE  . LYS A 1 6   ? -8.159  8.606   -5.394  1.00 29.78 ? 4    LYS A CE  1 
ATOM   28   N  NZ  . LYS A 1 6   ? -9.244  7.918   -4.604  1.00 37.83 ? 4    LYS A NZ  1 
ATOM   29   N  N   . LEU A 1 7   ? -8.356  3.531   -8.262  1.00 17.14 ? 5    LEU A N   1 
ATOM   30   C  CA  . LEU A 1 7   ? -9.231  2.393   -7.945  1.00 16.36 ? 5    LEU A CA  1 
ATOM   31   C  C   . LEU A 1 7   ? -9.728  2.461   -6.516  1.00 16.53 ? 5    LEU A C   1 
ATOM   32   O  O   . LEU A 1 7   ? -9.008  2.927   -5.624  1.00 16.73 ? 5    LEU A O   1 
ATOM   33   C  CB  . LEU A 1 7   ? -8.468  1.083   -8.129  1.00 15.58 ? 5    LEU A CB  1 
ATOM   34   C  CG  . LEU A 1 7   ? -7.842  0.933   -9.520  1.00 15.98 ? 5    LEU A CG  1 
ATOM   35   C  CD1 . LEU A 1 7   ? -6.900  -0.281  -9.519  1.00 15.02 ? 5    LEU A CD1 1 
ATOM   36   C  CD2 . LEU A 1 7   ? -8.936  0.799   -10.613 1.00 15.14 ? 5    LEU A CD2 1 
ATOM   37   N  N   . THR A 1 8   ? -10.974 2.027   -6.308  1.00 15.86 ? 6    THR A N   1 
ATOM   38   C  CA  . THR A 1 8   ? -11.577 2.029   -5.001  1.00 17.61 ? 6    THR A CA  1 
ATOM   39   C  C   . THR A 1 8   ? -11.713 0.582   -4.529  1.00 16.84 ? 6    THR A C   1 
ATOM   40   O  O   . THR A 1 8   ? -11.762 -0.344  -5.349  1.00 17.30 ? 6    THR A O   1 
ATOM   41   C  CB  . THR A 1 8   ? -12.998 2.677   -5.061  1.00 18.74 ? 6    THR A CB  1 
ATOM   42   O  OG1 . THR A 1 8   ? -13.810 1.941   -5.960  1.00 23.40 ? 6    THR A OG1 1 
ATOM   43   C  CG2 . THR A 1 8   ? -12.880 4.087   -5.651  1.00 24.23 ? 6    THR A CG2 1 
ATOM   44   N  N   . GLY A 1 9   ? -11.777 0.370   -3.235  1.00 16.40 ? 7    GLY A N   1 
ATOM   45   C  CA  . GLY A 1 9   ? -12.059 -0.986  -2.719  1.00 16.95 ? 7    GLY A CA  1 
ATOM   46   C  C   . GLY A 1 9   ? -12.226 -0.903  -1.221  1.00 17.20 ? 7    GLY A C   1 
ATOM   47   O  O   . GLY A 1 9   ? -12.292 0.209   -0.640  1.00 17.64 ? 7    GLY A O   1 
ATOM   48   N  N   . THR A 1 10  ? -12.289 -2.062  -0.576  1.00 15.45 ? 8    THR A N   1 
ATOM   49   C  CA  . THR A 1 10  ? -12.336 -2.131  0.870   1.00 14.86 ? 8    THR A CA  1 
ATOM   50   C  C   . THR A 1 10  ? -10.912 -2.147  1.407   1.00 14.55 ? 8    THR A C   1 
ATOM   51   O  O   . THR A 1 10  ? -10.089 -2.947  0.967   1.00 13.17 ? 8    THR A O   1 
ATOM   52   C  CB  . THR A 1 10  ? -13.083 -3.426  1.303   1.00 16.52 ? 8    THR A CB  1 
ATOM   53   O  OG1 . THR A 1 10  ? -14.414 -3.348  0.771   1.00 17.94 ? 8    THR A OG1 1 
ATOM   54   C  CG2 . THR A 1 10  ? -13.160 -3.565  2.845   1.00 18.14 ? 8    THR A CG2 1 
ATOM   55   N  N   . VAL A 1 11  ? -10.645 -1.308  2.393   1.00 13.19 ? 9    VAL A N   1 
ATOM   56   C  CA  . VAL A 1 11  ? -9.293  -1.268  2.991   1.00 12.51 ? 9    VAL A CA  1 
ATOM   57   C  C   . VAL A 1 11  ? -9.098  -2.559  3.843   1.00 13.24 ? 9    VAL A C   1 
ATOM   58   O  O   . VAL A 1 11  ? -9.942  -2.899  4.690   1.00 13.96 ? 9    VAL A O   1 
ATOM   59   C  CB  . VAL A 1 11  ? -9.170  -0.028  3.893   1.00 13.47 ? 9    VAL A CB  1 
ATOM   60   C  CG1 . VAL A 1 11  ? -7.853  -0.064  4.711   1.00 13.01 ? 9    VAL A CG1 1 
ATOM   61   C  CG2 . VAL A 1 11  ? -9.252  1.262   3.005   1.00 12.72 ? 9    VAL A CG2 1 
ATOM   62   N  N   . ILE A 1 12  ? -7.976  -3.236  3.630   1.00 10.43 ? 10   ILE A N   1 
ATOM   63   C  CA  . ILE A 1 12  ? -7.622  -4.456  4.367   1.00 11.25 ? 10   ILE A CA  1 
ATOM   64   C  C   . ILE A 1 12  ? -6.205  -4.284  4.873   1.00 11.17 ? 10   ILE A C   1 
ATOM   65   O  O   . ILE A 1 12  ? -5.443  -3.475  4.341   1.00 11.63 ? 10   ILE A O   1 
ATOM   66   C  CB  . ILE A 1 12  ? -7.692  -5.690  3.452   1.00 10.39 ? 10   ILE A CB  1 
ATOM   67   C  CG1 . ILE A 1 12  ? -6.933  -5.448  2.137   1.00 11.40 ? 10   ILE A CG1 1 
ATOM   68   C  CG2 . ILE A 1 12  ? -9.226  -5.977  3.088   1.00 13.66 ? 10   ILE A CG2 1 
ATOM   69   C  CD1 . ILE A 1 12  ? -6.789  -6.743  1.262   1.00 13.53 ? 10   ILE A CD1 1 
ATOM   70   N  N   . GLY A 1 13  ? -5.835  -5.070  5.879   1.00 12.05 ? 11   GLY A N   1 
ATOM   71   C  CA  . GLY A 1 13  ? -4.461  -5.022  6.354   1.00 11.93 ? 11   GLY A CA  1 
ATOM   72   C  C   . GLY A 1 13  ? -4.407  -5.222  7.854   1.00 12.02 ? 11   GLY A C   1 
ATOM   73   O  O   . GLY A 1 13  ? -5.422  -5.569  8.524   1.00 12.70 ? 11   GLY A O   1 
ATOM   74   N  N   . THR A 1 14  ? -3.232  -4.929  8.352   1.00 11.49 ? 12   THR A N   1 
ATOM   75   C  CA  . THR A 1 14  ? -2.871  -5.026  9.769   1.00 11.95 ? 12   THR A CA  1 
ATOM   76   C  C   . THR A 1 14  ? -3.837  -4.211  10.610  1.00 13.38 ? 12   THR A C   1 
ATOM   77   O  O   . THR A 1 14  ? -4.128  -3.042  10.276  1.00 12.01 ? 12   THR A O   1 
ATOM   78   C  CB  . THR A 1 14  ? -1.489  -4.483  9.978   1.00 11.89 ? 12   THR A CB  1 
ATOM   79   O  OG1 . THR A 1 14  ? -0.555  -5.291  9.217   1.00 11.63 ? 12   THR A OG1 1 
ATOM   80   C  CG2 . THR A 1 14  ? -1.104  -4.497  11.518  1.00 12.97 ? 12   THR A CG2 1 
ATOM   81   N  N   . GLN A 1 15  ? -4.369  -4.843  11.665  1.00 12.21 ? 13   GLN A N   1 
ATOM   82   C  CA  . GLN A 1 15  ? -5.362  -4.143  12.509  1.00 14.06 ? 13   GLN A CA  1 
ATOM   83   C  C   . GLN A 1 15  ? -4.608  -3.400  13.629  1.00 13.46 ? 13   GLN A C   1 
ATOM   84   O  O   . GLN A 1 15  ? -3.486  -3.794  14.001  1.00 13.36 ? 13   GLN A O   1 
ATOM   85   C  CB  . GLN A 1 15  ? -6.352  -5.202  13.133  1.00 13.81 ? 13   GLN A CB  1 
ATOM   86   C  CG  . GLN A 1 15  ? -7.132  -5.979  12.023  1.00 16.50 ? 13   GLN A CG  1 
ATOM   87   C  CD  . GLN A 1 15  ? -8.009  -5.078  11.211  1.00 19.10 ? 13   GLN A CD  1 
ATOM   88   O  OE1 . GLN A 1 15  ? -9.053  -4.646  11.702  1.00 19.73 ? 13   GLN A OE1 1 
ATOM   89   N  NE2 . GLN A 1 15  ? -7.637  -4.823  9.932   1.00 20.04 ? 13   GLN A NE2 1 
ATOM   90   N  N   . GLY A 1 16  ? -5.190  -2.305  14.125  1.00 12.64 ? 14   GLY A N   1 
ATOM   91   C  CA  . GLY A 1 16  ? -4.618  -1.633  15.304  1.00 12.80 ? 14   GLY A CA  1 
ATOM   92   C  C   . GLY A 1 16  ? -3.629  -0.528  14.879  1.00 13.00 ? 14   GLY A C   1 
ATOM   93   O  O   . GLY A 1 16  ? -3.555  -0.184  13.675  1.00 12.31 ? 14   GLY A O   1 
ATOM   94   N  N   . SER A 1 17  ? -2.926  0.055   15.849  1.00 11.67 ? 15   SER A N   1 
ATOM   95   C  CA  . SER A 1 17  ? -2.030  1.142   15.565  1.00 12.39 ? 15   SER A CA  1 
ATOM   96   C  C   . SER A 1 17  ? -1.095  1.266   16.733  1.00 13.29 ? 15   SER A C   1 
ATOM   97   O  O   . SER A 1 17  ? -1.392  0.788   17.854  1.00 14.60 ? 15   SER A O   1 
ATOM   98   C  CB  . SER A 1 17  ? -2.813  2.501   15.392  1.00 11.98 ? 15   SER A CB  1 
ATOM   99   O  OG  . SER A 1 17  ? -3.450  2.831   16.617  1.00 13.63 ? 15   SER A OG  1 
ATOM   100  N  N   . TRP A 1 18  ? 0.043   1.904   16.452  1.00 12.51 ? 16   TRP A N   1 
ATOM   101  C  CA  A TRP A 1 18  ? 1.081   2.121   17.448  0.50 12.44 ? 16   TRP A CA  1 
ATOM   102  C  CA  B TRP A 1 18  ? 1.085   2.156   17.435  0.50 13.25 ? 16   TRP A CA  1 
ATOM   103  C  C   . TRP A 1 18  ? 0.530   2.845   18.684  1.00 13.04 ? 16   TRP A C   1 
ATOM   104  O  O   . TRP A 1 18  ? -0.084  3.931   18.588  1.00 12.97 ? 16   TRP A O   1 
ATOM   105  C  CB  A TRP A 1 18  ? 2.252   2.903   16.833  0.50 11.85 ? 16   TRP A CB  1 
ATOM   106  C  CB  B TRP A 1 18  ? 2.170   3.032   16.797  0.50 13.23 ? 16   TRP A CB  1 
ATOM   107  C  CG  A TRP A 1 18  ? 3.445   3.072   17.751  0.50 11.98 ? 16   TRP A CG  1 
ATOM   108  C  CG  B TRP A 1 18  ? 3.297   3.387   17.717  0.50 16.74 ? 16   TRP A CG  1 
ATOM   109  C  CD1 A TRP A 1 18  ? 4.380   2.128   18.054  0.50 12.19 ? 16   TRP A CD1 1 
ATOM   110  C  CD1 B TRP A 1 18  ? 3.632   4.644   18.187  0.50 17.25 ? 16   TRP A CD1 1 
ATOM   111  C  CD2 A TRP A 1 18  ? 3.831   4.276   18.458  0.50 11.99 ? 16   TRP A CD2 1 
ATOM   112  C  CD2 B TRP A 1 18  ? 4.237   2.479   18.285  0.50 20.25 ? 16   TRP A CD2 1 
ATOM   113  N  NE1 A TRP A 1 18  ? 5.329   2.662   18.940  0.50 11.23 ? 16   TRP A NE1 1 
ATOM   114  N  NE1 B TRP A 1 18  ? 4.736   4.559   19.006  0.50 18.15 ? 16   TRP A NE1 1 
ATOM   115  C  CE2 A TRP A 1 18  ? 5.018   3.980   19.178  0.50 13.43 ? 16   TRP A CE2 1 
ATOM   116  C  CE2 B TRP A 1 18  ? 5.128   3.242   19.087  0.50 20.66 ? 16   TRP A CE2 1 
ATOM   117  C  CE3 A TRP A 1 18  ? 3.296   5.566   18.542  0.50 10.76 ? 16   TRP A CE3 1 
ATOM   118  C  CE3 B TRP A 1 18  ? 4.419   1.095   18.197  0.50 21.71 ? 16   TRP A CE3 1 
ATOM   119  C  CZ2 A TRP A 1 18  ? 5.662   4.928   19.995  0.50 14.25 ? 16   TRP A CZ2 1 
ATOM   120  C  CZ2 B TRP A 1 18  ? 6.185   2.657   19.801  0.50 22.18 ? 16   TRP A CZ2 1 
ATOM   121  C  CZ3 A TRP A 1 18  ? 3.960   6.513   19.358  0.50 13.85 ? 16   TRP A CZ3 1 
ATOM   122  C  CZ3 B TRP A 1 18  ? 5.465   0.514   18.933  0.50 24.48 ? 16   TRP A CZ3 1 
ATOM   123  C  CH2 A TRP A 1 18  ? 5.137   6.186   20.049  0.50 14.18 ? 16   TRP A CH2 1 
ATOM   124  C  CH2 B TRP A 1 18  ? 6.344   1.302   19.704  0.50 24.29 ? 16   TRP A CH2 1 
ATOM   125  N  N   . ASN A 1 19  ? 0.777   2.216   19.839  1.00 13.35 ? 17   ASN A N   1 
ATOM   126  C  CA  . ASN A 1 19  ? 0.380   2.748   21.145  1.00 14.93 ? 17   ASN A CA  1 
ATOM   127  C  C   . ASN A 1 19  ? -1.127  3.033   21.215  1.00 13.17 ? 17   ASN A C   1 
ATOM   128  O  O   . ASN A 1 19  ? -1.561  3.836   22.040  1.00 13.68 ? 17   ASN A O   1 
ATOM   129  C  CB  . ASN A 1 19  ? 1.192   3.996   21.473  1.00 15.90 ? 17   ASN A CB  1 
ATOM   130  C  CG  . ASN A 1 19  ? 2.601   3.642   21.971  1.00 22.22 ? 17   ASN A CG  1 
ATOM   131  O  OD1 . ASN A 1 19  ? 2.911   2.468   22.189  1.00 25.48 ? 17   ASN A OD1 1 
ATOM   132  N  ND2 . ASN A 1 19  ? 3.431   4.656   22.171  1.00 24.22 ? 17   ASN A ND2 1 
ATOM   133  N  N   . ASN A 1 20  ? -1.872  2.420   20.309  1.00 11.87 ? 18   ASN A N   1 
ATOM   134  C  CA  . ASN A 1 20  ? -3.323  2.558   20.232  1.00 13.61 ? 18   ASN A CA  1 
ATOM   135  C  C   . ASN A 1 20  ? -3.697  4.042   20.025  1.00 13.38 ? 18   ASN A C   1 
ATOM   136  O  O   . ASN A 1 20  ? -4.793  4.474   20.420  1.00 13.85 ? 18   ASN A O   1 
ATOM   137  C  CB  . ASN A 1 20  ? -3.989  2.069   21.543  1.00 13.47 ? 18   ASN A CB  1 
ATOM   138  C  CG  . ASN A 1 20  ? -5.508  2.123   21.495  1.00 13.97 ? 18   ASN A CG  1 
ATOM   139  O  OD1 . ASN A 1 20  ? -6.154  1.571   20.582  1.00 14.05 ? 18   ASN A OD1 1 
ATOM   140  N  ND2 . ASN A 1 20  ? -6.094  2.728   22.523  1.00 12.49 ? 18   ASN A ND2 1 
ATOM   141  N  N   . ILE A 1 21  ? -2.809  4.802   19.404  1.00 12.71 ? 19   ILE A N   1 
ATOM   142  C  CA  . ILE A 1 21  ? -3.115  6.245   19.203  1.00 12.64 ? 19   ILE A CA  1 
ATOM   143  C  C   . ILE A 1 21  ? -4.242  6.393   18.183  1.00 13.02 ? 19   ILE A C   1 
ATOM   144  O  O   . ILE A 1 21  ? -5.054  7.314   18.292  1.00 13.72 ? 19   ILE A O   1 
ATOM   145  C  CB  . ILE A 1 21  ? -1.824  7.060   18.827  1.00 12.55 ? 19   ILE A CB  1 
ATOM   146  C  CG1 . ILE A 1 21  ? -0.838  7.083   20.012  1.00 15.90 ? 19   ILE A CG1 1 
ATOM   147  C  CG2 . ILE A 1 21  ? -2.136  8.525   18.366  1.00 14.34 ? 19   ILE A CG2 1 
ATOM   148  C  CD1 . ILE A 1 21  ? -1.374  7.829   21.238  1.00 23.46 ? 19   ILE A CD1 1 
ATOM   149  N  N   . GLY A 1 22  ? -4.319  5.487   17.206  1.00 11.01 ? 20   GLY A N   1 
ATOM   150  C  CA  . GLY A 1 22  ? -5.392  5.556   16.217  1.00 10.82 ? 20   GLY A CA  1 
ATOM   151  C  C   . GLY A 1 22  ? -4.907  5.763   14.782  1.00 11.59 ? 20   GLY A C   1 
ATOM   152  O  O   . GLY A 1 22  ? -5.734  5.958   13.906  1.00 11.51 ? 20   GLY A O   1 
ATOM   153  N  N   . ASN A 1 23  ? -3.583  5.764   14.543  1.00 10.99 ? 21   ASN A N   1 
ATOM   154  C  CA  . ASN A 1 23  ? -3.070  5.898   13.184  1.00 11.46 ? 21   ASN A CA  1 
ATOM   155  C  C   . ASN A 1 23  ? -3.131  4.548   12.443  1.00 11.22 ? 21   ASN A C   1 
ATOM   156  O  O   . ASN A 1 23  ? -2.086  3.922   12.146  1.00 10.70 ? 21   ASN A O   1 
ATOM   157  C  CB  . ASN A 1 23  ? -1.659  6.500   13.195  1.00 11.81 ? 21   ASN A CB  1 
ATOM   158  C  CG  . ASN A 1 23  ? -1.686  7.983   13.608  1.00 13.82 ? 21   ASN A CG  1 
ATOM   159  O  OD1 . ASN A 1 23  ? -0.842  8.451   14.403  1.00 16.93 ? 21   ASN A OD1 1 
ATOM   160  N  ND2 . ASN A 1 23  ? -2.688  8.688   13.141  1.00 8.28  ? 21   ASN A ND2 1 
ATOM   161  N  N   . THR A 1 24  ? -4.367  4.114   12.189  1.00 11.27 ? 22   THR A N   1 
ATOM   162  C  CA  . THR A 1 24  ? -4.627  2.765   11.619  1.00 11.07 ? 22   THR A CA  1 
ATOM   163  C  C   . THR A 1 24  ? -4.368  2.818   10.104  1.00 11.26 ? 22   THR A C   1 
ATOM   164  O  O   . THR A 1 24  ? -4.080  3.907   9.510   1.00 11.03 ? 22   THR A O   1 
ATOM   165  C  CB  . THR A 1 24  ? -6.096  2.383   11.803  1.00 11.76 ? 22   THR A CB  1 
ATOM   166  O  OG1 . THR A 1 24  ? -6.872  3.349   11.068  1.00 11.97 ? 22   THR A OG1 1 
ATOM   167  C  CG2 . THR A 1 24  ? -6.494  2.455   13.306  1.00 11.61 ? 22   THR A CG2 1 
ATOM   168  N  N   . ILE A 1 25  ? -4.509  1.676   9.455   1.00 10.68 ? 23   ILE A N   1 
ATOM   169  C  CA  . ILE A 1 25  ? -4.319  1.594   7.982   1.00 10.47 ? 23   ILE A CA  1 
ATOM   170  C  C   . ILE A 1 25  ? -5.196  2.580   7.221   1.00 11.93 ? 23   ILE A C   1 
ATOM   171  O  O   . ILE A 1 25  ? -4.857  2.972   6.130   1.00 11.26 ? 23   ILE A O   1 
ATOM   172  C  CB  . ILE A 1 25  ? -4.562  0.188   7.456   1.00 9.69  ? 23   ILE A CB  1 
ATOM   173  C  CG1 . ILE A 1 25  ? -5.962  -0.326  7.900   1.00 10.37 ? 23   ILE A CG1 1 
ATOM   174  C  CG2 . ILE A 1 25  ? -3.432  -0.711  8.030   1.00 9.91  ? 23   ILE A CG2 1 
ATOM   175  C  CD1 . ILE A 1 25  ? -6.255  -1.835  7.444   1.00 11.95 ? 23   ILE A CD1 1 
ATOM   176  N  N   . HIS A 1 26  ? -6.359  2.944   7.780   1.00 11.41 ? 24   HIS A N   1 
ATOM   177  C  CA  . HIS A 1 26  ? -7.235  3.846   7.072   1.00 11.58 ? 24   HIS A CA  1 
ATOM   178  C  C   . HIS A 1 26  ? -6.617  5.211   6.806   1.00 12.03 ? 24   HIS A C   1 
ATOM   179  O  O   . HIS A 1 26  ? -7.057  5.891   5.882   1.00 11.14 ? 24   HIS A O   1 
ATOM   180  C  CB  . HIS A 1 26  ? -8.578  4.004   7.857   1.00 11.72 ? 24   HIS A CB  1 
ATOM   181  C  CG  . HIS A 1 26  ? -9.331  2.715   7.929   1.00 11.58 ? 24   HIS A CG  1 
ATOM   182  N  ND1 . HIS A 1 26  ? -10.131 2.279   6.893   1.00 13.29 ? 24   HIS A ND1 1 
ATOM   183  C  CD2 . HIS A 1 26  ? -9.278  1.697   8.836   1.00 11.22 ? 24   HIS A CD2 1 
ATOM   184  C  CE1 . HIS A 1 26  ? -10.580 1.062   7.174   1.00 14.19 ? 24   HIS A CE1 1 
ATOM   185  N  NE2 . HIS A 1 26  ? -10.071 0.682   8.338   1.00 14.49 ? 24   HIS A NE2 1 
ATOM   186  N  N   . LYS A 1 27  ? -5.621  5.609   7.594   1.00 12.01 ? 25   LYS A N   1 
ATOM   187  C  CA  . LYS A 1 27  ? -4.962  6.897   7.349   1.00 11.92 ? 25   LYS A CA  1 
ATOM   188  C  C   . LYS A 1 27  ? -4.175  6.925   6.045   1.00 12.66 ? 25   LYS A C   1 
ATOM   189  O  O   . LYS A 1 27  ? -3.805  8.010   5.547   1.00 11.92 ? 25   LYS A O   1 
ATOM   190  C  CB  . LYS A 1 27  ? -4.000  7.248   8.476   1.00 11.34 ? 25   LYS A CB  1 
ATOM   191  C  CG  . LYS A 1 27  ? -4.593  7.213   9.879   1.00 12.75 ? 25   LYS A CG  1 
ATOM   192  C  CD  . LYS A 1 27  ? -5.799  8.177   9.956   1.00 16.56 ? 25   LYS A CD  1 
ATOM   193  C  CE  . LYS A 1 27  ? -6.261  8.314   11.415  1.00 18.31 ? 25   LYS A CE  1 
ATOM   194  N  NZ  . LYS A 1 27  ? -7.720  8.745   11.490  1.00 22.45 ? 25   LYS A NZ  1 
ATOM   195  N  N   . ALA A 1 28  ? -3.948  5.771   5.434   1.00 11.35 ? 26   ALA A N   1 
ATOM   196  C  CA  . ALA A 1 28  ? -3.213  5.766   4.165   1.00 11.19 ? 26   ALA A CA  1 
ATOM   197  C  C   . ALA A 1 28  ? -4.144  5.992   2.976   1.00 11.81 ? 26   ALA A C   1 
ATOM   198  O  O   . ALA A 1 28  ? -3.686  6.057   1.825   1.00 12.03 ? 26   ALA A O   1 
ATOM   199  C  CB  . ALA A 1 28  ? -2.426  4.412   3.999   1.00 11.64 ? 26   ALA A CB  1 
ATOM   200  N  N   . PHE A 1 29  ? -5.451  6.187   3.235   1.00 10.96 ? 27   PHE A N   1 
ATOM   201  C  CA  . PHE A 1 29  ? -6.392  6.307   2.111   1.00 12.59 ? 27   PHE A CA  1 
ATOM   202  C  C   . PHE A 1 29  ? -7.282  7.528   2.219   1.00 12.79 ? 27   PHE A C   1 
ATOM   203  O  O   . PHE A 1 29  ? -8.321  7.599   1.542   1.00 12.97 ? 27   PHE A O   1 
ATOM   204  C  CB  . PHE A 1 29  ? -7.277  5.054   2.013   1.00 12.81 ? 27   PHE A CB  1 
ATOM   205  C  CG  . PHE A 1 29  ? -6.474  3.783   1.875   1.00 13.05 ? 27   PHE A CG  1 
ATOM   206  C  CD1 . PHE A 1 29  ? -6.097  3.308   0.593   1.00 14.39 ? 27   PHE A CD1 1 
ATOM   207  C  CD2 . PHE A 1 29  ? -6.072  3.072   3.018   1.00 13.61 ? 27   PHE A CD2 1 
ATOM   208  C  CE1 . PHE A 1 29  ? -5.351  2.097   0.474   1.00 15.84 ? 27   PHE A CE1 1 
ATOM   209  C  CE2 . PHE A 1 29  ? -5.321  1.871   2.888   1.00 13.57 ? 27   PHE A CE2 1 
ATOM   210  C  CZ  . PHE A 1 29  ? -4.978  1.385   1.622   1.00 13.41 ? 27   PHE A CZ  1 
ATOM   211  N  N   . ASP A 1 30  ? -6.924  8.431   3.112   1.00 11.48 ? 28   ASP A N   1 
ATOM   212  C  CA  . ASP A 1 30  ? -7.814  9.534   3.457   1.00 11.92 ? 28   ASP A CA  1 
ATOM   213  C  C   . ASP A 1 30  ? -7.532  10.804  2.644   1.00 12.15 ? 28   ASP A C   1 
ATOM   214  O  O   . ASP A 1 30  ? -8.188  11.823  2.891   1.00 14.14 ? 28   ASP A O   1 
ATOM   215  C  CB  . ASP A 1 30  ? -7.733  9.911   4.947   1.00 12.22 ? 28   ASP A CB  1 
ATOM   216  C  CG  . ASP A 1 30  ? -6.368  10.288  5.410   1.00 11.53 ? 28   ASP A CG  1 
ATOM   217  O  OD1 . ASP A 1 30  ? -5.347  10.328  4.637   1.00 11.23 ? 28   ASP A OD1 1 
ATOM   218  O  OD2 . ASP A 1 30  ? -6.249  10.518  6.643   1.00 13.39 ? 28   ASP A OD2 1 
ATOM   219  N  N   . GLY A 1 31  ? -6.571  10.753  1.753   1.00 11.78 ? 29   GLY A N   1 
ATOM   220  C  CA  . GLY A 1 31  ? -6.244  11.968  0.916   1.00 12.92 ? 29   GLY A CA  1 
ATOM   221  C  C   . GLY A 1 31  ? -5.354  12.993  1.597   1.00 13.15 ? 29   GLY A C   1 
ATOM   222  O  O   . GLY A 1 31  ? -5.035  14.032  1.005   1.00 12.75 ? 29   GLY A O   1 
ATOM   223  N  N   . ASP A 1 32  ? -4.951  12.768  2.834   1.00 11.07 ? 30   ASP A N   1 
ATOM   224  C  CA  . ASP A 1 32  ? -4.127  13.772  3.527   1.00 10.70 ? 30   ASP A CA  1 
ATOM   225  C  C   . ASP A 1 32  ? -2.708  13.221  3.627   1.00 11.12 ? 30   ASP A C   1 
ATOM   226  O  O   . ASP A 1 32  ? -2.514  12.119  4.236   1.00 10.31 ? 30   ASP A O   1 
ATOM   227  C  CB  . ASP A 1 32  ? -4.705  13.974  4.917   1.00 10.62 ? 30   ASP A CB  1 
ATOM   228  C  CG  . ASP A 1 32  ? -4.041  15.089  5.676   1.00 13.18 ? 30   ASP A CG  1 
ATOM   229  O  OD1 . ASP A 1 32  ? -3.023  15.603  5.229   1.00 13.58 ? 30   ASP A OD1 1 
ATOM   230  O  OD2 . ASP A 1 32  ? -4.547  15.445  6.752   1.00 15.04 ? 30   ASP A OD2 1 
ATOM   231  N  N   . LEU A 1 33  ? -1.729  13.898  3.043   1.00 9.50  ? 31   LEU A N   1 
ATOM   232  C  CA  . LEU A 1 33  ? -0.349  13.404  3.100   1.00 10.13 ? 31   LEU A CA  1 
ATOM   233  C  C   . LEU A 1 33  ? 0.247   13.588  4.488   1.00 11.51 ? 31   LEU A C   1 
ATOM   234  O  O   . LEU A 1 33  ? 1.320   13.056  4.770   1.00 12.03 ? 31   LEU A O   1 
ATOM   235  C  CB  . LEU A 1 33  ? 0.513   14.089  2.037   1.00 9.54  ? 31   LEU A CB  1 
ATOM   236  C  CG  . LEU A 1 33  ? -0.032  14.012  0.591   1.00 12.06 ? 31   LEU A CG  1 
ATOM   237  C  CD1 . LEU A 1 33  ? 1.068   14.636  -0.372  1.00 13.10 ? 31   LEU A CD1 1 
ATOM   238  C  CD2 . LEU A 1 33  ? -0.341  12.523  0.218   1.00 13.48 ? 31   LEU A CD2 1 
ATOM   239  N  N   . ASN A 1 34  ? -0.436  14.355  5.345   1.00 11.36 ? 32   ASN A N   1 
ATOM   240  C  CA  . ASN A 1 34  ? 0.055   14.565  6.710   1.00 12.13 ? 32   ASN A CA  1 
ATOM   241  C  C   . ASN A 1 34  ? -0.363  13.439  7.673   1.00 12.92 ? 32   ASN A C   1 
ATOM   242  O  O   . ASN A 1 34  ? 0.129   13.379  8.798   1.00 13.52 ? 32   ASN A O   1 
ATOM   243  C  CB  . ASN A 1 34  ? -0.514  15.852  7.286   1.00 13.10 ? 32   ASN A CB  1 
ATOM   244  C  CG  . ASN A 1 34  ? -0.142  17.056  6.443   1.00 14.03 ? 32   ASN A CG  1 
ATOM   245  O  OD1 . ASN A 1 34  ? -1.005  17.652  5.766   1.00 17.91 ? 32   ASN A OD1 1 
ATOM   246  N  ND2 . ASN A 1 34  ? 1.141   17.328  6.370   1.00 14.69 ? 32   ASN A ND2 1 
ATOM   247  N  N   . THR A 1 35  ? -1.329  12.627  7.275   1.00 12.11 ? 33   THR A N   1 
ATOM   248  C  CA  . THR A 1 35  ? -1.755  11.542  8.172   1.00 12.27 ? 33   THR A CA  1 
ATOM   249  C  C   . THR A 1 35  ? -1.174  10.244  7.685   1.00 12.30 ? 33   THR A C   1 
ATOM   250  O  O   . THR A 1 35  ? -1.057  10.020  6.467   1.00 12.38 ? 33   THR A O   1 
ATOM   251  C  CB  . THR A 1 35  ? -3.270  11.347  8.171   1.00 12.19 ? 33   THR A CB  1 
ATOM   252  O  OG1 . THR A 1 35  ? -3.729  11.062  6.830   1.00 12.60 ? 33   THR A OG1 1 
ATOM   253  C  CG2 . THR A 1 35  ? -4.007  12.573  8.733   1.00 14.34 ? 33   THR A CG2 1 
ATOM   254  N  N   . PHE A 1 36  ? -0.896  9.320   8.602   1.00 12.40 ? 34   PHE A N   1 
ATOM   255  C  CA  . PHE A 1 36  ? -0.106  8.161   8.188   1.00 10.99 ? 34   PHE A CA  1 
ATOM   256  C  C   . PHE A 1 36  ? -0.572  6.957   9.009   1.00 11.40 ? 34   PHE A C   1 
ATOM   257  O  O   . PHE A 1 36  ? -1.144  7.111   10.094  1.00 11.74 ? 34   PHE A O   1 
ATOM   258  C  CB  . PHE A 1 36  ? 1.429   8.392   8.454   1.00 10.64 ? 34   PHE A CB  1 
ATOM   259  C  CG  . PHE A 1 36  ? 1.714   8.899   9.857   1.00 12.10 ? 34   PHE A CG  1 
ATOM   260  C  CD1 . PHE A 1 36  ? 1.863   8.006   10.933  1.00 11.52 ? 34   PHE A CD1 1 
ATOM   261  C  CD2 . PHE A 1 36  ? 1.740   10.288  10.106  1.00 10.66 ? 34   PHE A CD2 1 
ATOM   262  C  CE1 . PHE A 1 36  ? 2.068   8.484   12.246  1.00 12.54 ? 34   PHE A CE1 1 
ATOM   263  C  CE2 . PHE A 1 36  ? 1.935   10.766  11.404  1.00 13.59 ? 34   PHE A CE2 1 
ATOM   264  C  CZ  . PHE A 1 36  ? 2.087   9.867   12.468  1.00 14.95 ? 34   PHE A CZ  1 
ATOM   265  N  N   . PHE A 1 37  ? -0.281  5.780   8.474   1.00 10.79 ? 35   PHE A N   1 
ATOM   266  C  CA  . PHE A 1 37  ? -0.417  4.500   9.201   1.00 10.71 ? 35   PHE A CA  1 
ATOM   267  C  C   . PHE A 1 37  ? 0.842   4.278   10.043  1.00 10.89 ? 35   PHE A C   1 
ATOM   268  O  O   . PHE A 1 37  ? 1.974   4.374   9.524   1.00 10.94 ? 35   PHE A O   1 
ATOM   269  C  CB  . PHE A 1 37  ? -0.575  3.379   8.178   1.00 10.32 ? 35   PHE A CB  1 
ATOM   270  C  CG  . PHE A 1 37  ? -0.480  1.982   8.768   1.00 10.51 ? 35   PHE A CG  1 
ATOM   271  C  CD1 . PHE A 1 37  ? -1.186  1.665   9.913   1.00 9.18  ? 35   PHE A CD1 1 
ATOM   272  C  CD2 . PHE A 1 37  ? 0.260   0.991   8.103   1.00 11.36 ? 35   PHE A CD2 1 
ATOM   273  C  CE1 . PHE A 1 37  ? -1.144  0.335   10.471  1.00 9.90  ? 35   PHE A CE1 1 
ATOM   274  C  CE2 . PHE A 1 37  ? 0.319   -0.344  8.640   1.00 13.04 ? 35   PHE A CE2 1 
ATOM   275  C  CZ  . PHE A 1 37  ? -0.383  -0.648  9.828   1.00 11.75 ? 35   PHE A CZ  1 
ATOM   276  N  N   . ASP A 1 38  ? 0.632   4.060   11.343  1.00 11.27 ? 36   ASP A N   1 
ATOM   277  C  CA  . ASP A 1 38  ? 1.715   3.745   12.258  1.00 11.82 ? 36   ASP A CA  1 
ATOM   278  C  C   . ASP A 1 38  ? 1.268   2.405   12.890  1.00 11.99 ? 36   ASP A C   1 
ATOM   279  O  O   . ASP A 1 38  ? 0.323   2.376   13.706  1.00 11.19 ? 36   ASP A O   1 
ATOM   280  C  CB  . ASP A 1 38  ? 1.834   4.836   13.336  1.00 12.16 ? 36   ASP A CB  1 
ATOM   281  C  CG  . ASP A 1 38  ? 3.182   4.835   14.037  1.00 12.43 ? 36   ASP A CG  1 
ATOM   282  O  OD1 . ASP A 1 38  ? 4.133   4.107   13.622  1.00 13.69 ? 36   ASP A OD1 1 
ATOM   283  O  OD2 . ASP A 1 38  ? 3.333   5.605   15.027  1.00 13.80 ? 36   ASP A OD2 1 
ATOM   284  N  N   . GLY A 1 39  ? 1.858   1.308   12.422  1.00 12.34 ? 37   GLY A N   1 
ATOM   285  C  CA  . GLY A 1 39  ? 1.394   -0.034  12.853  1.00 11.22 ? 37   GLY A CA  1 
ATOM   286  C  C   . GLY A 1 39  ? 1.712   -0.341  14.307  1.00 12.30 ? 37   GLY A C   1 
ATOM   287  O  O   . GLY A 1 39  ? 2.572   0.253   14.927  1.00 12.08 ? 37   GLY A O   1 
ATOM   288  N  N   . PRO A 1 40  ? 1.040   -1.359  14.835  1.00 13.21 ? 38   PRO A N   1 
ATOM   289  C  CA  . PRO A 1 40  ? 1.244   -1.656  16.247  1.00 13.73 ? 38   PRO A CA  1 
ATOM   290  C  C   . PRO A 1 40  ? 2.548   -2.418  16.476  1.00 15.21 ? 38   PRO A C   1 
ATOM   291  O  O   . PRO A 1 40  ? 2.987   -2.522  17.638  1.00 15.74 ? 38   PRO A O   1 
ATOM   292  C  CB  . PRO A 1 40  ? 0.048   -2.530  16.592  1.00 13.22 ? 38   PRO A CB  1 
ATOM   293  C  CG  . PRO A 1 40  ? -0.313  -3.246  15.241  1.00 14.47 ? 38   PRO A CG  1 
ATOM   294  C  CD  . PRO A 1 40  ? -0.023  -2.155  14.197  1.00 12.68 ? 38   PRO A CD  1 
ATOM   295  N  N   . THR A 1 41  ? 3.141   -2.982  15.423  1.00 14.59 ? 39   THR A N   1 
ATOM   296  C  CA  . THR A 1 41  ? 4.395   -3.740  15.615  1.00 15.47 ? 39   THR A CA  1 
ATOM   297  C  C   . THR A 1 41  ? 5.439   -3.242  14.646  1.00 14.54 ? 39   THR A C   1 
ATOM   298  O  O   . THR A 1 41  ? 5.091   -2.697  13.581  1.00 14.30 ? 39   THR A O   1 
ATOM   299  C  CB  . THR A 1 41  ? 4.170   -5.267  15.347  1.00 16.10 ? 39   THR A CB  1 
ATOM   300  O  OG1 . THR A 1 41  ? 3.633   -5.428  14.020  1.00 18.09 ? 39   THR A OG1 1 
ATOM   301  C  CG2 . THR A 1 41  ? 3.141   -5.867  16.363  1.00 20.37 ? 39   THR A CG2 1 
ATOM   302  N  N   . ALA A 1 42  ? 6.719   -3.471  14.961  1.00 13.15 ? 40   ALA A N   1 
ATOM   303  C  CA  . ALA A 1 42  ? 7.792   -3.054  14.035  1.00 13.37 ? 40   ALA A CA  1 
ATOM   304  C  C   . ALA A 1 42  ? 7.701   -3.777  12.692  1.00 13.07 ? 40   ALA A C   1 
ATOM   305  O  O   . ALA A 1 42  ? 7.913   -3.173  11.632  1.00 12.97 ? 40   ALA A O   1 
ATOM   306  C  CB  . ALA A 1 42  ? 9.138   -3.307  14.645  1.00 13.48 ? 40   ALA A CB  1 
ATOM   307  N  N   . ASN A 1 43  ? 7.442   -5.083  12.757  1.00 12.31 ? 41   ASN A N   1 
ATOM   308  C  CA  . ASN A 1 43  ? 7.471   -5.915  11.567  1.00 12.68 ? 41   ASN A CA  1 
ATOM   309  C  C   . ASN A 1 43  ? 6.121   -6.463  11.200  1.00 12.86 ? 41   ASN A C   1 
ATOM   310  O  O   . ASN A 1 43  ? 5.213   -6.560  12.066  1.00 13.61 ? 41   ASN A O   1 
ATOM   311  C  CB  . ASN A 1 43  ? 8.389   -7.151  11.810  1.00 13.95 ? 41   ASN A CB  1 
ATOM   312  C  CG  . ASN A 1 43  ? 9.841   -6.763  12.141  1.00 13.67 ? 41   ASN A CG  1 
ATOM   313  O  OD1 . ASN A 1 43  ? 10.274  -5.614  11.971  1.00 12.36 ? 41   ASN A OD1 1 
ATOM   314  N  ND2 . ASN A 1 43  ? 10.591  -7.746  12.645  1.00 13.48 ? 41   ASN A ND2 1 
ATOM   315  N  N   . GLY A 1 44  ? 5.974   -6.851  9.934   1.00 12.09 ? 42   GLY A N   1 
ATOM   316  C  CA  . GLY A 1 44  ? 4.806   -7.633  9.519   1.00 12.21 ? 42   GLY A CA  1 
ATOM   317  C  C   . GLY A 1 44  ? 3.630   -6.764  9.061   1.00 12.82 ? 42   GLY A C   1 
ATOM   318  O  O   . GLY A 1 44  ? 2.635   -7.285  8.599   1.00 12.97 ? 42   GLY A O   1 
ATOM   319  N  N   . CYS A 1 45  ? 3.740   -5.433  9.157   1.00 11.26 ? 43   CYS A N   1 
ATOM   320  C  CA  . CYS A 1 45  ? 2.566   -4.613  8.849   1.00 11.62 ? 43   CYS A CA  1 
ATOM   321  C  C   . CYS A 1 45  ? 2.304   -4.523  7.363   1.00 10.60 ? 43   CYS A C   1 
ATOM   322  O  O   . CYS A 1 45  ? 3.236   -4.471  6.572   1.00 10.87 ? 43   CYS A O   1 
ATOM   323  C  CB  . CYS A 1 45  ? 2.716   -3.203  9.387   1.00 10.82 ? 43   CYS A CB  1 
ATOM   324  S  SG  . CYS A 1 45  ? 2.839   -3.131  11.228  1.00 13.58 ? 43   CYS A SG  1 
ATOM   325  N  N   . TRP A 1 46  ? 1.037   -4.482  6.977   1.00 9.10  ? 44   TRP A N   1 
ATOM   326  C  CA  . TRP A 1 46  ? 0.706   -4.364  5.569   1.00 11.15 ? 44   TRP A CA  1 
ATOM   327  C  C   . TRP A 1 46  ? -0.665  -3.731  5.436   1.00 11.04 ? 44   TRP A C   1 
ATOM   328  O  O   . TRP A 1 46  ? -1.443  -3.715  6.423   1.00 11.16 ? 44   TRP A O   1 
ATOM   329  C  CB  . TRP A 1 46  ? 0.717   -5.746  4.904   1.00 11.67 ? 44   TRP A CB  1 
ATOM   330  C  CG  . TRP A 1 46  ? -0.339  -6.710  5.406   1.00 13.59 ? 44   TRP A CG  1 
ATOM   331  C  CD1 . TRP A 1 46  ? -0.236  -7.589  6.465   1.00 14.82 ? 44   TRP A CD1 1 
ATOM   332  C  CD2 . TRP A 1 46  ? -1.639  -6.931  4.819   1.00 12.80 ? 44   TRP A CD2 1 
ATOM   333  N  NE1 . TRP A 1 46  ? -1.417  -8.317  6.588   1.00 15.79 ? 44   TRP A NE1 1 
ATOM   334  C  CE2 . TRP A 1 46  ? -2.285  -7.934  5.586   1.00 17.18 ? 44   TRP A CE2 1 
ATOM   335  C  CE3 . TRP A 1 46  ? -2.316  -6.378  3.700   1.00 10.90 ? 44   TRP A CE3 1 
ATOM   336  C  CZ2 . TRP A 1 46  ? -3.607  -8.381  5.292   1.00 17.34 ? 44   TRP A CZ2 1 
ATOM   337  C  CZ3 . TRP A 1 46  ? -3.628  -6.832  3.391   1.00 12.49 ? 44   TRP A CZ3 1 
ATOM   338  C  CH2 . TRP A 1 46  ? -4.256  -7.818  4.195   1.00 16.47 ? 44   TRP A CH2 1 
ATOM   339  N  N   . LEU A 1 47  ? -0.979  -3.207  4.254   1.00 10.11 ? 45   LEU A N   1 
ATOM   340  C  CA  . LEU A 1 47  ? -2.322  -2.630  4.036   1.00 10.35 ? 45   LEU A CA  1 
ATOM   341  C  C   . LEU A 1 47  ? -2.579  -2.619  2.547   1.00 9.46  ? 45   LEU A C   1 
ATOM   342  O  O   . LEU A 1 47  ? -1.624  -2.586  1.700   1.00 10.43 ? 45   LEU A O   1 
ATOM   343  C  CB  . LEU A 1 47  ? -2.446  -1.195  4.612   1.00 11.01 ? 45   LEU A CB  1 
ATOM   344  C  CG  . LEU A 1 47  ? -1.560  -0.077  4.038   1.00 15.14 ? 45   LEU A CG  1 
ATOM   345  C  CD1 . LEU A 1 47  ? -1.795  1.198   4.854   1.00 15.24 ? 45   LEU A CD1 1 
ATOM   346  C  CD2 . LEU A 1 47  ? -0.060  -0.426  4.070   1.00 15.30 ? 45   LEU A CD2 1 
ATOM   347  N  N   . GLY A 1 48  ? -3.834  -2.579  2.184   1.00 9.32  ? 46   GLY A N   1 
ATOM   348  C  CA  . GLY A 1 48  ? -4.159  -2.644  0.757   1.00 9.38  ? 46   GLY A CA  1 
ATOM   349  C  C   . GLY A 1 48  ? -5.644  -2.601  0.548   1.00 10.65 ? 46   GLY A C   1 
ATOM   350  O  O   . GLY A 1 48  ? -6.383  -2.126  1.409   1.00 11.28 ? 46   GLY A O   1 
ATOM   351  N  N   . LEU A 1 49  ? -6.084  -3.130  -0.604  1.00 11.03 ? 47   LEU A N   1 
ATOM   352  C  CA  . LEU A 1 49  ? -7.483  -3.072  -0.966  1.00 11.27 ? 47   LEU A CA  1 
ATOM   353  C  C   . LEU A 1 49  ? -7.934  -4.438  -1.453  1.00 11.83 ? 47   LEU A C   1 
ATOM   354  O  O   . LEU A 1 49  ? -7.192  -5.182  -2.117  1.00 11.49 ? 47   LEU A O   1 
ATOM   355  C  CB  . LEU A 1 49  ? -7.705  -2.102  -2.150  1.00 10.83 ? 47   LEU A CB  1 
ATOM   356  C  CG  . LEU A 1 49  ? -7.376  -0.612  -1.843  1.00 12.66 ? 47   LEU A CG  1 
ATOM   357  C  CD1 . LEU A 1 49  ? -7.390  0.162   -3.156  1.00 12.06 ? 47   LEU A CD1 1 
ATOM   358  C  CD2 . LEU A 1 49  ? -8.380  -0.028  -0.804  1.00 12.90 ? 47   LEU A CD2 1 
ATOM   359  N  N   . ASP A 1 50  ? -9.168  -4.738  -1.099  1.00 11.35 ? 48   ASP A N   1 
ATOM   360  C  CA  . ASP A 1 50  ? -9.927  -5.761  -1.755  1.00 13.33 ? 48   ASP A CA  1 
ATOM   361  C  C   . ASP A 1 50  ? -10.947 -5.068  -2.668  1.00 13.47 ? 48   ASP A C   1 
ATOM   362  O  O   . ASP A 1 50  ? -11.879 -4.393  -2.181  1.00 13.96 ? 48   ASP A O   1 
ATOM   363  C  CB  . ASP A 1 50  ? -10.636 -6.599  -0.680  1.00 12.59 ? 48   ASP A CB  1 
ATOM   364  C  CG  . ASP A 1 50  ? -11.607 -7.648  -1.260  1.00 15.56 ? 48   ASP A CG  1 
ATOM   365  O  OD1 . ASP A 1 50  ? -11.702 -7.797  -2.487  1.00 13.84 ? 48   ASP A OD1 1 
ATOM   366  O  OD2 . ASP A 1 50  ? -12.236 -8.360  -0.430  1.00 16.98 ? 48   ASP A OD2 1 
ATOM   367  N  N   . PHE A 1 51  ? -10.818 -5.285  -3.976  1.00 13.85 ? 49   PHE A N   1 
ATOM   368  C  CA  . PHE A 1 51  ? -11.675 -4.593  -4.946  1.00 14.75 ? 49   PHE A CA  1 
ATOM   369  C  C   . PHE A 1 51  ? -13.073 -5.155  -4.908  1.00 17.24 ? 49   PHE A C   1 
ATOM   370  O  O   . PHE A 1 51  ? -13.997 -4.526  -5.436  1.00 17.95 ? 49   PHE A O   1 
ATOM   371  C  CB  . PHE A 1 51  ? -11.099 -4.711  -6.358  1.00 14.35 ? 49   PHE A CB  1 
ATOM   372  C  CG  . PHE A 1 51  ? -9.765  -4.055  -6.497  1.00 14.32 ? 49   PHE A CG  1 
ATOM   373  C  CD1 . PHE A 1 51  ? -9.562  -2.753  -5.997  1.00 15.05 ? 49   PHE A CD1 1 
ATOM   374  C  CD2 . PHE A 1 51  ? -8.722  -4.701  -7.135  1.00 13.80 ? 49   PHE A CD2 1 
ATOM   375  C  CE1 . PHE A 1 51  ? -8.295  -2.132  -6.112  1.00 12.96 ? 49   PHE A CE1 1 
ATOM   376  C  CE2 . PHE A 1 51  ? -7.466  -4.086  -7.292  1.00 14.87 ? 49   PHE A CE2 1 
ATOM   377  C  CZ  . PHE A 1 51  ? -7.253  -2.796  -6.750  1.00 13.88 ? 49   PHE A CZ  1 
ATOM   378  N  N   . GLY A 1 52  ? -13.208 -6.354  -4.324  1.00 16.05 ? 50   GLY A N   1 
ATOM   379  C  CA  . GLY A 1 52  ? -14.514 -6.960  -4.116  1.00 17.90 ? 50   GLY A CA  1 
ATOM   380  C  C   . GLY A 1 52  ? -14.650 -8.264  -4.899  1.00 18.44 ? 50   GLY A C   1 
ATOM   381  O  O   . GLY A 1 52  ? -13.969 -8.511  -5.896  1.00 17.73 ? 50   GLY A O   1 
ATOM   382  N  N   . GLU A 1 53  ? -15.521 -9.117  -4.398  1.00 20.49 ? 51   GLU A N   1 
ATOM   383  C  CA  . GLU A 1 53  ? -15.801 -10.400 -5.024  1.00 23.67 ? 51   GLU A CA  1 
ATOM   384  C  C   . GLU A 1 53  ? -16.152 -10.239 -6.497  1.00 23.63 ? 51   GLU A C   1 
ATOM   385  O  O   . GLU A 1 53  ? -16.946 -9.372  -6.848  1.00 23.20 ? 51   GLU A O   1 
ATOM   386  C  CB  . GLU A 1 53  ? -17.002 -10.986 -4.277  1.00 24.14 ? 51   GLU A CB  1 
ATOM   387  C  CG  . GLU A 1 53  ? -17.018 -12.437 -4.244  1.00 33.06 ? 51   GLU A CG  1 
ATOM   388  C  CD  . GLU A 1 53  ? -18.268 -12.993 -3.527  1.00 41.30 ? 51   GLU A CD  1 
ATOM   389  O  OE1 . GLU A 1 53  ? -18.920 -12.282 -2.723  1.00 43.47 ? 51   GLU A OE1 1 
ATOM   390  O  OE2 . GLU A 1 53  ? -18.584 -14.161 -3.791  1.00 45.87 ? 51   GLU A OE2 1 
ATOM   391  N  N   . GLY A 1 54  ? -15.518 -11.016 -7.369  1.00 24.30 ? 52   GLY A N   1 
ATOM   392  C  CA  . GLY A 1 54  ? -15.742 -10.866 -8.817  1.00 25.67 ? 52   GLY A CA  1 
ATOM   393  C  C   . GLY A 1 54  ? -15.179 -9.595  -9.485  1.00 25.86 ? 52   GLY A C   1 
ATOM   394  O  O   . GLY A 1 54  ? -15.414 -9.361  -10.682 1.00 25.92 ? 52   GLY A O   1 
ATOM   395  N  N   . VAL A 1 55  ? -14.465 -8.745  -8.734  1.00 22.77 ? 53   VAL A N   1 
ATOM   396  C  CA  . VAL A 1 55  ? -13.901 -7.531  -9.347  1.00 20.84 ? 53   VAL A CA  1 
ATOM   397  C  C   . VAL A 1 55  ? -12.386 -7.728  -9.486  1.00 20.33 ? 53   VAL A C   1 
ATOM   398  O  O   . VAL A 1 55  ? -11.726 -8.049  -8.493  1.00 21.02 ? 53   VAL A O   1 
ATOM   399  C  CB  . VAL A 1 55  ? -14.199 -6.260  -8.502  1.00 20.34 ? 53   VAL A CB  1 
ATOM   400  C  CG1 . VAL A 1 55  ? -13.616 -5.034  -9.168  1.00 19.60 ? 53   VAL A CG1 1 
ATOM   401  C  CG2 . VAL A 1 55  ? -15.731 -6.101  -8.320  1.00 23.71 ? 53   VAL A CG2 1 
ATOM   402  N  N   . ARG A 1 56  ? -11.847 -7.564  -10.682 1.00 17.29 ? 54   ARG A N   1 
ATOM   403  C  CA  . ARG A 1 56  ? -10.394 -7.650  -10.874 1.00 17.92 ? 54   ARG A CA  1 
ATOM   404  C  C   . ARG A 1 56  ? -9.935  -6.458  -11.666 1.00 18.81 ? 54   ARG A C   1 
ATOM   405  O  O   . ARG A 1 56  ? -10.594 -6.102  -12.655 1.00 19.55 ? 54   ARG A O   1 
ATOM   406  C  CB  . ARG A 1 56  ? -10.028 -8.931  -11.621 1.00 18.11 ? 54   ARG A CB  1 
ATOM   407  C  CG  . ARG A 1 56  ? -10.111 -10.205 -10.661 1.00 21.10 ? 54   ARG A CG  1 
ATOM   408  C  CD  . ARG A 1 56  ? -9.802  -11.452 -11.469 1.00 27.95 ? 54   ARG A CD  1 
ATOM   409  N  NE  . ARG A 1 56  ? -10.954 -11.580 -12.367 1.00 39.43 ? 54   ARG A NE  1 
ATOM   410  C  CZ  . ARG A 1 56  ? -12.060 -12.271 -12.070 1.00 42.07 ? 54   ARG A CZ  1 
ATOM   411  N  NH1 . ARG A 1 56  ? -12.134 -12.985 -10.924 1.00 40.71 ? 54   ARG A NH1 1 
ATOM   412  N  NH2 . ARG A 1 56  ? -13.075 -12.272 -12.942 1.00 44.70 ? 54   ARG A NH2 1 
ATOM   413  N  N   . ASN A 1 57  ? -8.827  -5.834  -11.253 1.00 16.40 ? 55   ASN A N   1 
ATOM   414  C  CA  . ASN A 1 57  ? -8.297  -4.714  -12.002 1.00 16.03 ? 55   ASN A CA  1 
ATOM   415  C  C   . ASN A 1 57  ? -6.910  -5.047  -12.415 1.00 16.57 ? 55   ASN A C   1 
ATOM   416  O  O   . ASN A 1 57  ? -6.178  -5.727  -11.681 1.00 16.79 ? 55   ASN A O   1 
ATOM   417  C  CB  . ASN A 1 57  ? -8.239  -3.441  -11.097 1.00 15.33 ? 55   ASN A CB  1 
ATOM   418  C  CG  . ASN A 1 57  ? -9.646  -2.919  -10.721 1.00 17.90 ? 55   ASN A CG  1 
ATOM   419  O  OD1 . ASN A 1 57  ? -9.988  -2.712  -9.526  1.00 19.95 ? 55   ASN A OD1 1 
ATOM   420  N  ND2 . ASN A 1 57  ? -10.451 -2.718  -11.726 1.00 14.80 ? 55   ASN A ND2 1 
ATOM   421  N  N   . VAL A 1 58  ? -6.534  -4.557  -13.591 1.00 14.34 ? 56   VAL A N   1 
ATOM   422  C  CA  . VAL A 1 58  ? -5.170  -4.519  -14.029 1.00 14.20 ? 56   VAL A CA  1 
ATOM   423  C  C   . VAL A 1 58  ? -4.591  -3.212  -13.467 1.00 14.72 ? 56   VAL A C   1 
ATOM   424  O  O   . VAL A 1 58  ? -5.204  -2.148  -13.627 1.00 16.91 ? 56   VAL A O   1 
ATOM   425  C  CB  . VAL A 1 58  ? -5.154  -4.482  -15.565 1.00 15.22 ? 56   VAL A CB  1 
ATOM   426  C  CG1 . VAL A 1 58  ? -3.726  -4.266  -16.101 1.00 15.63 ? 56   VAL A CG1 1 
ATOM   427  C  CG2 . VAL A 1 58  ? -5.800  -5.813  -16.101 1.00 16.98 ? 56   VAL A CG2 1 
ATOM   428  N  N   . ILE A 1 59  ? -3.429  -3.301  -12.830 1.00 14.38 ? 57   ILE A N   1 
ATOM   429  C  CA  . ILE A 1 59  ? -2.813  -2.171  -12.166 1.00 14.68 ? 57   ILE A CA  1 
ATOM   430  C  C   . ILE A 1 59  ? -1.795  -1.558  -13.125 1.00 14.95 ? 57   ILE A C   1 
ATOM   431  O  O   . ILE A 1 59  ? -0.911  -2.261  -13.637 1.00 16.78 ? 57   ILE A O   1 
ATOM   432  C  CB  . ILE A 1 59  ? -2.104  -2.621  -10.870 1.00 14.15 ? 57   ILE A CB  1 
ATOM   433  C  CG1 . ILE A 1 59  ? -3.083  -3.416  -9.967  1.00 12.37 ? 57   ILE A CG1 1 
ATOM   434  C  CG2 . ILE A 1 59  ? -1.444  -1.402  -10.169 1.00 13.10 ? 57   ILE A CG2 1 
ATOM   435  C  CD1 . ILE A 1 59  ? -4.333  -2.644  -9.512  1.00 11.99 ? 57   ILE A CD1 1 
ATOM   436  N  N   . THR A 1 60  ? -1.954  -0.261  -13.395 1.00 15.19 ? 58   THR A N   1 
ATOM   437  C  CA  . THR A 1 60  ? -1.040  0.411   -14.302 1.00 17.13 ? 58   THR A CA  1 
ATOM   438  C  C   . THR A 1 60  ? -0.136  1.421   -13.609 1.00 17.21 ? 58   THR A C   1 
ATOM   439  O  O   . THR A 1 60  ? 0.906   1.814   -14.147 1.00 16.93 ? 58   THR A O   1 
ATOM   440  C  CB  . THR A 1 60  ? -1.850  1.167   -15.400 1.00 17.47 ? 58   THR A CB  1 
ATOM   441  O  OG1 . THR A 1 60  ? -2.785  2.031   -14.764 1.00 18.67 ? 58   THR A OG1 1 
ATOM   442  C  CG2 . THR A 1 60  ? -2.637  0.150   -16.278 1.00 19.17 ? 58   THR A CG2 1 
ATOM   443  N  N   . GLN A 1 61  ? -0.495  1.804   -12.390 1.00 15.74 ? 59   GLN A N   1 
ATOM   444  C  CA  . GLN A 1 61  ? 0.322   2.743   -11.687 1.00 14.88 ? 59   GLN A CA  1 
ATOM   445  C  C   . GLN A 1 61  ? 0.021   2.616   -10.212 1.00 14.26 ? 59   GLN A C   1 
ATOM   446  O  O   . GLN A 1 61  ? -1.121  2.348   -9.812  1.00 13.83 ? 59   GLN A O   1 
ATOM   447  C  CB  . GLN A 1 61  ? -0.120  4.154   -12.150 1.00 17.14 ? 59   GLN A CB  1 
ATOM   448  C  CG  . GLN A 1 61  ? 0.822   5.243   -12.008 1.00 24.76 ? 59   GLN A CG  1 
ATOM   449  C  CD  . GLN A 1 61  ? 0.211   6.563   -12.584 1.00 34.31 ? 59   GLN A CD  1 
ATOM   450  O  OE1 . GLN A 1 61  ? -0.997  6.647   -12.854 1.00 40.83 ? 59   GLN A OE1 1 
ATOM   451  N  NE2 . GLN A 1 61  ? 1.044   7.559   -12.787 1.00 37.74 ? 59   GLN A NE2 1 
ATOM   452  N  N   . ILE A 1 62  ? 1.040   2.886   -9.422  1.00 13.37 ? 60   ILE A N   1 
ATOM   453  C  CA  . ILE A 1 62  ? 0.903   2.991   -7.952  1.00 13.57 ? 60   ILE A CA  1 
ATOM   454  C  C   . ILE A 1 62  ? 1.501   4.322   -7.523  1.00 13.30 ? 60   ILE A C   1 
ATOM   455  O  O   . ILE A 1 62  ? 2.549   4.703   -8.013  1.00 13.71 ? 60   ILE A O   1 
ATOM   456  C  CB  . ILE A 1 62  ? 1.631   1.838   -7.245  1.00 13.37 ? 60   ILE A CB  1 
ATOM   457  C  CG1 . ILE A 1 62  ? 1.002   0.488   -7.656  1.00 13.80 ? 60   ILE A CG1 1 
ATOM   458  C  CG2 . ILE A 1 62  ? 1.638   1.999   -5.677  1.00 12.02 ? 60   ILE A CG2 1 
ATOM   459  C  CD1 . ILE A 1 62  ? 1.837   -0.752  -7.129  1.00 16.25 ? 60   ILE A CD1 1 
ATOM   460  N  N   . LYS A 1 63  ? 0.823   5.019   -6.609  1.00 12.24 ? 61   LYS A N   1 
ATOM   461  C  CA  . LYS A 1 63  ? 1.404   6.217   -6.011  1.00 12.04 ? 61   LYS A CA  1 
ATOM   462  C  C   . LYS A 1 63  ? 1.440   6.071   -4.524  1.00 11.95 ? 61   LYS A C   1 
ATOM   463  O  O   . LYS A 1 63  ? 0.511   5.488   -3.923  1.00 13.36 ? 61   LYS A O   1 
ATOM   464  C  CB  . LYS A 1 63  ? 0.531   7.437   -6.353  1.00 11.57 ? 61   LYS A CB  1 
ATOM   465  C  CG  . LYS A 1 63  ? 0.378   7.617   -7.871  1.00 13.07 ? 61   LYS A CG  1 
ATOM   466  C  CD  . LYS A 1 63  ? -0.288  8.976   -8.191  1.00 13.39 ? 61   LYS A CD  1 
ATOM   467  C  CE  . LYS A 1 63  ? -0.716  9.094   -9.686  1.00 15.17 ? 61   LYS A CE  1 
ATOM   468  N  NZ  . LYS A 1 63  ? -1.528  10.387  -9.799  1.00 18.80 ? 61   LYS A NZ  1 
ATOM   469  N  N   . PHE A 1 64  ? 2.476   6.617   -3.910  1.00 10.81 ? 62   PHE A N   1 
ATOM   470  C  CA  . PHE A 1 64  ? 2.588   6.532   -2.465  1.00 11.42 ? 62   PHE A CA  1 
ATOM   471  C  C   . PHE A 1 64  ? 3.306   7.733   -1.906  1.00 10.89 ? 62   PHE A C   1 
ATOM   472  O  O   . PHE A 1 64  ? 4.118   8.370   -2.598  1.00 12.60 ? 62   PHE A O   1 
ATOM   473  C  CB  . PHE A 1 64  ? 3.314   5.201   -2.024  1.00 11.99 ? 62   PHE A CB  1 
ATOM   474  C  CG  . PHE A 1 64  ? 4.676   5.014   -2.666  1.00 13.21 ? 62   PHE A CG  1 
ATOM   475  C  CD1 . PHE A 1 64  ? 4.778   4.386   -3.911  1.00 14.47 ? 62   PHE A CD1 1 
ATOM   476  C  CD2 . PHE A 1 64  ? 5.833   5.458   -2.015  1.00 14.88 ? 62   PHE A CD2 1 
ATOM   477  C  CE1 . PHE A 1 64  ? 6.063   4.240   -4.536  1.00 15.23 ? 62   PHE A CE1 1 
ATOM   478  C  CE2 . PHE A 1 64  ? 7.087   5.314   -2.602  1.00 14.13 ? 62   PHE A CE2 1 
ATOM   479  C  CZ  . PHE A 1 64  ? 7.198   4.694   -3.862  1.00 15.86 ? 62   PHE A CZ  1 
ATOM   480  N  N   . CYS A 1 65  ? 3.116   7.979   -0.618  1.00 10.49 ? 63   CYS A N   1 
ATOM   481  C  CA  . CYS A 1 65  ? 3.819   9.079   0.027   1.00 11.64 ? 63   CYS A CA  1 
ATOM   482  C  C   . CYS A 1 65  ? 4.254   8.511   1.384   1.00 12.02 ? 63   CYS A C   1 
ATOM   483  O  O   . CYS A 1 65  ? 3.439   7.883   2.074   1.00 10.90 ? 63   CYS A O   1 
ATOM   484  C  CB  . CYS A 1 65  ? 2.837   10.248  0.237   1.00 12.46 ? 63   CYS A CB  1 
ATOM   485  S  SG  . CYS A 1 65  ? 3.569   11.621  1.239   1.00 12.98 ? 63   CYS A SG  1 
ATOM   486  N  N   . PRO A 1 66  ? 5.530   8.648   1.725   1.00 11.48 ? 64   PRO A N   1 
ATOM   487  C  CA  . PRO A 1 66  ? 6.022   8.138   3.003   1.00 12.30 ? 64   PRO A CA  1 
ATOM   488  C  C   . PRO A 1 66  ? 5.493   8.968   4.175   1.00 12.52 ? 64   PRO A C   1 
ATOM   489  O  O   . PRO A 1 66  ? 5.034   10.149  4.007   1.00 11.49 ? 64   PRO A O   1 
ATOM   490  C  CB  . PRO A 1 66  ? 7.569   8.334   2.886   1.00 10.78 ? 64   PRO A CB  1 
ATOM   491  C  CG  . PRO A 1 66  ? 7.657   9.614   1.958   1.00 13.28 ? 64   PRO A CG  1 
ATOM   492  C  CD  . PRO A 1 66  ? 6.577   9.369   0.953   1.00 11.84 ? 64   PRO A CD  1 
ATOM   493  N  N   . ARG A 1 67  ? 5.578   8.406   5.366   1.00 12.48 ? 65   ARG A N   1 
ATOM   494  C  CA  . ARG A 1 67  ? 5.345   9.222   6.566   1.00 13.43 ? 65   ARG A CA  1 
ATOM   495  C  C   . ARG A 1 67  ? 6.453   10.266  6.680   1.00 14.43 ? 65   ARG A C   1 
ATOM   496  O  O   . ARG A 1 67  ? 7.653   9.964   6.618   1.00 14.63 ? 65   ARG A O   1 
ATOM   497  C  CB  . ARG A 1 67  ? 5.348   8.358   7.810   1.00 13.01 ? 65   ARG A CB  1 
ATOM   498  C  CG  . ARG A 1 67  ? 5.310   9.218   9.064   1.00 12.20 ? 65   ARG A CG  1 
ATOM   499  C  CD  . ARG A 1 67  ? 5.368   8.240   10.263  1.00 12.90 ? 65   ARG A CD  1 
ATOM   500  N  NE  . ARG A 1 67  ? 5.351   8.997   11.531  1.00 12.29 ? 65   ARG A NE  1 
ATOM   501  C  CZ  . ARG A 1 67  ? 5.470   8.424   12.723  1.00 15.37 ? 65   ARG A CZ  1 
ATOM   502  N  NH1 . ARG A 1 67  ? 5.697   7.113   12.836  1.00 12.91 ? 65   ARG A NH1 1 
ATOM   503  N  NH2 . ARG A 1 67  ? 5.399   9.188   13.813  1.00 14.58 ? 65   ARG A NH2 1 
ATOM   504  N  N   . SER A 1 68  ? 6.051   11.526  6.816   1.00 15.55 ? 66   SER A N   1 
ATOM   505  C  CA  . SER A 1 68  ? 7.012   12.592  6.946   1.00 16.56 ? 66   SER A CA  1 
ATOM   506  C  C   . SER A 1 68  ? 7.972   12.381  8.123   1.00 16.35 ? 66   SER A C   1 
ATOM   507  O  O   . SER A 1 68  ? 7.552   12.100  9.258   1.00 15.40 ? 66   SER A O   1 
ATOM   508  C  CB  . SER A 1 68  ? 6.212   13.932  7.036   1.00 18.78 ? 66   SER A CB  1 
ATOM   509  O  OG  . SER A 1 68  ? 7.095   14.966  7.350   1.00 23.16 ? 66   SER A OG  1 
ATOM   510  N  N   . GLY A 1 69  ? 9.269   12.441  7.809   1.00 16.67 ? 67   GLY A N   1 
ATOM   511  C  CA  . GLY A 1 69  ? 10.325  12.249  8.795   1.00 16.89 ? 67   GLY A CA  1 
ATOM   512  C  C   . GLY A 1 69  ? 10.716  10.780  8.954   1.00 18.10 ? 67   GLY A C   1 
ATOM   513  O  O   . GLY A 1 69  ? 11.675  10.483  9.668   1.00 18.69 ? 67   GLY A O   1 
ATOM   514  N  N   . TYR A 1 70  ? 9.994   9.875   8.276   1.00 16.08 ? 68   TYR A N   1 
ATOM   515  C  CA  . TYR A 1 70  ? 10.247  8.406   8.408   1.00 15.30 ? 68   TYR A CA  1 
ATOM   516  C  C   . TYR A 1 70  ? 10.273  7.795   7.010   1.00 15.31 ? 68   TYR A C   1 
ATOM   517  O  O   . TYR A 1 70  ? 9.915   6.632   6.811   1.00 14.72 ? 68   TYR A O   1 
ATOM   518  C  CB  . TYR A 1 70  ? 9.150   7.735   9.260   1.00 14.52 ? 68   TYR A CB  1 
ATOM   519  C  CG  . TYR A 1 70  ? 9.246   8.180   10.719  1.00 15.10 ? 68   TYR A CG  1 
ATOM   520  C  CD1 . TYR A 1 70  ? 10.054  7.521   11.604  1.00 18.18 ? 68   TYR A CD1 1 
ATOM   521  C  CD2 . TYR A 1 70  ? 8.574   9.313   11.156  1.00 15.67 ? 68   TYR A CD2 1 
ATOM   522  C  CE1 . TYR A 1 70  ? 10.163  7.943   12.942  1.00 22.83 ? 68   TYR A CE1 1 
ATOM   523  C  CE2 . TYR A 1 70  ? 8.672   9.760   12.521  1.00 20.30 ? 68   TYR A CE2 1 
ATOM   524  C  CZ  . TYR A 1 70  ? 9.471   9.034   13.374  1.00 22.63 ? 68   TYR A CZ  1 
ATOM   525  O  OH  . TYR A 1 70  ? 9.627   9.421   14.678  1.00 27.75 ? 68   TYR A OH  1 
ATOM   526  N  N   . GLU A 1 71  ? 10.762  8.573   6.049   1.00 14.60 ? 69   GLU A N   1 
ATOM   527  C  CA  . GLU A 1 71  ? 10.786  8.124   4.629   1.00 13.43 ? 69   GLU A CA  1 
ATOM   528  C  C   . GLU A 1 71  ? 11.625  6.852   4.440   1.00 12.97 ? 69   GLU A C   1 
ATOM   529  O  O   . GLU A 1 71  ? 11.332  6.001   3.582   1.00 12.96 ? 69   GLU A O   1 
ATOM   530  C  CB  . GLU A 1 71  ? 11.377  9.268   3.774   1.00 13.20 ? 69   GLU A CB  1 
ATOM   531  C  CG  . GLU A 1 71  ? 10.496  10.533  3.850   1.00 13.97 ? 69   GLU A CG  1 
ATOM   532  C  CD  . GLU A 1 71  ? 10.835  11.487  5.012   1.00 18.08 ? 69   GLU A CD  1 
ATOM   533  O  OE1 . GLU A 1 71  ? 11.724  11.188  5.822   1.00 16.08 ? 69   GLU A OE1 1 
ATOM   534  O  OE2 . GLU A 1 71  ? 10.190  12.578  5.100   1.00 19.53 ? 69   GLU A OE2 1 
ATOM   535  N  N   A GLN A 1 72  ? 12.668  6.736   5.260   0.50 13.54 ? 70   GLN A N   1 
ATOM   536  N  N   B GLN A 1 72  ? 12.688  6.721   5.211   0.50 13.40 ? 70   GLN A N   1 
ATOM   537  C  CA  A GLN A 1 72  ? 13.593  5.603   5.230   0.50 14.34 ? 70   GLN A CA  1 
ATOM   538  C  CA  B GLN A 1 72  ? 13.551  5.574   5.019   0.50 13.92 ? 70   GLN A CA  1 
ATOM   539  C  C   A GLN A 1 72  ? 12.859  4.292   5.514   0.50 13.25 ? 70   GLN A C   1 
ATOM   540  C  C   B GLN A 1 72  ? 12.860  4.273   5.499   0.50 13.08 ? 70   GLN A C   1 
ATOM   541  O  O   A GLN A 1 72  ? 13.242  3.225   5.028   0.50 12.16 ? 70   GLN A O   1 
ATOM   542  O  O   B GLN A 1 72  ? 13.266  3.181   5.107   0.50 12.10 ? 70   GLN A O   1 
ATOM   543  C  CB  A GLN A 1 72  ? 14.707  5.820   6.274   0.50 15.03 ? 70   GLN A CB  1 
ATOM   544  C  CB  B GLN A 1 72  ? 14.924  5.831   5.666   0.50 14.51 ? 70   GLN A CB  1 
ATOM   545  C  CG  A GLN A 1 72  ? 15.230  7.278   6.322   0.50 21.35 ? 70   GLN A CG  1 
ATOM   546  C  CG  B GLN A 1 72  ? 15.410  4.734   6.488   0.50 20.83 ? 70   GLN A CG  1 
ATOM   547  C  CD  A GLN A 1 72  ? 14.192  8.320   6.850   0.50 21.11 ? 70   GLN A CD  1 
ATOM   548  C  CD  B GLN A 1 72  ? 16.321  3.841   5.722   0.50 29.04 ? 70   GLN A CD  1 
ATOM   549  O  OE1 A GLN A 1 72  ? 14.043  9.397   6.305   0.50 23.05 ? 70   GLN A OE1 1 
ATOM   550  O  OE1 B GLN A 1 72  ? 17.228  4.314   5.011   0.50 32.95 ? 70   GLN A OE1 1 
ATOM   551  N  NE2 A GLN A 1 72  ? 13.530  7.989   7.924   0.50 21.27 ? 70   GLN A NE2 1 
ATOM   552  N  NE2 B GLN A 1 72  ? 16.110  2.524   5.861   0.50 28.34 ? 70   GLN A NE2 1 
ATOM   553  N  N   . ARG A 1 73  ? 11.759  4.397   6.250   1.00 12.15 ? 71   ARG A N   1 
ATOM   554  C  CA  . ARG A 1 73  ? 10.983  3.204   6.626   1.00 11.82 ? 71   ARG A CA  1 
ATOM   555  C  C   . ARG A 1 73  ? 10.217  2.549   5.467   1.00 11.78 ? 71   ARG A C   1 
ATOM   556  O  O   . ARG A 1 73  ? 9.688   1.444   5.622   1.00 11.88 ? 71   ARG A O   1 
ATOM   557  C  CB  . ARG A 1 73  ? 10.005  3.531   7.761   1.00 10.29 ? 71   ARG A CB  1 
ATOM   558  C  CG  . ARG A 1 73  ? 10.737  3.700   9.096   1.00 11.01 ? 71   ARG A CG  1 
ATOM   559  C  CD  . ARG A 1 73  ? 9.755   3.953   10.218  1.00 10.69 ? 71   ARG A CD  1 
ATOM   560  N  NE  . ARG A 1 73  ? 10.458  4.051   11.504  1.00 12.17 ? 71   ARG A NE  1 
ATOM   561  C  CZ  . ARG A 1 73  ? 9.849   4.231   12.666  1.00 14.67 ? 71   ARG A CZ  1 
ATOM   562  N  NH1 . ARG A 1 73  ? 8.514   4.387   12.732  1.00 11.82 ? 71   ARG A NH1 1 
ATOM   563  N  NH2 . ARG A 1 73  ? 10.588  4.255   13.795  1.00 17.51 ? 71   ARG A NH2 1 
ATOM   564  N  N   . MET A 1 74  ? 10.219  3.199   4.313   1.00 10.29 ? 72   MET A N   1 
ATOM   565  C  CA  . MET A 1 74  ? 9.632   2.560   3.124   1.00 11.56 ? 72   MET A CA  1 
ATOM   566  C  C   . MET A 1 74  ? 10.607  1.780   2.276   1.00 11.24 ? 72   MET A C   1 
ATOM   567  O  O   . MET A 1 74  ? 10.187  1.028   1.372   1.00 11.21 ? 72   MET A O   1 
ATOM   568  C  CB  . MET A 1 74  ? 8.984   3.647   2.249   1.00 10.63 ? 72   MET A CB  1 
ATOM   569  C  CG  . MET A 1 74  ? 7.711   4.264   2.912   1.00 12.35 ? 72   MET A CG  1 
ATOM   570  S  SD  . MET A 1 74  ? 6.623   5.016   1.690   1.00 13.46 ? 72   MET A SD  1 
ATOM   571  C  CE  . MET A 1 74  ? 5.756   3.498   1.101   1.00 11.00 ? 72   MET A CE  1 
ATOM   572  N  N   . ILE A 1 75  ? 11.909  2.009   2.469   1.00 11.97 ? 73   ILE A N   1 
ATOM   573  C  CA  . ILE A 1 75  ? 12.861  1.387   1.542   1.00 11.77 ? 73   ILE A CA  1 
ATOM   574  C  C   . ILE A 1 75  ? 12.837  -0.118  1.753   1.00 11.90 ? 73   ILE A C   1 
ATOM   575  O  O   . ILE A 1 75  ? 12.883  -0.564  2.891   1.00 11.19 ? 73   ILE A O   1 
ATOM   576  C  CB  . ILE A 1 75  ? 14.325  1.897   1.796   1.00 12.31 ? 73   ILE A CB  1 
ATOM   577  C  CG1 . ILE A 1 75  ? 14.346  3.430   1.526   1.00 13.84 ? 73   ILE A CG1 1 
ATOM   578  C  CG2 . ILE A 1 75  ? 15.319  1.133   0.805   1.00 15.10 ? 73   ILE A CG2 1 
ATOM   579  C  CD1 . ILE A 1 75  ? 15.703  4.133   1.869   1.00 18.85 ? 73   ILE A CD1 1 
ATOM   580  N  N   . GLY A 1 76  ? 12.698  -0.867  0.663   1.00 12.03 ? 74   GLY A N   1 
ATOM   581  C  CA  . GLY A 1 76  ? 12.554  -2.308  0.748   1.00 13.34 ? 74   GLY A CA  1 
ATOM   582  C  C   . GLY A 1 76  ? 11.086  -2.755  0.794   1.00 13.14 ? 74   GLY A C   1 
ATOM   583  O  O   . GLY A 1 76  ? 10.820  -3.960  0.654   1.00 13.81 ? 74   GLY A O   1 
ATOM   584  N  N   . GLY A 1 77  ? 10.145  -1.834  1.020   1.00 12.15 ? 75   GLY A N   1 
ATOM   585  C  CA  . GLY A 1 77  ? 8.720   -2.220  0.974   1.00 11.35 ? 75   GLY A CA  1 
ATOM   586  C  C   . GLY A 1 77  ? 8.391   -2.681  -0.462  1.00 12.09 ? 75   GLY A C   1 
ATOM   587  O  O   . GLY A 1 77  ? 9.033   -2.227  -1.435  1.00 12.55 ? 75   GLY A O   1 
ATOM   588  N  N   . ILE A 1 78  ? 7.409   -3.557  -0.606  1.00 10.93 ? 76   ILE A N   1 
ATOM   589  C  CA  . ILE A 1 78  ? 6.985   -4.040  -1.930  1.00 9.91  ? 76   ILE A CA  1 
ATOM   590  C  C   . ILE A 1 78  ? 5.493   -3.848  -2.069  1.00 11.14 ? 76   ILE A C   1 
ATOM   591  O  O   . ILE A 1 78  ? 4.770   -3.738  -1.062  1.00 10.06 ? 76   ILE A O   1 
ATOM   592  C  CB  . ILE A 1 78  ? 7.357   -5.544  -2.192  1.00 11.18 ? 76   ILE A CB  1 
ATOM   593  C  CG1 . ILE A 1 78  ? 6.615   -6.486  -1.254  1.00 10.82 ? 76   ILE A CG1 1 
ATOM   594  C  CG2 . ILE A 1 78  ? 8.910   -5.741  -2.156  1.00 10.74 ? 76   ILE A CG2 1 
ATOM   595  C  CD1 . ILE A 1 78  ? 6.719   -7.993  -1.694  1.00 11.29 ? 76   ILE A CD1 1 
ATOM   596  N  N   . PHE A 1 79  ? 5.030   -3.848  -3.325  1.00 9.61  ? 77   PHE A N   1 
ATOM   597  C  CA  . PHE A 1 79  ? 3.606   -3.797  -3.614  1.00 9.51  ? 77   PHE A CA  1 
ATOM   598  C  C   . PHE A 1 79  ? 3.317   -5.089  -4.353  1.00 10.29 ? 77   PHE A C   1 
ATOM   599  O  O   . PHE A 1 79  ? 4.116   -5.515  -5.169  1.00 10.98 ? 77   PHE A O   1 
ATOM   600  C  CB  . PHE A 1 79  ? 3.287   -2.603  -4.537  1.00 9.04  ? 77   PHE A CB  1 
ATOM   601  C  CG  . PHE A 1 79  ? 3.604   -1.297  -3.894  1.00 11.17 ? 77   PHE A CG  1 
ATOM   602  C  CD1 . PHE A 1 79  ? 2.689   -0.696  -3.030  1.00 11.37 ? 77   PHE A CD1 1 
ATOM   603  C  CD2 . PHE A 1 79  ? 4.866   -0.698  -4.102  1.00 14.46 ? 77   PHE A CD2 1 
ATOM   604  C  CE1 . PHE A 1 79  ? 2.988   0.533   -2.404  1.00 11.62 ? 77   PHE A CE1 1 
ATOM   605  C  CE2 . PHE A 1 79  ? 5.176   0.514   -3.485  1.00 13.06 ? 77   PHE A CE2 1 
ATOM   606  C  CZ  . PHE A 1 79  ? 4.248   1.122   -2.640  1.00 12.32 ? 77   PHE A CZ  1 
ATOM   607  N  N   . GLN A 1 80  ? 2.194   -5.722  -4.009  1.00 10.52 ? 78   GLN A N   1 
ATOM   608  C  CA  . GLN A 1 80  ? 1.818   -6.998  -4.568  1.00 9.97  ? 78   GLN A CA  1 
ATOM   609  C  C   . GLN A 1 80  ? 0.408   -6.989  -5.079  1.00 11.48 ? 78   GLN A C   1 
ATOM   610  O  O   . GLN A 1 80  ? -0.446  -6.306  -4.532  1.00 11.33 ? 78   GLN A O   1 
ATOM   611  C  CB  . GLN A 1 80  ? 1.876   -8.056  -3.449  1.00 11.04 ? 78   GLN A CB  1 
ATOM   612  C  CG  . GLN A 1 80  ? 3.315   -8.404  -2.992  1.00 9.93  ? 78   GLN A CG  1 
ATOM   613  C  CD  . GLN A 1 80  ? 3.258   -9.381  -1.800  1.00 13.03 ? 78   GLN A CD  1 
ATOM   614  O  OE1 . GLN A 1 80  ? 2.561   -9.102  -0.813  1.00 15.05 ? 78   GLN A OE1 1 
ATOM   615  N  NE2 . GLN A 1 80  ? 3.935   -10.531 -1.909  1.00 12.97 ? 78   GLN A NE2 1 
ATOM   616  N  N   . GLY A 1 81  ? 0.164   -7.787  -6.119  1.00 10.63 ? 79   GLY A N   1 
ATOM   617  C  CA  . GLY A 1 81  ? -1.188  -8.035  -6.534  1.00 11.28 ? 79   GLY A CA  1 
ATOM   618  C  C   . GLY A 1 81  ? -1.486  -9.509  -6.274  1.00 10.40 ? 79   GLY A C   1 
ATOM   619  O  O   . GLY A 1 81  ? -0.584  -10.330 -6.350  1.00 10.00 ? 79   GLY A O   1 
ATOM   620  N  N   . ALA A 1 82  ? -2.753  -9.840  -6.009  1.00 10.23 ? 80   ALA A N   1 
ATOM   621  C  CA  . ALA A 1 82  ? -3.100  -11.232 -5.761  1.00 10.75 ? 80   ALA A CA  1 
ATOM   622  C  C   . ALA A 1 82  ? -4.578  -11.456 -6.018  1.00 11.10 ? 80   ALA A C   1 
ATOM   623  O  O   . ALA A 1 82  ? -5.366  -10.492 -6.140  1.00 10.78 ? 80   ALA A O   1 
ATOM   624  C  CB  . ALA A 1 82  ? -2.794  -11.602 -4.286  1.00 10.29 ? 80   ALA A CB  1 
ATOM   625  N  N   . ASN A 1 83  ? -4.947  -12.735 -6.078  1.00 10.89 ? 81   ASN A N   1 
ATOM   626  C  CA  . ASN A 1 83  ? -6.351  -13.133 -6.127  1.00 11.52 ? 81   ASN A CA  1 
ATOM   627  C  C   . ASN A 1 83  ? -6.705  -14.063 -4.985  1.00 11.99 ? 81   ASN A C   1 
ATOM   628  O  O   . ASN A 1 83  ? -7.801  -14.631 -4.979  1.00 12.63 ? 81   ASN A O   1 
ATOM   629  C  CB  . ASN A 1 83  ? -6.654  -13.772 -7.510  1.00 10.26 ? 81   ASN A CB  1 
ATOM   630  C  CG  . ASN A 1 83  ? -6.677  -12.690 -8.606  1.00 11.77 ? 81   ASN A CG  1 
ATOM   631  O  OD1 . ASN A 1 83  ? -5.734  -12.563 -9.424  1.00 15.42 ? 81   ASN A OD1 1 
ATOM   632  N  ND2 . ASN A 1 83  ? -7.700  -11.902 -8.569  1.00 7.64  ? 81   ASN A ND2 1 
ATOM   633  N  N   . LYS A 1 84  ? -5.832  -14.097 -3.965  1.00 11.66 ? 82   LYS A N   1 
ATOM   634  C  CA  . LYS A 1 84  ? -6.170  -14.740 -2.698  1.00 11.39 ? 82   LYS A CA  1 
ATOM   635  C  C   . LYS A 1 84  ? -5.882  -13.728 -1.619  1.00 10.93 ? 82   LYS A C   1 
ATOM   636  O  O   . LYS A 1 84  ? -4.835  -13.080 -1.676  1.00 10.52 ? 82   LYS A O   1 
ATOM   637  C  CB  . LYS A 1 84  ? -5.327  -15.999 -2.416  1.00 11.01 ? 82   LYS A CB  1 
ATOM   638  C  CG  . LYS A 1 84  ? -5.552  -17.069 -3.526  1.00 9.31  ? 82   LYS A CG  1 
ATOM   639  C  CD  . LYS A 1 84  ? -4.658  -18.287 -3.231  1.00 11.36 ? 82   LYS A CD  1 
ATOM   640  C  CE  . LYS A 1 84  ? -4.948  -18.883 -1.782  1.00 11.09 ? 82   LYS A CE  1 
ATOM   641  N  NZ  . LYS A 1 84  ? -4.113  -20.144 -1.636  1.00 11.02 ? 82   LYS A NZ  1 
ATOM   642  N  N   . GLU A 1 85  ? -6.814  -13.614 -0.677  1.00 11.82 ? 83   GLU A N   1 
ATOM   643  C  CA  . GLU A 1 85  ? -6.637  -12.628 0.398   1.00 14.31 ? 83   GLU A CA  1 
ATOM   644  C  C   . GLU A 1 85  ? -5.441  -12.915 1.275   1.00 14.50 ? 83   GLU A C   1 
ATOM   645  O  O   . GLU A 1 85  ? -4.985  -12.011 1.973   1.00 14.63 ? 83   GLU A O   1 
ATOM   646  C  CB  . GLU A 1 85  ? -7.913  -12.473 1.243   1.00 15.05 ? 83   GLU A CB  1 
ATOM   647  C  CG  . GLU A 1 85  ? -8.235  -13.744 2.036   1.00 19.27 ? 83   GLU A CG  1 
ATOM   648  C  CD  . GLU A 1 85  ? -9.460  -13.581 2.950   1.00 26.72 ? 83   GLU A CD  1 
ATOM   649  O  OE1 . GLU A 1 85  ? -10.053 -12.465 2.985   1.00 24.63 ? 83   GLU A OE1 1 
ATOM   650  O  OE2 . GLU A 1 85  ? -9.800  -14.582 3.621   1.00 26.38 ? 83   GLU A OE2 1 
ATOM   651  N  N   . ASP A 1 86  ? -4.925  -14.150 1.293   1.00 14.28 ? 84   ASP A N   1 
ATOM   652  C  CA  . ASP A 1 86  ? -3.713  -14.399 2.048   1.00 14.37 ? 84   ASP A CA  1 
ATOM   653  C  C   . ASP A 1 86  ? -2.458  -14.161 1.230   1.00 13.38 ? 84   ASP A C   1 
ATOM   654  O  O   . ASP A 1 86  ? -1.332  -14.419 1.692   1.00 13.62 ? 84   ASP A O   1 
ATOM   655  C  CB  . ASP A 1 86  ? -3.711  -15.802 2.684   1.00 14.58 ? 84   ASP A CB  1 
ATOM   656  C  CG  . ASP A 1 86  ? -3.518  -16.910 1.669   1.00 17.35 ? 84   ASP A CG  1 
ATOM   657  O  OD1 . ASP A 1 86  ? -3.355  -16.659 0.455   1.00 15.14 ? 84   ASP A OD1 1 
ATOM   658  O  OD2 . ASP A 1 86  ? -3.497  -18.095 2.090   1.00 15.54 ? 84   ASP A OD2 1 
ATOM   659  N  N   . PHE A 1 87  ? -2.629  -13.709 -0.007  1.00 11.82 ? 85   PHE A N   1 
ATOM   660  C  CA  . PHE A 1 87  ? -1.488  -13.355 -0.887  1.00 12.29 ? 85   PHE A CA  1 
ATOM   661  C  C   . PHE A 1 87  ? -0.521  -14.487 -1.234  1.00 11.69 ? 85   PHE A C   1 
ATOM   662  O  O   . PHE A 1 87  ? 0.619   -14.247 -1.691  1.00 11.79 ? 85   PHE A O   1 
ATOM   663  C  CB  . PHE A 1 87  ? -0.732  -12.087 -0.353  1.00 12.26 ? 85   PHE A CB  1 
ATOM   664  C  CG  . PHE A 1 87  ? -1.512  -10.841 -0.552  1.00 13.53 ? 85   PHE A CG  1 
ATOM   665  C  CD1 . PHE A 1 87  ? -2.555  -10.543 0.311   1.00 15.64 ? 85   PHE A CD1 1 
ATOM   666  C  CD2 . PHE A 1 87  ? -1.232  -9.992  -1.613  1.00 13.73 ? 85   PHE A CD2 1 
ATOM   667  C  CE1 . PHE A 1 87  ? -3.335  -9.370  0.128   1.00 16.28 ? 85   PHE A CE1 1 
ATOM   668  C  CE2 . PHE A 1 87  ? -1.991  -8.857  -1.818  1.00 15.93 ? 85   PHE A CE2 1 
ATOM   669  C  CZ  . PHE A 1 87  ? -3.041  -8.547  -0.940  1.00 14.52 ? 85   PHE A CZ  1 
ATOM   670  N  N   . SER A 1 88  ? -0.939  -15.735 -1.027  1.00 11.96 ? 86   SER A N   1 
ATOM   671  C  CA  . SER A 1 88  ? -0.059  -16.815 -1.351  1.00 13.25 ? 86   SER A CA  1 
ATOM   672  C  C   . SER A 1 88  ? 0.197   -16.957 -2.867  1.00 14.00 ? 86   SER A C   1 
ATOM   673  O  O   . SER A 1 88  ? 1.222   -17.553 -3.288  1.00 14.62 ? 86   SER A O   1 
ATOM   674  C  CB  . SER A 1 88  ? -0.583  -18.150 -0.774  1.00 13.66 ? 86   SER A CB  1 
ATOM   675  O  OG  . SER A 1 88  ? -1.932  -18.371 -1.218  1.00 12.97 ? 86   SER A OG  1 
ATOM   676  N  N   . ASP A 1 89  ? -0.696  -16.399 -3.700  1.00 13.58 ? 87   ASP A N   1 
ATOM   677  C  CA  . ASP A 1 89  ? -0.504  -16.430 -5.154  1.00 12.66 ? 87   ASP A CA  1 
ATOM   678  C  C   . ASP A 1 89  ? 0.078   -15.084 -5.674  1.00 12.44 ? 87   ASP A C   1 
ATOM   679  O  O   . ASP A 1 89  ? 0.136   -14.864 -6.871  1.00 12.34 ? 87   ASP A O   1 
ATOM   680  C  CB  . ASP A 1 89  ? -1.855  -16.645 -5.851  1.00 12.16 ? 87   ASP A CB  1 
ATOM   681  C  CG  . ASP A 1 89  ? -2.830  -15.465 -5.562  1.00 14.08 ? 87   ASP A CG  1 
ATOM   682  O  OD1 . ASP A 1 89  ? -2.851  -14.909 -4.424  1.00 12.13 ? 87   ASP A OD1 1 
ATOM   683  O  OD2 . ASP A 1 89  ? -3.532  -15.048 -6.481  1.00 15.05 ? 87   ASP A OD2 1 
ATOM   684  N  N   . ALA A 1 90  ? 0.595   -14.251 -4.764  1.00 12.87 ? 88   ALA A N   1 
ATOM   685  C  CA  . ALA A 1 90  ? 0.946   -12.854 -5.108  1.00 11.50 ? 88   ALA A CA  1 
ATOM   686  C  C   . ALA A 1 90  ? 2.116   -12.781 -6.083  1.00 12.16 ? 88   ALA A C   1 
ATOM   687  O  O   . ALA A 1 90  ? 2.999   -13.638 -6.108  1.00 12.11 ? 88   ALA A O   1 
ATOM   688  C  CB  . ALA A 1 90  ? 1.327   -12.067 -3.789  1.00 11.69 ? 88   ALA A CB  1 
ATOM   689  N  N   . VAL A 1 91  ? 2.161   -11.677 -6.816  1.00 11.55 ? 89   VAL A N   1 
ATOM   690  C  CA  . VAL A 1 91  ? 3.322   -11.344 -7.580  1.00 12.24 ? 89   VAL A CA  1 
ATOM   691  C  C   . VAL A 1 91  ? 3.691   -9.903  -7.139  1.00 12.45 ? 89   VAL A C   1 
ATOM   692  O  O   . VAL A 1 91  ? 2.810   -9.064  -6.815  1.00 11.67 ? 89   VAL A O   1 
ATOM   693  C  CB  . VAL A 1 91  ? 2.984   -11.414 -9.093  1.00 14.01 ? 89   VAL A CB  1 
ATOM   694  C  CG1 . VAL A 1 91  ? 1.690   -10.610 -9.452  1.00 14.08 ? 89   VAL A CG1 1 
ATOM   695  C  CG2 . VAL A 1 91  ? 4.226   -10.980 -9.957  1.00 15.14 ? 89   VAL A CG2 1 
ATOM   696  N  N   . THR A 1 92  ? 4.985   -9.632  -7.145  1.00 11.34 ? 90   THR A N   1 
ATOM   697  C  CA  . THR A 1 92  ? 5.456   -8.309  -6.750  1.00 12.92 ? 90   THR A CA  1 
ATOM   698  C  C   . THR A 1 92  ? 5.329   -7.379  -7.930  1.00 13.54 ? 90   THR A C   1 
ATOM   699  O  O   . THR A 1 92  ? 5.841   -7.655  -9.034  1.00 14.66 ? 90   THR A O   1 
ATOM   700  C  CB  . THR A 1 92  ? 6.926   -8.396  -6.312  1.00 13.13 ? 90   THR A CB  1 
ATOM   701  O  OG1 . THR A 1 92  ? 6.982   -9.153  -5.100  1.00 12.25 ? 90   THR A OG1 1 
ATOM   702  C  CG2 . THR A 1 92  ? 7.513   -6.991  -6.048  1.00 13.14 ? 90   THR A CG2 1 
ATOM   703  N  N   . LEU A 1 93  ? 4.614   -6.292  -7.728  1.00 12.25 ? 91   LEU A N   1 
ATOM   704  C  CA  . LEU A 1 93  ? 4.389   -5.286  -8.783  1.00 12.43 ? 91   LEU A CA  1 
ATOM   705  C  C   . LEU A 1 93  ? 5.474   -4.239  -8.807  1.00 13.65 ? 91   LEU A C   1 
ATOM   706  O  O   . LEU A 1 93  ? 5.746   -3.657  -9.868  1.00 13.39 ? 91   LEU A O   1 
ATOM   707  C  CB  . LEU A 1 93  ? 3.028   -4.610  -8.571  1.00 12.42 ? 91   LEU A CB  1 
ATOM   708  C  CG  . LEU A 1 93  ? 1.823   -5.575  -8.527  1.00 14.67 ? 91   LEU A CG  1 
ATOM   709  C  CD1 . LEU A 1 93  ? 0.548   -4.810  -8.188  1.00 16.48 ? 91   LEU A CD1 1 
ATOM   710  C  CD2 . LEU A 1 93  ? 1.647   -6.383  -9.831  1.00 14.05 ? 91   LEU A CD2 1 
ATOM   711  N  N   . PHE A 1 94  ? 6.082   -3.940  -7.647  1.00 12.13 ? 92   PHE A N   1 
ATOM   712  C  CA  . PHE A 1 94  ? 7.121   -2.913  -7.616  1.00 13.55 ? 92   PHE A CA  1 
ATOM   713  C  C   . PHE A 1 94  ? 7.827   -3.058  -6.279  1.00 13.63 ? 92   PHE A C   1 
ATOM   714  O  O   . PHE A 1 94  ? 7.183   -3.413  -5.287  1.00 13.37 ? 92   PHE A O   1 
ATOM   715  C  CB  . PHE A 1 94  ? 6.500   -1.493  -7.698  1.00 12.75 ? 92   PHE A CB  1 
ATOM   716  C  CG  . PHE A 1 94  ? 7.540   -0.393  -7.714  1.00 14.23 ? 92   PHE A CG  1 
ATOM   717  C  CD1 . PHE A 1 94  ? 8.239   -0.115  -8.887  1.00 15.38 ? 92   PHE A CD1 1 
ATOM   718  C  CD2 . PHE A 1 94  ? 7.856   0.318   -6.548  1.00 12.59 ? 92   PHE A CD2 1 
ATOM   719  C  CE1 . PHE A 1 94  ? 9.249   0.886   -8.903  1.00 16.72 ? 92   PHE A CE1 1 
ATOM   720  C  CE2 . PHE A 1 94  ? 8.833   1.320   -6.549  1.00 14.96 ? 92   PHE A CE2 1 
ATOM   721  C  CZ  . PHE A 1 94  ? 9.556   1.588   -7.716  1.00 16.59 ? 92   PHE A CZ  1 
ATOM   722  N  N   . THR A 1 95  ? 9.128   -2.804  -6.265  1.00 12.41 ? 93   THR A N   1 
ATOM   723  C  CA  . THR A 1 95  ? 9.895   -2.789  -5.038  1.00 13.34 ? 93   THR A CA  1 
ATOM   724  C  C   . THR A 1 95  ? 10.506  -1.404  -4.841  1.00 13.93 ? 93   THR A C   1 
ATOM   725  O  O   . THR A 1 95  ? 11.162  -0.865  -5.730  1.00 15.84 ? 93   THR A O   1 
ATOM   726  C  CB  . THR A 1 95  ? 11.029  -3.864  -5.108  1.00 14.26 ? 93   THR A CB  1 
ATOM   727  O  OG1 . THR A 1 95  ? 10.423  -5.151  -5.377  1.00 12.98 ? 93   THR A OG1 1 
ATOM   728  C  CG2 . THR A 1 95  ? 11.841  -3.952  -3.809  1.00 14.86 ? 93   THR A CG2 1 
ATOM   729  N  N   . ILE A 1 96  ? 10.346  -0.860  -3.656  1.00 13.22 ? 94   ILE A N   1 
ATOM   730  C  CA  . ILE A 1 96  ? 10.901  0.474   -3.344  1.00 13.88 ? 94   ILE A CA  1 
ATOM   731  C  C   . ILE A 1 96  ? 12.375  0.315   -3.022  1.00 14.74 ? 94   ILE A C   1 
ATOM   732  O  O   . ILE A 1 96  ? 12.757  -0.384  -2.075  1.00 15.35 ? 94   ILE A O   1 
ATOM   733  C  CB  . ILE A 1 96  ? 10.187  1.139   -2.163  1.00 12.58 ? 94   ILE A CB  1 
ATOM   734  C  CG1 . ILE A 1 96  ? 8.686   1.300   -2.493  1.00 13.23 ? 94   ILE A CG1 1 
ATOM   735  C  CG2 . ILE A 1 96  ? 10.826  2.552   -1.840  1.00 14.74 ? 94   ILE A CG2 1 
ATOM   736  C  CD1 . ILE A 1 96  ? 7.869   1.890   -1.317  1.00 10.56 ? 94   ILE A CD1 1 
ATOM   737  N  N   . THR A 1 97  ? 13.221  0.931   -3.835  1.00 16.34 ? 95   THR A N   1 
ATOM   738  C  CA  . THR A 1 97  ? 14.673  0.767   -3.586  1.00 19.47 ? 95   THR A CA  1 
ATOM   739  C  C   . THR A 1 97  ? 15.378  2.083   -3.316  1.00 21.03 ? 95   THR A C   1 
ATOM   740  O  O   . THR A 1 97  ? 16.537  2.078   -2.934  1.00 22.45 ? 95   THR A O   1 
ATOM   741  C  CB  . THR A 1 97  ? 15.384  0.118   -4.814  1.00 21.34 ? 95   THR A CB  1 
ATOM   742  O  OG1 . THR A 1 97  ? 15.192  0.953   -5.968  1.00 21.79 ? 95   THR A OG1 1 
ATOM   743  C  CG2 . THR A 1 97  ? 14.805  -1.213  -5.113  1.00 21.34 ? 95   THR A CG2 1 
ATOM   744  N  N   . SER A 1 98  ? 14.721  3.204   -3.552  1.00 21.21 ? 96   SER A N   1 
ATOM   745  C  CA  . SER A 1 98  ? 15.340  4.464   -3.171  1.00 23.26 ? 96   SER A CA  1 
ATOM   746  C  C   . SER A 1 98  ? 14.404  5.281   -2.279  1.00 21.87 ? 96   SER A C   1 
ATOM   747  O  O   . SER A 1 98  ? 13.192  4.987   -2.157  1.00 19.42 ? 96   SER A O   1 
ATOM   748  C  CB  . SER A 1 98  ? 15.777  5.226   -4.411  1.00 25.01 ? 96   SER A CB  1 
ATOM   749  O  OG  . SER A 1 98  ? 14.634  5.559   -5.103  1.00 30.47 ? 96   SER A OG  1 
ATOM   750  N  N   . LEU A 1 99  ? 14.998  6.221   -1.558  1.00 19.96 ? 97   LEU A N   1 
ATOM   751  C  CA  . LEU A 1 99  ? 14.277  6.979   -0.573  1.00 19.16 ? 97   LEU A CA  1 
ATOM   752  C  C   . LEU A 1 99  ? 13.170  7.802   -1.255  1.00 17.83 ? 97   LEU A C   1 
ATOM   753  O  O   . LEU A 1 99  ? 13.450  8.626   -2.112  1.00 17.24 ? 97   LEU A O   1 
ATOM   754  C  CB  . LEU A 1 99  ? 15.290  7.893   0.160   1.00 18.66 ? 97   LEU A CB  1 
ATOM   755  C  CG  . LEU A 1 99  ? 14.801  8.730   1.314   1.00 19.50 ? 97   LEU A CG  1 
ATOM   756  C  CD1 . LEU A 1 99  ? 14.501  7.811   2.471   1.00 18.94 ? 97   LEU A CD1 1 
ATOM   757  C  CD2 . LEU A 1 99  ? 15.965  9.708   1.695   1.00 23.50 ? 97   LEU A CD2 1 
ATOM   758  N  N   . PRO A 1 100 ? 11.894  7.607   -0.864  1.00 15.76 ? 98   PRO A N   1 
ATOM   759  C  CA  . PRO A 1 100 ? 10.856  8.423   -1.478  1.00 16.09 ? 98   PRO A CA  1 
ATOM   760  C  C   . PRO A 1 100 ? 10.870  9.839   -0.994  1.00 15.22 ? 98   PRO A C   1 
ATOM   761  O  O   . PRO A 1 100 ? 11.182  10.114  0.177   1.00 15.76 ? 98   PRO A O   1 
ATOM   762  C  CB  . PRO A 1 100 ? 9.526   7.751   -1.080  1.00 15.53 ? 98   PRO A CB  1 
ATOM   763  C  CG  . PRO A 1 100 ? 9.891   6.826   0.006   1.00 19.43 ? 98   PRO A CG  1 
ATOM   764  C  CD  . PRO A 1 100 ? 11.375  6.549   0.017   1.00 15.92 ? 98   PRO A CD  1 
ATOM   765  N  N   . GLY A 1 101 ? 10.574  10.733  -1.915  1.00 16.50 ? 99   GLY A N   1 
ATOM   766  C  CA  . GLY A 1 101 ? 10.477  12.162  -1.556  1.00 16.27 ? 99   GLY A CA  1 
ATOM   767  C  C   . GLY A 1 101 ? 9.399   12.465  -0.537  1.00 16.25 ? 99   GLY A C   1 
ATOM   768  O  O   . GLY A 1 101 ? 8.290   11.910  -0.559  1.00 15.48 ? 99   GLY A O   1 
ATOM   769  N  N   . SER A 1 102 ? 9.735   13.347  0.403   1.00 16.07 ? 100  SER A N   1 
ATOM   770  C  CA  . SER A 1 102 ? 8.835   13.685  1.459   1.00 17.10 ? 100  SER A CA  1 
ATOM   771  C  C   . SER A 1 102 ? 7.643   14.563  0.990   1.00 17.02 ? 100  SER A C   1 
ATOM   772  O  O   . SER A 1 102 ? 7.774   15.381  0.066   1.00 17.78 ? 100  SER A O   1 
ATOM   773  C  CB  . SER A 1 102 ? 9.703   14.442  2.502   1.00 19.67 ? 100  SER A CB  1 
ATOM   774  O  OG  . SER A 1 102 ? 8.931   14.618  3.644   1.00 24.02 ? 100  SER A OG  1 
ATOM   775  N  N   . GLY A 1 103 ? 6.464   14.354  1.566   1.00 16.20 ? 101  GLY A N   1 
ATOM   776  C  CA  . GLY A 1 103 ? 5.368   15.262  1.327   1.00 15.48 ? 101  GLY A CA  1 
ATOM   777  C  C   . GLY A 1 103 ? 4.815   15.279  -0.081  1.00 14.33 ? 101  GLY A C   1 
ATOM   778  O  O   . GLY A 1 103 ? 4.225   16.287  -0.486  1.00 13.74 ? 101  GLY A O   1 
ATOM   779  N  N   . THR A 1 104 ? 4.949   14.173  -0.821  1.00 13.32 ? 102  THR A N   1 
ATOM   780  C  CA  . THR A 1 104 ? 4.424   14.155  -2.180  1.00 12.50 ? 102  THR A CA  1 
ATOM   781  C  C   . THR A 1 104 ? 4.115   12.724  -2.540  1.00 12.88 ? 102  THR A C   1 
ATOM   782  O  O   . THR A 1 104 ? 4.514   11.825  -1.820  1.00 11.97 ? 102  THR A O   1 
ATOM   783  C  CB  . THR A 1 104 ? 5.406   14.805  -3.235  1.00 13.14 ? 102  THR A CB  1 
ATOM   784  O  OG1 . THR A 1 104 ? 4.713   14.946  -4.480  1.00 13.18 ? 102  THR A OG1 1 
ATOM   785  C  CG2 . THR A 1 104 ? 6.633   13.964  -3.442  1.00 15.46 ? 102  THR A CG2 1 
ATOM   786  N  N   . LEU A 1 105 ? 3.406   12.517  -3.637  1.00 12.58 ? 103  LEU A N   1 
ATOM   787  C  CA  . LEU A 1 105 ? 3.134   11.164  -4.109  1.00 13.77 ? 103  LEU A CA  1 
ATOM   788  C  C   . LEU A 1 105 ? 4.164   10.809  -5.157  1.00 14.90 ? 103  LEU A C   1 
ATOM   789  O  O   . LEU A 1 105 ? 4.296   11.526  -6.170  1.00 15.72 ? 103  LEU A O   1 
ATOM   790  C  CB  . LEU A 1 105 ? 1.750   11.088  -4.758  1.00 12.86 ? 103  LEU A CB  1 
ATOM   791  C  CG  . LEU A 1 105 ? 0.600   11.166  -3.768  1.00 11.10 ? 103  LEU A CG  1 
ATOM   792  C  CD1 . LEU A 1 105 ? -0.723  11.446  -4.464  1.00 13.88 ? 103  LEU A CD1 1 
ATOM   793  C  CD2 . LEU A 1 105 ? 0.528   9.818   -2.913  1.00 10.83 ? 103  LEU A CD2 1 
ATOM   794  N  N   . THR A 1 106 ? 4.882   9.718   -4.924  1.00 14.00 ? 104  THR A N   1 
ATOM   795  C  CA  . THR A 1 106 ? 5.813   9.179   -5.874  1.00 15.49 ? 104  THR A CA  1 
ATOM   796  C  C   . THR A 1 106 ? 4.981   8.235   -6.724  1.00 15.83 ? 104  THR A C   1 
ATOM   797  O  O   . THR A 1 106 ? 4.199   7.459   -6.191  1.00 14.66 ? 104  THR A O   1 
ATOM   798  C  CB  . THR A 1 106 ? 6.924   8.410   -5.141  1.00 16.13 ? 104  THR A CB  1 
ATOM   799  O  OG1 . THR A 1 106 ? 7.734   9.363   -4.440  1.00 17.89 ? 104  THR A OG1 1 
ATOM   800  C  CG2 . THR A 1 106 ? 7.791   7.605   -6.140  1.00 16.31 ? 104  THR A CG2 1 
ATOM   801  N  N   . SER A 1 107 ? 5.086   8.363   -8.045  1.00 15.57 ? 105  SER A N   1 
ATOM   802  C  CA  . SER A 1 107 ? 4.265   7.552   -8.936  1.00 17.24 ? 105  SER A CA  1 
ATOM   803  C  C   . SER A 1 107 ? 5.149   6.548   -9.647  1.00 18.78 ? 105  SER A C   1 
ATOM   804  O  O   . SER A 1 107 ? 6.235   6.907   -10.133 1.00 19.03 ? 105  SER A O   1 
ATOM   805  C  CB  . SER A 1 107 ? 3.573   8.469   -9.966  1.00 18.82 ? 105  SER A CB  1 
ATOM   806  O  OG  . SER A 1 107 ? 2.742   7.692   -10.827 1.00 21.07 ? 105  SER A OG  1 
ATOM   807  N  N   . VAL A 1 108 ? 4.731   5.277   -9.677  1.00 17.22 ? 106  VAL A N   1 
ATOM   808  C  CA  . VAL A 1 108 ? 5.523   4.252   -10.362 1.00 18.14 ? 106  VAL A CA  1 
ATOM   809  C  C   . VAL A 1 108 ? 4.611   3.523   -11.321 1.00 17.97 ? 106  VAL A C   1 
ATOM   810  O  O   . VAL A 1 108 ? 3.442   3.277   -11.015 1.00 16.14 ? 106  VAL A O   1 
ATOM   811  C  CB  . VAL A 1 108 ? 6.256   3.289   -9.404  1.00 18.65 ? 106  VAL A CB  1 
ATOM   812  C  CG1 . VAL A 1 108 ? 7.246   4.072   -8.481  1.00 20.79 ? 106  VAL A CG1 1 
ATOM   813  C  CG2 . VAL A 1 108 ? 5.298   2.493   -8.573  1.00 17.64 ? 106  VAL A CG2 1 
ATOM   814  N  N   . ASP A 1 109 ? 5.130   3.218   -12.505 1.00 19.13 ? 107  ASP A N   1 
ATOM   815  C  CA  . ASP A 1 109 ? 4.339   2.457   -13.491 1.00 20.59 ? 107  ASP A CA  1 
ATOM   816  C  C   . ASP A 1 109 ? 4.381   0.972   -13.163 1.00 20.23 ? 107  ASP A C   1 
ATOM   817  O  O   . ASP A 1 109 ? 5.365   0.455   -12.621 1.00 21.67 ? 107  ASP A O   1 
ATOM   818  C  CB  . ASP A 1 109 ? 4.883   2.652   -14.893 1.00 22.74 ? 107  ASP A CB  1 
ATOM   819  C  CG  . ASP A 1 109 ? 4.648   4.060   -15.406 1.00 27.30 ? 107  ASP A CG  1 
ATOM   820  O  OD1 . ASP A 1 109 ? 3.678   4.756   -14.980 1.00 28.71 ? 107  ASP A OD1 1 
ATOM   821  O  OD2 . ASP A 1 109 ? 5.461   4.459   -16.253 1.00 36.41 ? 107  ASP A OD2 1 
ATOM   822  N  N   . VAL A 1 110 ? 3.287   0.300   -13.462 1.00 20.12 ? 108  VAL A N   1 
ATOM   823  C  CA  . VAL A 1 110 ? 3.250   -1.150  -13.303 1.00 19.84 ? 108  VAL A CA  1 
ATOM   824  C  C   . VAL A 1 110 ? 2.921   -1.697  -14.701 1.00 21.27 ? 108  VAL A C   1 
ATOM   825  O  O   . VAL A 1 110 ? 2.058   -1.169  -15.392 1.00 21.28 ? 108  VAL A O   1 
ATOM   826  C  CB  . VAL A 1 110 ? 2.161   -1.576  -12.295 1.00 19.11 ? 108  VAL A CB  1 
ATOM   827  C  CG1 . VAL A 1 110 ? 1.998   -3.132  -12.285 1.00 17.59 ? 108  VAL A CG1 1 
ATOM   828  C  CG2 . VAL A 1 110 ? 2.490   -1.029  -10.845 1.00 18.40 ? 108  VAL A CG2 1 
ATOM   829  N  N   . ASP A 1 111 ? 3.627   -2.759  -15.064 1.00 22.93 ? 109  ASP A N   1 
ATOM   830  C  CA  . ASP A 1 111 ? 3.513   -3.433  -16.354 1.00 25.90 ? 109  ASP A CA  1 
ATOM   831  C  C   . ASP A 1 111 ? 3.309   -4.925  -15.970 1.00 25.38 ? 109  ASP A C   1 
ATOM   832  O  O   . ASP A 1 111 ? 4.275   -5.722  -15.837 1.00 27.89 ? 109  ASP A O   1 
ATOM   833  C  CB  . ASP A 1 111 ? 4.849   -3.254  -17.087 1.00 27.99 ? 109  ASP A CB  1 
ATOM   834  C  CG  . ASP A 1 111 ? 4.896   -3.954  -18.444 1.00 35.45 ? 109  ASP A CG  1 
ATOM   835  O  OD1 . ASP A 1 111 ? 3.824   -4.147  -19.087 1.00 40.09 ? 109  ASP A OD1 1 
ATOM   836  O  OD2 . ASP A 1 111 ? 6.037   -4.298  -18.864 1.00 41.25 ? 109  ASP A OD2 1 
ATOM   837  N  N   . ASN A 1 112 ? 2.077   -5.262  -15.679 1.00 23.03 ? 110  ASN A N   1 
ATOM   838  C  CA  . ASN A 1 112 ? 1.705   -6.624  -15.384 1.00 20.98 ? 110  ASN A CA  1 
ATOM   839  C  C   . ASN A 1 112 ? 0.289   -6.697  -15.886 1.00 20.86 ? 110  ASN A C   1 
ATOM   840  O  O   . ASN A 1 112 ? -0.552  -5.948  -15.429 1.00 19.61 ? 110  ASN A O   1 
ATOM   841  C  CB  . ASN A 1 112 ? 1.784   -6.944  -13.879 1.00 20.54 ? 110  ASN A CB  1 
ATOM   842  C  CG  . ASN A 1 112 ? 1.523   -8.425  -13.606 1.00 21.22 ? 110  ASN A CG  1 
ATOM   843  O  OD1 . ASN A 1 112 ? 0.615   -8.996  -14.200 1.00 21.25 ? 110  ASN A OD1 1 
ATOM   844  N  ND2 . ASN A 1 112 ? 2.334   -9.055  -12.753 1.00 19.17 ? 110  ASN A ND2 1 
ATOM   845  N  N   . PRO A 1 113 ? 0.023   -7.581  -16.875 1.00 21.66 ? 111  PRO A N   1 
ATOM   846  C  CA  . PRO A 1 113 ? -1.309  -7.601  -17.462 1.00 21.00 ? 111  PRO A CA  1 
ATOM   847  C  C   . PRO A 1 113 ? -2.326  -8.338  -16.630 1.00 20.00 ? 111  PRO A C   1 
ATOM   848  O  O   . PRO A 1 113 ? -3.490  -8.342  -16.998 1.00 20.93 ? 111  PRO A O   1 
ATOM   849  C  CB  . PRO A 1 113 ? -1.108  -8.324  -18.832 1.00 22.36 ? 111  PRO A CB  1 
ATOM   850  C  CG  . PRO A 1 113 ? 0.085   -9.240  -18.599 1.00 23.03 ? 111  PRO A CG  1 
ATOM   851  C  CD  . PRO A 1 113 ? 0.984   -8.471  -17.568 1.00 22.83 ? 111  PRO A CD  1 
ATOM   852  N  N   . THR A 1 114 ? -1.915  -8.974  -15.523 1.00 18.95 ? 112  THR A N   1 
ATOM   853  C  CA  . THR A 1 114 ? -2.829  -9.768  -14.708 1.00 18.12 ? 112  THR A CA  1 
ATOM   854  C  C   . THR A 1 114 ? -3.895  -8.951  -14.005 1.00 16.88 ? 112  THR A C   1 
ATOM   855  O  O   . THR A 1 114 ? -3.598  -7.850  -13.488 1.00 17.54 ? 112  THR A O   1 
ATOM   856  C  CB  . THR A 1 114 ? -2.035  -10.549 -13.604 1.00 17.82 ? 112  THR A CB  1 
ATOM   857  O  OG1 . THR A 1 114 ? -0.996  -11.291 -14.251 1.00 18.52 ? 112  THR A OG1 1 
ATOM   858  C  CG2 . THR A 1 114 ? -2.934  -11.447 -12.843 1.00 17.77 ? 112  THR A CG2 1 
ATOM   859  N  N   . GLY A 1 115 ? -5.126  -9.452  -14.010 1.00 15.40 ? 113  GLY A N   1 
ATOM   860  C  CA  . GLY A 1 115 ? -6.228  -8.867  -13.231 1.00 14.81 ? 113  GLY A CA  1 
ATOM   861  C  C   . GLY A 1 115 ? -6.165  -9.326  -11.772 1.00 14.69 ? 113  GLY A C   1 
ATOM   862  O  O   . GLY A 1 115 ? -6.061  -10.537 -11.503 1.00 15.93 ? 113  GLY A O   1 
ATOM   863  N  N   . PHE A 1 116 ? -6.183  -8.383  -10.830 1.00 13.13 ? 114  PHE A N   1 
ATOM   864  C  CA  . PHE A 1 116 ? -6.150  -8.715  -9.398  1.00 12.45 ? 114  PHE A CA  1 
ATOM   865  C  C   . PHE A 1 116 ? -7.364  -8.262  -8.641  1.00 13.01 ? 114  PHE A C   1 
ATOM   866  O  O   . PHE A 1 116 ? -7.824  -7.135  -8.823  1.00 14.09 ? 114  PHE A O   1 
ATOM   867  C  CB  . PHE A 1 116 ? -4.962  -8.043  -8.717  1.00 12.46 ? 114  PHE A CB  1 
ATOM   868  C  CG  . PHE A 1 116 ? -3.653  -8.440  -9.293  1.00 13.35 ? 114  PHE A CG  1 
ATOM   869  C  CD1 . PHE A 1 116 ? -3.182  -9.748  -9.156  1.00 12.44 ? 114  PHE A CD1 1 
ATOM   870  C  CD2 . PHE A 1 116 ? -2.891  -7.504  -9.991  1.00 12.86 ? 114  PHE A CD2 1 
ATOM   871  C  CE1 . PHE A 1 116 ? -1.930  -10.099 -9.688  1.00 14.08 ? 114  PHE A CE1 1 
ATOM   872  C  CE2 . PHE A 1 116 ? -1.662  -7.840  -10.557 1.00 14.25 ? 114  PHE A CE2 1 
ATOM   873  C  CZ  . PHE A 1 116 ? -1.174  -9.166  -10.393 1.00 15.72 ? 114  PHE A CZ  1 
ATOM   874  N  N   . ARG A 1 117 ? -7.842  -9.101  -7.727  1.00 12.26 ? 115  ARG A N   1 
ATOM   875  C  CA  . ARG A 1 117 ? -8.869  -8.708  -6.814  1.00 11.30 ? 115  ARG A CA  1 
ATOM   876  C  C   . ARG A 1 117 ? -8.240  -7.940  -5.608  1.00 12.03 ? 115  ARG A C   1 
ATOM   877  O  O   . ARG A 1 117 ? -8.895  -7.071  -4.995  1.00 12.69 ? 115  ARG A O   1 
ATOM   878  C  CB  . ARG A 1 117 ? -9.574  -9.938  -6.234  1.00 11.59 ? 115  ARG A CB  1 
ATOM   879  C  CG  . ARG A 1 117 ? -10.589 -9.545  -5.140  1.00 12.74 ? 115  ARG A CG  1 
ATOM   880  C  CD  . ARG A 1 117 ? -11.455 -10.748 -4.711  1.00 13.64 ? 115  ARG A CD  1 
ATOM   881  N  NE  . ARG A 1 117 ? -12.159 -10.390 -3.503  1.00 14.16 ? 115  ARG A NE  1 
ATOM   882  C  CZ  . ARG A 1 117 ? -12.947 -11.232 -2.824  1.00 17.56 ? 115  ARG A CZ  1 
ATOM   883  N  NH1 . ARG A 1 117 ? -13.121 -12.466 -3.287  1.00 18.44 ? 115  ARG A NH1 1 
ATOM   884  N  NH2 . ARG A 1 117 ? -13.518 -10.872 -1.671  1.00 15.15 ? 115  ARG A NH2 1 
ATOM   885  N  N   . TYR A 1 118 ? -6.997  -8.274  -5.259  1.00 11.05 ? 116  TYR A N   1 
ATOM   886  C  CA  . TYR A 1 118 ? -6.370  -7.733  -4.039  1.00 9.93  ? 116  TYR A CA  1 
ATOM   887  C  C   . TYR A 1 118 ? -5.054  -7.085  -4.397  1.00 10.22 ? 116  TYR A C   1 
ATOM   888  O  O   . TYR A 1 118 ? -4.307  -7.592  -5.268  1.00 10.92 ? 116  TYR A O   1 
ATOM   889  C  CB  . TYR A 1 118 ? -6.041  -8.830  -3.006  1.00 11.56 ? 116  TYR A CB  1 
ATOM   890  C  CG  . TYR A 1 118 ? -7.203  -9.692  -2.608  1.00 11.82 ? 116  TYR A CG  1 
ATOM   891  C  CD1 . TYR A 1 118 ? -8.118  -9.257  -1.611  1.00 12.21 ? 116  TYR A CD1 1 
ATOM   892  C  CD2 . TYR A 1 118 ? -7.393  -10.959 -3.216  1.00 10.31 ? 116  TYR A CD2 1 
ATOM   893  C  CE1 . TYR A 1 118 ? -9.191  -10.065 -1.223  1.00 12.58 ? 116  TYR A CE1 1 
ATOM   894  C  CE2 . TYR A 1 118 ? -8.462  -11.773 -2.842  1.00 10.55 ? 116  TYR A CE2 1 
ATOM   895  C  CZ  . TYR A 1 118 ? -9.341  -11.341 -1.850  1.00 14.33 ? 116  TYR A CZ  1 
ATOM   896  O  OH  . TYR A 1 118 ? -10.349 -12.187 -1.464  1.00 13.47 ? 116  TYR A OH  1 
ATOM   897  N  N   . VAL A 1 119 ? -4.719  -5.965  -3.712  1.00 10.29 ? 117  VAL A N   1 
ATOM   898  C  CA  . VAL A 1 119 ? -3.388  -5.381  -3.880  1.00 9.60  ? 117  VAL A CA  1 
ATOM   899  C  C   . VAL A 1 119 ? -2.945  -4.934  -2.459  1.00 9.69  ? 117  VAL A C   1 
ATOM   900  O  O   . VAL A 1 119 ? -3.784  -4.684  -1.598  1.00 10.52 ? 117  VAL A O   1 
ATOM   901  C  CB  . VAL A 1 119 ? -3.421  -4.109  -4.810  1.00 9.48  ? 117  VAL A CB  1 
ATOM   902  C  CG1 . VAL A 1 119 ? -3.612  -4.573  -6.263  1.00 11.14 ? 117  VAL A CG1 1 
ATOM   903  C  CG2 . VAL A 1 119 ? -4.541  -3.139  -4.362  1.00 9.62  ? 117  VAL A CG2 1 
ATOM   904  N  N   . ARG A 1 120 ? -1.655  -4.874  -2.209  1.00 9.53  ? 118  ARG A N   1 
ATOM   905  C  CA  . ARG A 1 120 ? -1.213  -4.344  -0.912  1.00 9.33  ? 118  ARG A CA  1 
ATOM   906  C  C   . ARG A 1 120 ? 0.205   -3.827  -0.993  1.00 11.00 ? 118  ARG A C   1 
ATOM   907  O  O   . ARG A 1 120 ? 0.951   -4.121  -1.935  1.00 11.63 ? 118  ARG A O   1 
ATOM   908  C  CB  . ARG A 1 120 ? -1.226  -5.430  0.178   1.00 9.85  ? 118  ARG A CB  1 
ATOM   909  C  CG  . ARG A 1 120 ? -0.113  -6.491  0.025   1.00 9.77  ? 118  ARG A CG  1 
ATOM   910  C  CD  . ARG A 1 120 ? -0.261  -7.517  1.176   1.00 11.92 ? 118  ARG A CD  1 
ATOM   911  N  NE  . ARG A 1 120 ? 0.683   -8.641  1.060   1.00 9.94  ? 118  ARG A NE  1 
ATOM   912  C  CZ  . ARG A 1 120 ? 0.739   -9.630  1.960   1.00 12.59 ? 118  ARG A CZ  1 
ATOM   913  N  NH1 . ARG A 1 120 ? -0.054  -9.617  3.059   1.00 12.21 ? 118  ARG A NH1 1 
ATOM   914  N  NH2 . ARG A 1 120 ? 1.640   -10.589 1.808   1.00 10.50 ? 118  ARG A NH2 1 
ATOM   915  N  N   . TYR A 1 121 ? 0.541   -3.060  0.043   1.00 10.37 ? 119  TYR A N   1 
ATOM   916  C  CA  . TYR A 1 121 ? 1.893   -2.676  0.336   1.00 10.56 ? 119  TYR A CA  1 
ATOM   917  C  C   . TYR A 1 121 ? 2.322   -3.563  1.528   1.00 11.52 ? 119  TYR A C   1 
ATOM   918  O  O   . TYR A 1 121 ? 1.599   -3.654  2.518   1.00 10.41 ? 119  TYR A O   1 
ATOM   919  C  CB  . TYR A 1 121 ? 1.871   -1.205  0.765   1.00 9.67  ? 119  TYR A CB  1 
ATOM   920  C  CG  . TYR A 1 121 ? 3.189   -0.736  1.324   1.00 9.55  ? 119  TYR A CG  1 
ATOM   921  C  CD1 . TYR A 1 121 ? 4.337   -0.731  0.518   1.00 9.17  ? 119  TYR A CD1 1 
ATOM   922  C  CD2 . TYR A 1 121 ? 3.283   -0.324  2.658   1.00 10.54 ? 119  TYR A CD2 1 
ATOM   923  C  CE1 . TYR A 1 121 ? 5.572   -0.304  1.054   1.00 9.08  ? 119  TYR A CE1 1 
ATOM   924  C  CE2 . TYR A 1 121 ? 4.526   0.107   3.196   1.00 8.55  ? 119  TYR A CE2 1 
ATOM   925  C  CZ  . TYR A 1 121 ? 5.642   0.086   2.357   1.00 10.32 ? 119  TYR A CZ  1 
ATOM   926  O  OH  . TYR A 1 121 ? 6.830   0.494   2.878   1.00 10.57 ? 119  TYR A OH  1 
ATOM   927  N  N   . LEU A 1 122 ? 3.495   -4.197  1.406   1.00 10.65 ? 120  LEU A N   1 
ATOM   928  C  CA  . LEU A 1 122 ? 4.025   -5.123  2.427   1.00 10.55 ? 120  LEU A CA  1 
ATOM   929  C  C   . LEU A 1 122 ? 5.304   -4.467  2.941   1.00 10.98 ? 120  LEU A C   1 
ATOM   930  O  O   . LEU A 1 122 ? 6.305   -4.367  2.222   1.00 11.88 ? 120  LEU A O   1 
ATOM   931  C  CB  . LEU A 1 122 ? 4.296   -6.497  1.760   1.00 10.71 ? 120  LEU A CB  1 
ATOM   932  C  CG  . LEU A 1 122 ? 4.721   -7.589  2.759   1.00 12.74 ? 120  LEU A CG  1 
ATOM   933  C  CD1 . LEU A 1 122 ? 3.491   -7.929  3.667   1.00 9.39  ? 120  LEU A CD1 1 
ATOM   934  C  CD2 . LEU A 1 122 ? 5.143   -8.789  1.910   1.00 12.32 ? 120  LEU A CD2 1 
ATOM   935  N  N   . SER A 1 123 ? 5.251   -3.975  4.179   1.00 10.35 ? 121  SER A N   1 
ATOM   936  C  CA  . SER A 1 123 ? 6.310   -3.112  4.699   1.00 10.76 ? 121  SER A CA  1 
ATOM   937  C  C   . SER A 1 123 ? 7.522   -3.903  5.218   1.00 11.45 ? 121  SER A C   1 
ATOM   938  O  O   . SER A 1 123 ? 7.404   -5.063  5.679   1.00 11.17 ? 121  SER A O   1 
ATOM   939  C  CB  . SER A 1 123 ? 5.749   -2.230  5.819   1.00 11.05 ? 121  SER A CB  1 
ATOM   940  O  OG  . SER A 1 123 ? 5.487   -3.025  6.959   1.00 11.98 ? 121  SER A OG  1 
ATOM   941  N  N   . PRO A 1 124 ? 8.701   -3.288  5.153   1.00 10.79 ? 122  PRO A N   1 
ATOM   942  C  CA  . PRO A 1 124 ? 9.906   -4.004  5.534   1.00 10.44 ? 122  PRO A CA  1 
ATOM   943  C  C   . PRO A 1 124 ? 10.125  -3.995  7.050   1.00 11.77 ? 122  PRO A C   1 
ATOM   944  O  O   . PRO A 1 124 ? 9.470   -3.256  7.767   1.00 11.79 ? 122  PRO A O   1 
ATOM   945  C  CB  . PRO A 1 124 ? 11.004  -3.211  4.830   1.00 11.01 ? 122  PRO A CB  1 
ATOM   946  C  CG  . PRO A 1 124 ? 10.497  -1.750  4.917   1.00 9.99  ? 122  PRO A CG  1 
ATOM   947  C  CD  . PRO A 1 124 ? 8.973   -1.907  4.665   1.00 9.67  ? 122  PRO A CD  1 
ATOM   948  N  N   . ASP A 1 125 ? 10.974  -4.873  7.547   1.00 11.63 ? 123  ASP A N   1 
ATOM   949  C  CA  . ASP A 1 125 ? 11.215  -4.906  8.982   1.00 11.66 ? 123  ASP A CA  1 
ATOM   950  C  C   . ASP A 1 125 ? 11.667  -3.560  9.509   1.00 11.80 ? 123  ASP A C   1 
ATOM   951  O  O   . ASP A 1 125 ? 12.404  -2.819  8.819   1.00 12.90 ? 123  ASP A O   1 
ATOM   952  C  CB  . ASP A 1 125 ? 12.273  -5.950  9.355   1.00 11.81 ? 123  ASP A CB  1 
ATOM   953  C  CG  . ASP A 1 125 ? 11.762  -7.393  9.220   1.00 10.70 ? 123  ASP A CG  1 
ATOM   954  O  OD1 . ASP A 1 125 ? 10.556  -7.648  8.963   1.00 11.92 ? 123  ASP A OD1 1 
ATOM   955  O  OD2 . ASP A 1 125 ? 12.600  -8.311  9.424   1.00 12.90 ? 123  ASP A OD2 1 
ATOM   956  N  N   . GLY A 1 126 ? 11.186  -3.257  10.709  1.00 12.53 ? 124  GLY A N   1 
ATOM   957  C  CA  . GLY A 1 126 ? 11.574  -2.045  11.416  1.00 12.96 ? 124  GLY A CA  1 
ATOM   958  C  C   . GLY A 1 126 ? 10.783  -0.815  10.975  1.00 13.10 ? 124  GLY A C   1 
ATOM   959  O  O   . GLY A 1 126 ? 11.112  0.297   11.399  1.00 13.10 ? 124  GLY A O   1 
ATOM   960  N  N   . SER A 1 127 ? 9.759   -0.980  10.127  1.00 11.87 ? 125  SER A N   1 
ATOM   961  C  CA  . SER A 1 127 ? 9.071   0.190   9.557   1.00 10.67 ? 125  SER A CA  1 
ATOM   962  C  C   . SER A 1 127 ? 7.807   0.555   10.325  1.00 11.63 ? 125  SER A C   1 
ATOM   963  O  O   . SER A 1 127 ? 7.300   1.677   10.101  1.00 10.18 ? 125  SER A O   1 
ATOM   964  C  CB  . SER A 1 127 ? 8.608   -0.115  8.121   1.00 10.63 ? 125  SER A CB  1 
ATOM   965  O  OG  . SER A 1 127 ? 7.737   -1.247  8.129   1.00 11.00 ? 125  SER A OG  1 
ATOM   966  N  N   . ASN A 1 128 ? 7.267   -0.366  11.141  1.00 11.16 ? 126  ASN A N   1 
ATOM   967  C  CA  . ASN A 1 128 ? 5.842   -0.165  11.650  1.00 11.48 ? 126  ASN A CA  1 
ATOM   968  C  C   . ASN A 1 128 ? 4.884   0.160   10.500  1.00 10.19 ? 126  ASN A C   1 
ATOM   969  O  O   . ASN A 1 128 ? 3.880   0.879   10.677  1.00 11.00 ? 126  ASN A O   1 
ATOM   970  C  CB  . ASN A 1 128 ? 5.747   0.948   12.729  1.00 11.67 ? 126  ASN A CB  1 
ATOM   971  C  CG  . ASN A 1 128 ? 6.262   0.475   14.086  1.00 14.61 ? 126  ASN A CG  1 
ATOM   972  O  OD1 . ASN A 1 128 ? 5.476   0.262   15.038  1.00 17.96 ? 126  ASN A OD1 1 
ATOM   973  N  ND2 . ASN A 1 128 ? 7.541   0.241   14.162  1.00 9.73  ? 126  ASN A ND2 1 
ATOM   974  N  N   . GLY A 1 129 ? 5.155   -0.397  9.319   1.00 9.94  ? 127  GLY A N   1 
ATOM   975  C  CA  . GLY A 1 129 ? 4.277   -0.180  8.160   1.00 9.49  ? 127  GLY A CA  1 
ATOM   976  C  C   . GLY A 1 129 ? 4.184   1.294   7.687   1.00 11.13 ? 127  GLY A C   1 
ATOM   977  O  O   . GLY A 1 129 ? 3.329   1.615   6.900   1.00 11.93 ? 127  GLY A O   1 
ATOM   978  N  N   . ASN A 1 130 ? 5.026   2.173   8.205   1.00 10.36 ? 128  ASN A N   1 
ATOM   979  C  CA  . ASN A 1 130 ? 4.853   3.619   7.999   1.00 10.40 ? 128  ASN A CA  1 
ATOM   980  C  C   . ASN A 1 130 ? 4.679   4.013   6.554   1.00 10.53 ? 128  ASN A C   1 
ATOM   981  O  O   . ASN A 1 130 ? 5.590   3.842   5.736   1.00 11.31 ? 128  ASN A O   1 
ATOM   982  C  CB  . ASN A 1 130 ? 5.949   4.446   8.642   1.00 10.07 ? 128  ASN A CB  1 
ATOM   983  C  CG  . ASN A 1 130 ? 5.808   4.536   10.145  1.00 13.03 ? 128  ASN A CG  1 
ATOM   984  O  OD1 . ASN A 1 130 ? 4.875   3.964   10.794  1.00 15.48 ? 128  ASN A OD1 1 
ATOM   985  N  ND2 . ASN A 1 130 ? 6.709   5.244   10.714  1.00 6.97  ? 128  ASN A ND2 1 
ATOM   986  N  N   . ILE A 1 131 ? 3.543   4.649   6.302   1.00 10.47 ? 129  ILE A N   1 
ATOM   987  C  CA  . ILE A 1 131 ? 3.260   5.196   4.981   1.00 9.55  ? 129  ILE A CA  1 
ATOM   988  C  C   . ILE A 1 131 ? 2.161   6.209   5.180   1.00 10.12 ? 129  ILE A C   1 
ATOM   989  O  O   . ILE A 1 131 ? 1.249   5.991   5.990   1.00 11.20 ? 129  ILE A O   1 
ATOM   990  C  CB  . ILE A 1 131 ? 2.806   4.046   3.998   1.00 9.95  ? 129  ILE A CB  1 
ATOM   991  C  CG1 . ILE A 1 131 ? 2.514   4.553   2.587   1.00 9.70  ? 129  ILE A CG1 1 
ATOM   992  C  CG2 . ILE A 1 131 ? 1.563   3.221   4.589   1.00 9.92  ? 129  ILE A CG2 1 
ATOM   993  C  CD1 . ILE A 1 131 ? 2.202   3.402   1.564   1.00 9.05  ? 129  ILE A CD1 1 
ATOM   994  N  N   . ALA A 1 132 ? 2.209   7.322   4.460   1.00 8.86  ? 130  ALA A N   1 
ATOM   995  C  CA  . ALA A 1 132 ? 1.147   8.330   4.632   1.00 9.42  ? 130  ALA A CA  1 
ATOM   996  C  C   . ALA A 1 132 ? 0.003   8.180   3.689   1.00 9.90  ? 130  ALA A C   1 
ATOM   997  O  O   . ALA A 1 132 ? -1.132  8.502   4.035   1.00 10.19 ? 130  ALA A O   1 
ATOM   998  C  CB  . ALA A 1 132 ? 1.731   9.811   4.479   1.00 9.48  ? 130  ALA A CB  1 
ATOM   999  N  N   . GLU A 1 133 ? 0.271   7.741   2.470   1.00 9.38  ? 131  GLU A N   1 
ATOM   1000 C  CA  . GLU A 1 133 ? -0.833  7.647   1.526   1.00 10.07 ? 131  GLU A CA  1 
ATOM   1001 C  C   . GLU A 1 133 ? -0.493  6.616   0.467   1.00 10.37 ? 131  GLU A C   1 
ATOM   1002 O  O   . GLU A 1 133 ? 0.665   6.468   0.050   1.00 11.18 ? 131  GLU A O   1 
ATOM   1003 C  CB  . GLU A 1 133 ? -1.067  9.045   0.837   1.00 10.94 ? 131  GLU A CB  1 
ATOM   1004 C  CG  . GLU A 1 133 ? -2.487  9.166   0.268   1.00 12.30 ? 131  GLU A CG  1 
ATOM   1005 C  CD  . GLU A 1 133 ? -3.584  9.333   1.320   1.00 10.20 ? 131  GLU A CD  1 
ATOM   1006 O  OE1 . GLU A 1 133 ? -3.322  9.716   2.502   1.00 12.55 ? 131  GLU A OE1 1 
ATOM   1007 O  OE2 . GLU A 1 133 ? -4.730  9.097   0.931   1.00 13.48 ? 131  GLU A OE2 1 
ATOM   1008 N  N   . LEU A 1 134 ? -1.520  5.928   -0.002  1.00 10.87 ? 132  LEU A N   1 
ATOM   1009 C  CA  . LEU A 1 134 ? -1.327  4.817   -0.927  1.00 10.98 ? 132  LEU A CA  1 
ATOM   1010 C  C   . LEU A 1 134 ? -2.459  4.815   -1.908  1.00 10.42 ? 132  LEU A C   1 
ATOM   1011 O  O   . LEU A 1 134 ? -3.638  4.851   -1.490  1.00 11.78 ? 132  LEU A O   1 
ATOM   1012 C  CB  . LEU A 1 134 ? -1.349  3.487   -0.112  1.00 10.34 ? 132  LEU A CB  1 
ATOM   1013 C  CG  . LEU A 1 134 ? -1.311  2.211   -0.975  1.00 11.02 ? 132  LEU A CG  1 
ATOM   1014 C  CD1 . LEU A 1 134 ? -0.038  2.174   -1.825  1.00 12.37 ? 132  LEU A CD1 1 
ATOM   1015 C  CD2 . LEU A 1 134 ? -1.370  0.961   -0.029  1.00 11.63 ? 132  LEU A CD2 1 
ATOM   1016 N  N   . GLN A 1 135 ? -2.145  4.750   -3.201  1.00 11.47 ? 133  GLN A N   1 
ATOM   1017 C  CA  . GLN A 1 135 ? -3.150  4.789   -4.252  1.00 10.93 ? 133  GLN A CA  1 
ATOM   1018 C  C   . GLN A 1 135 ? -2.808  3.839   -5.377  1.00 10.94 ? 133  GLN A C   1 
ATOM   1019 O  O   . GLN A 1 135 ? -1.621  3.684   -5.744  1.00 11.32 ? 133  GLN A O   1 
ATOM   1020 C  CB  . GLN A 1 135 ? -3.280  6.215   -4.871  1.00 11.18 ? 133  GLN A CB  1 
ATOM   1021 C  CG  . GLN A 1 135 ? -3.462  7.282   -3.815  1.00 12.21 ? 133  GLN A CG  1 
ATOM   1022 C  CD  . GLN A 1 135 ? -3.631  8.659   -4.452  1.00 15.14 ? 133  GLN A CD  1 
ATOM   1023 O  OE1 . GLN A 1 135 ? -3.074  8.908   -5.516  1.00 14.23 ? 133  GLN A OE1 1 
ATOM   1024 N  NE2 . GLN A 1 135 ? -4.396  9.536   -3.799  1.00 13.53 ? 133  GLN A NE2 1 
ATOM   1025 N  N   . PHE A 1 136 ? -3.843  3.207   -5.909  1.00 11.28 ? 134  PHE A N   1 
ATOM   1026 C  CA  . PHE A 1 136 ? -3.651  2.312   -7.032  1.00 12.04 ? 134  PHE A CA  1 
ATOM   1027 C  C   . PHE A 1 136 ? -4.451  2.803   -8.200  1.00 11.66 ? 134  PHE A C   1 
ATOM   1028 O  O   . PHE A 1 136 ? -5.610  3.219   -8.018  1.00 13.45 ? 134  PHE A O   1 
ATOM   1029 C  CB  . PHE A 1 136 ? -4.125  0.870   -6.679  1.00 12.56 ? 134  PHE A CB  1 
ATOM   1030 C  CG  . PHE A 1 136 ? -3.326  0.250   -5.574  1.00 11.72 ? 134  PHE A CG  1 
ATOM   1031 C  CD1 . PHE A 1 136 ? -3.684  0.469   -4.248  1.00 14.26 ? 134  PHE A CD1 1 
ATOM   1032 C  CD2 . PHE A 1 136 ? -2.150  -0.477  -5.860  1.00 12.33 ? 134  PHE A CD2 1 
ATOM   1033 C  CE1 . PHE A 1 136 ? -2.937  -0.127  -3.192  1.00 15.12 ? 134  PHE A CE1 1 
ATOM   1034 C  CE2 . PHE A 1 136 ? -1.382  -1.056  -4.795  1.00 13.66 ? 134  PHE A CE2 1 
ATOM   1035 C  CZ  . PHE A 1 136 ? -1.776  -0.864  -3.478  1.00 14.86 ? 134  PHE A CZ  1 
ATOM   1036 N  N   . PHE A 1 137 ? -3.875  2.657   -9.405  1.00 12.97 ? 135  PHE A N   1 
ATOM   1037 C  CA  . PHE A 1 137 ? -4.586  3.076   -10.616 1.00 14.07 ? 135  PHE A CA  1 
ATOM   1038 C  C   . PHE A 1 137 ? -4.631  1.943   -11.591 1.00 13.90 ? 135  PHE A C   1 
ATOM   1039 O  O   . PHE A 1 137 ? -3.707  1.147   -11.656 1.00 13.94 ? 135  PHE A O   1 
ATOM   1040 C  CB  . PHE A 1 137 ? -3.862  4.266   -11.271 1.00 15.02 ? 135  PHE A CB  1 
ATOM   1041 C  CG  . PHE A 1 137 ? -3.841  5.470   -10.368 1.00 13.55 ? 135  PHE A CG  1 
ATOM   1042 C  CD1 . PHE A 1 137 ? -2.981  5.503   -9.280  1.00 13.99 ? 135  PHE A CD1 1 
ATOM   1043 C  CD2 . PHE A 1 137 ? -4.750  6.510   -10.576 1.00 15.40 ? 135  PHE A CD2 1 
ATOM   1044 C  CE1 . PHE A 1 137 ? -2.989  6.591   -8.396  1.00 14.95 ? 135  PHE A CE1 1 
ATOM   1045 C  CE2 . PHE A 1 137 ? -4.756  7.594   -9.703  1.00 18.33 ? 135  PHE A CE2 1 
ATOM   1046 C  CZ  . PHE A 1 137 ? -3.889  7.602   -8.600  1.00 14.31 ? 135  PHE A CZ  1 
ATOM   1047 N  N   . GLY A 1 138 ? -5.691  1.907   -12.372 1.00 15.10 ? 136  GLY A N   1 
ATOM   1048 C  CA  . GLY A 1 138 ? -5.747  0.920   -13.421 1.00 17.09 ? 136  GLY A CA  1 
ATOM   1049 C  C   . GLY A 1 138 ? -7.128  0.786   -14.003 1.00 19.41 ? 136  GLY A C   1 
ATOM   1050 O  O   . GLY A 1 138 ? -7.959  1.723   -13.968 1.00 19.12 ? 136  GLY A O   1 
ATOM   1051 N  N   . THR A 1 139 ? -7.397  -0.412  -14.509 1.00 19.19 ? 137  THR A N   1 
ATOM   1052 C  CA  . THR A 1 139 ? -8.543  -0.599  -15.381 1.00 21.73 ? 137  THR A CA  1 
ATOM   1053 C  C   . THR A 1 139 ? -9.155  -2.017  -15.147 1.00 21.85 ? 137  THR A C   1 
ATOM   1054 O  O   . THR A 1 139 ? -8.410  -2.941  -14.848 1.00 19.65 ? 137  THR A O   1 
ATOM   1055 C  CB  . THR A 1 139 ? -8.100  -0.396  -16.836 1.00 23.06 ? 137  THR A CB  1 
ATOM   1056 O  OG1 . THR A 1 139 ? -9.259  -0.295  -17.655 1.00 29.71 ? 137  THR A OG1 1 
ATOM   1057 C  CG2 . THR A 1 139 ? -7.205  -1.511  -17.348 1.00 22.91 ? 137  THR A CG2 1 
ATOM   1058 N  N   . PRO A 1 140 ? -10.488 -2.163  -15.261 1.00 22.52 ? 138  PRO A N   1 
ATOM   1059 C  CA  . PRO A 1 140 ? -11.082 -3.480  -15.054 1.00 23.73 ? 138  PRO A CA  1 
ATOM   1060 C  C   . PRO A 1 140 ? -10.460 -4.478  -16.014 1.00 24.98 ? 138  PRO A C   1 
ATOM   1061 O  O   . PRO A 1 140 ? -10.155 -4.140  -17.191 1.00 22.92 ? 138  PRO A O   1 
ATOM   1062 C  CB  . PRO A 1 140 ? -12.588 -3.259  -15.372 1.00 25.36 ? 138  PRO A CB  1 
ATOM   1063 C  CG  . PRO A 1 140 ? -12.817 -1.770  -15.186 1.00 24.43 ? 138  PRO A CG  1 
ATOM   1064 C  CD  . PRO A 1 140 ? -11.510 -1.146  -15.613 1.00 24.21 ? 138  PRO A CD  1 
ATOM   1065 N  N   . ALA A 1 141 ? -10.224 -5.698  -15.518 1.00 24.92 ? 139  ALA A N   1 
ATOM   1066 C  CA  . ALA A 1 141 ? -9.576  -6.700  -16.332 1.00 27.68 ? 139  ALA A CA  1 
ATOM   1067 C  C   . ALA A 1 141 ? -10.560 -7.101  -17.443 1.00 29.74 ? 139  ALA A C   1 
ATOM   1068 O  O   . ALA A 1 141 ? -11.754 -7.228  -17.178 1.00 29.34 ? 139  ALA A O   1 
ATOM   1069 C  CB  . ALA A 1 141 ? -9.189  -7.931  -15.476 1.00 27.42 ? 139  ALA A CB  1 
ATOM   1070 N  N   . GLY A 1 142 ? -10.055 -7.261  -18.664 1.00 33.16 ? 140  GLY A N   1 
ATOM   1071 C  CA  . GLY A 1 142 ? -10.914 -7.547  -19.840 1.00 37.04 ? 140  GLY A CA  1 
ATOM   1072 C  C   . GLY A 1 142 ? -11.416 -8.986  -19.796 1.00 39.55 ? 140  GLY A C   1 
ATOM   1073 O  O   . GLY A 1 142 ? -10.620 -9.940  -19.929 1.00 42.23 ? 140  GLY A O   1 
HETATM 1074 C  C1  . BMA B 2 .   ? 10.523  8.122   21.457  1.00 58.02 ? 1    BMA B C1  1 
HETATM 1075 C  C2  . BMA B 2 .   ? 9.476   7.496   22.416  1.00 57.95 ? 1    BMA B C2  1 
HETATM 1076 C  C3  . BMA B 2 .   ? 9.408   5.974   22.258  1.00 56.76 ? 1    BMA B C3  1 
HETATM 1077 C  C4  . BMA B 2 .   ? 9.288   5.548   20.784  1.00 53.23 ? 1    BMA B C4  1 
HETATM 1078 C  C5  . BMA B 2 .   ? 10.377  6.221   19.929  1.00 49.57 ? 1    BMA B C5  1 
HETATM 1079 C  C6  . BMA B 2 .   ? 10.222  5.930   18.437  1.00 37.00 ? 1    BMA B C6  1 
HETATM 1080 O  O1  . BMA B 2 .   ? 10.499  9.568   21.475  1.00 58.62 ? 1    BMA B O1  1 
HETATM 1081 O  O2  . BMA B 2 .   ? 8.141   8.024   22.228  1.00 57.68 ? 1    BMA B O2  1 
HETATM 1082 O  O3  . BMA B 2 .   ? 8.255   5.501   22.966  1.00 58.29 ? 1    BMA B O3  1 
HETATM 1083 O  O4  . BMA B 2 .   ? 9.341   4.107   20.665  1.00 56.64 ? 1    BMA B O4  1 
HETATM 1084 O  O5  . BMA B 2 .   ? 10.338  7.659   20.094  1.00 55.45 ? 1    BMA B O5  1 
HETATM 1085 O  O6  . BMA B 2 .   ? 8.955   6.440   17.971  1.00 24.94 ? 1    BMA B O6  1 
HETATM 1086 C  C1  . GLA B 2 .   ? 8.920   6.285   16.523  1.00 18.96 ? 2    GLA B C1  1 
HETATM 1087 C  C2  . GLA B 2 .   ? 7.715   6.988   15.941  1.00 18.71 ? 2    GLA B C2  1 
HETATM 1088 C  C3  . GLA B 2 .   ? 6.455   6.269   16.449  1.00 16.47 ? 2    GLA B C3  1 
HETATM 1089 C  C4  . GLA B 2 .   ? 6.471   4.786   16.087  1.00 16.88 ? 2    GLA B C4  1 
HETATM 1090 C  C5  . GLA B 2 .   ? 7.728   4.211   16.735  1.00 16.13 ? 2    GLA B C5  1 
HETATM 1091 C  C6  . GLA B 2 .   ? 7.869   2.728   16.403  1.00 19.92 ? 2    GLA B C6  1 
HETATM 1092 O  O2  . GLA B 2 .   ? 7.660   8.381   16.336  1.00 19.57 ? 2    GLA B O2  1 
HETATM 1093 O  O3  . GLA B 2 .   ? 5.343   6.887   15.828  1.00 15.51 ? 2    GLA B O3  1 
HETATM 1094 O  O4  . GLA B 2 .   ? 6.514   4.537   14.642  1.00 14.74 ? 2    GLA B O4  1 
HETATM 1095 O  O5  . GLA B 2 .   ? 8.896   4.899   16.233  1.00 17.84 ? 2    GLA B O5  1 
HETATM 1096 O  O6  . GLA B 2 .   ? 9.005   2.310   17.131  1.00 18.69 ? 2    GLA B O6  1 
HETATM 1097 C  C1  . GOL C 3 .   ? -9.359  3.674   -2.305  1.00 29.77 ? 1143 GOL A C1  1 
HETATM 1098 O  O1  . GOL C 3 .   ? -9.513  4.548   -3.421  1.00 32.28 ? 1143 GOL A O1  1 
HETATM 1099 C  C2  . GOL C 3 .   ? -10.593 3.737   -1.420  1.00 30.30 ? 1143 GOL A C2  1 
HETATM 1100 O  O2  . GOL C 3 .   ? -11.741 3.142   -2.006  1.00 28.44 ? 1143 GOL A O2  1 
HETATM 1101 C  C3  . GOL C 3 .   ? -10.304 3.058   -0.100  1.00 29.08 ? 1143 GOL A C3  1 
HETATM 1102 O  O3  . GOL C 3 .   ? -11.331 3.460   0.768   1.00 32.87 ? 1143 GOL A O3  1 
HETATM 1103 CA CA  . CA  D 4 .   ? -2.930  9.940   4.759   1.00 12.22 ? 1144 CA  A CA  1 
HETATM 1104 O  O   . HOH E 5 .   ? -11.768 3.273   -11.032 1.00 39.92 ? 2001 HOH A O   1 
HETATM 1105 O  O   . HOH E 5 .   ? -6.349  3.432   -4.759  1.00 15.57 ? 2002 HOH A O   1 
HETATM 1106 O  O   . HOH E 5 .   ? -10.112 -6.400  7.417   1.00 33.02 ? 2003 HOH A O   1 
HETATM 1107 O  O   . HOH E 5 .   ? -12.428 1.229   -8.796  1.00 23.87 ? 2004 HOH A O   1 
HETATM 1108 O  O   . HOH E 5 .   ? -13.856 -2.168  -6.546  1.00 21.25 ? 2005 HOH A O   1 
HETATM 1109 O  O   . HOH E 5 .   ? -12.371 -1.472  -8.617  1.00 28.80 ? 2006 HOH A O   1 
HETATM 1110 O  O   . HOH E 5 .   ? -7.776  -9.117  4.613   1.00 34.49 ? 2007 HOH A O   1 
HETATM 1111 O  O   . HOH E 5 .   ? -0.301  -7.120  15.067  1.00 34.61 ? 2008 HOH A O   1 
HETATM 1112 O  O   . HOH E 5 .   ? -6.620  -2.665  18.150  0.50 39.72 ? 2009 HOH A O   1 
HETATM 1113 O  O   . HOH E 5 .   ? -14.506 -4.615  -1.630  1.00 24.82 ? 2010 HOH A O   1 
HETATM 1114 O  O   . HOH E 5 .   ? 0.570   7.754   24.058  1.00 36.13 ? 2011 HOH A O   1 
HETATM 1115 O  O   . HOH E 5 .   ? -12.752 0.454   3.358   1.00 20.80 ? 2012 HOH A O   1 
HETATM 1116 O  O   . HOH E 5 .   ? -12.120 -1.757  5.888   1.00 25.76 ? 2013 HOH A O   1 
HETATM 1117 O  O   . HOH E 5 .   ? -9.606  -3.880  7.351   1.00 25.86 ? 2014 HOH A O   1 
HETATM 1118 O  O   . HOH E 5 .   ? -3.261  11.812  16.096  1.00 38.40 ? 2015 HOH A O   1 
HETATM 1119 O  O   . HOH E 5 .   ? 0.158   13.204  13.696  1.00 32.79 ? 2016 HOH A O   1 
HETATM 1120 O  O   . HOH E 5 .   ? 1.845   9.046   17.484  1.00 22.56 ? 2017 HOH A O   1 
HETATM 1121 O  O   . HOH E 5 .   ? -7.754  -7.080  6.630   1.00 17.73 ? 2018 HOH A O   1 
HETATM 1122 O  O   . HOH E 5 .   ? -6.211  -8.276  8.812   1.00 33.70 ? 2019 HOH A O   1 
HETATM 1123 O  O   . HOH E 5 .   ? -13.925 3.413   6.148   1.00 40.06 ? 2020 HOH A O   1 
HETATM 1124 O  O   . HOH E 5 .   ? -4.800  -0.616  11.307  1.00 12.08 ? 2021 HOH A O   1 
HETATM 1125 O  O   . HOH E 5 .   ? -0.019  -7.585  10.267  1.00 22.77 ? 2022 HOH A O   1 
HETATM 1126 O  O   . HOH E 5 .   ? -3.796  -7.520  12.205  1.00 17.89 ? 2023 HOH A O   1 
HETATM 1127 O  O   . HOH E 5 .   ? -2.589  -6.196  14.776  1.00 29.37 ? 2024 HOH A O   1 
HETATM 1128 O  O   . HOH E 5 .   ? -9.710  -2.154  9.243   1.00 17.95 ? 2025 HOH A O   1 
HETATM 1129 O  O   . HOH E 5 .   ? -11.467 -4.084  10.673  1.00 26.54 ? 2026 HOH A O   1 
HETATM 1130 O  O   . HOH E 5 .   ? -9.760  -5.349  14.047  1.00 28.96 ? 2027 HOH A O   1 
HETATM 1131 O  O   . HOH E 5 .   ? -5.728  1.475   17.368  1.00 22.26 ? 2028 HOH A O   1 
HETATM 1132 O  O   . HOH E 5 .   ? -3.222  -1.433  18.378  1.00 21.30 ? 2029 HOH A O   1 
HETATM 1133 O  O   . HOH E 5 .   ? -1.282  -1.315  20.145  1.00 29.89 ? 2030 HOH A O   1 
HETATM 1134 O  O   . HOH E 5 .   ? -1.035  5.135   16.195  1.00 11.71 ? 2031 HOH A O   1 
HETATM 1135 O  O   . HOH E 5 .   ? 1.872   -0.529  19.711  1.00 20.47 ? 2032 HOH A O   1 
HETATM 1136 O  O   . HOH E 5 .   ? -1.011  5.432   24.184  1.00 23.00 ? 2033 HOH A O   1 
HETATM 1137 O  O   . HOH E 5 .   ? 2.521   7.562   22.289  1.00 40.22 ? 2034 HOH A O   1 
HETATM 1138 O  O   . HOH E 5 .   ? 6.009   3.987   23.463  1.00 45.47 ? 2035 HOH A O   1 
HETATM 1139 O  O   . HOH E 5 .   ? 12.325  -3.353  15.731  1.00 38.56 ? 2036 HOH A O   1 
HETATM 1140 O  O   . HOH E 5 .   ? -5.301  -0.649  18.636  1.00 33.44 ? 2037 HOH A O   1 
HETATM 1141 O  O   . HOH E 5 .   ? -12.871 -6.970  4.032   1.00 41.83 ? 2038 HOH A O   1 
HETATM 1142 O  O   . HOH E 5 .   ? -13.867 -10.670 1.994   1.00 36.73 ? 2039 HOH A O   1 
HETATM 1143 O  O   . HOH E 5 .   ? -5.470  9.985   18.128  1.00 22.53 ? 2040 HOH A O   1 
HETATM 1144 O  O   . HOH E 5 .   ? -7.468  8.174   14.193  0.50 16.48 ? 2041 HOH A O   1 
HETATM 1145 O  O   . HOH E 5 .   ? -0.761  11.191  15.353  1.00 26.81 ? 2042 HOH A O   1 
HETATM 1146 O  O   . HOH E 5 .   ? 1.139   6.913   15.893  1.00 13.63 ? 2043 HOH A O   1 
HETATM 1147 O  O   . HOH E 5 .   ? -4.669  10.066  14.585  1.00 24.17 ? 2044 HOH A O   1 
HETATM 1148 O  O   . HOH E 5 .   ? -1.946  10.389  11.130  1.00 16.05 ? 2045 HOH A O   1 
HETATM 1149 O  O   . HOH E 5 .   ? -6.194  10.086  -11.997 1.00 30.71 ? 2046 HOH A O   1 
HETATM 1150 O  O   . HOH E 5 .   ? -9.507  6.503   4.839   1.00 19.03 ? 2047 HOH A O   1 
HETATM 1151 O  O   . HOH E 5 .   ? -11.095 3.948   4.859   1.00 39.06 ? 2048 HOH A O   1 
HETATM 1152 O  O   . HOH E 5 .   ? 2.678   13.353  13.986  1.00 33.16 ? 2049 HOH A O   1 
HETATM 1153 O  O   . HOH E 5 .   ? -7.356  11.330  10.787  1.00 28.53 ? 2050 HOH A O   1 
HETATM 1154 O  O   . HOH E 5 .   ? -8.233  10.399  8.342   1.00 33.81 ? 2051 HOH A O   1 
HETATM 1155 O  O   . HOH E 5 .   ? -7.788  6.791   -1.406  1.00 29.07 ? 2052 HOH A O   1 
HETATM 1156 O  O   . HOH E 5 .   ? -10.017 9.633   0.639   1.00 28.89 ? 2053 HOH A O   1 
HETATM 1157 O  O   . HOH E 5 .   ? -10.464 12.424  4.419   1.00 27.37 ? 2054 HOH A O   1 
HETATM 1158 O  O   . HOH E 5 .   ? -7.788  12.276  7.963   1.00 31.40 ? 2055 HOH A O   1 
HETATM 1159 O  O   . HOH E 5 .   ? 5.913   -13.486 -3.857  1.00 38.74 ? 2056 HOH A O   1 
HETATM 1160 O  O   . HOH E 5 .   ? -3.753  17.598  7.992   1.00 30.12 ? 2057 HOH A O   1 
HETATM 1161 O  O   . HOH E 5 .   ? -6.919  14.755  7.683   1.00 20.80 ? 2058 HOH A O   1 
HETATM 1162 O  O   . HOH E 5 .   ? 3.210   12.039  6.897   1.00 13.83 ? 2059 HOH A O   1 
HETATM 1163 O  O   . HOH E 5 .   ? 3.655   14.568  4.190   1.00 21.86 ? 2060 HOH A O   1 
HETATM 1164 O  O   . HOH E 5 .   ? -1.099  12.935  11.599  1.00 28.00 ? 2061 HOH A O   1 
HETATM 1165 O  O   . HOH E 5 .   ? 2.907   13.763  8.889   1.00 18.85 ? 2062 HOH A O   1 
HETATM 1166 O  O   . HOH E 5 .   ? 2.815   17.174  3.678   1.00 39.41 ? 2063 HOH A O   1 
HETATM 1167 O  O   . HOH E 5 .   ? 2.525   19.190  5.188   1.00 32.30 ? 2064 HOH A O   1 
HETATM 1168 O  O   . HOH E 5 .   ? 3.290   16.095  7.518   1.00 27.44 ? 2065 HOH A O   1 
HETATM 1169 O  O   . HOH E 5 .   ? 7.177   -15.261 -5.109  0.33 33.54 ? 2066 HOH A O   1 
HETATM 1170 O  O   . HOH E 5 .   ? 10.337  -9.801  -8.336  1.00 33.38 ? 2067 HOH A O   1 
HETATM 1171 O  O   . HOH E 5 .   ? 9.475   -2.127  -11.461 1.00 36.61 ? 2068 HOH A O   1 
HETATM 1172 O  O   . HOH E 5 .   ? 12.464  1.997   -9.715  1.00 40.52 ? 2069 HOH A O   1 
HETATM 1173 O  O   . HOH E 5 .   ? 10.277  4.159   -5.619  1.00 23.75 ? 2070 HOH A O   1 
HETATM 1174 O  O   . HOH E 5 .   ? 11.785  7.846   -5.444  1.00 28.74 ? 2071 HOH A O   1 
HETATM 1175 O  O   . HOH E 5 .   ? 1.527   -6.855  12.996  1.00 38.81 ? 2072 HOH A O   1 
HETATM 1176 O  O   . HOH E 5 .   ? 10.433  5.799   -8.082  1.00 32.31 ? 2073 HOH A O   1 
HETATM 1177 O  O   . HOH E 5 .   ? 7.321   -4.390  17.479  1.00 27.27 ? 2074 HOH A O   1 
HETATM 1178 O  O   . HOH E 5 .   ? 7.410   -6.815  15.115  1.00 15.76 ? 2075 HOH A O   1 
HETATM 1179 O  O   . HOH E 5 .   ? 6.000   -3.575  9.657   1.00 12.49 ? 2076 HOH A O   1 
HETATM 1180 O  O   . HOH E 5 .   ? 3.887   -8.996  13.170  1.00 41.98 ? 2077 HOH A O   1 
HETATM 1181 O  O   . HOH E 5 .   ? 5.854   -8.910  14.443  1.00 47.67 ? 2078 HOH A O   1 
HETATM 1182 O  O   . HOH E 5 .   ? 12.273  -4.688  13.513  1.00 22.56 ? 2079 HOH A O   1 
HETATM 1183 O  O   . HOH E 5 .   ? 13.340  -7.584  13.360  1.00 27.18 ? 2080 HOH A O   1 
HETATM 1184 O  O   . HOH E 5 .   ? 8.131   -6.321  8.293   1.00 11.38 ? 2081 HOH A O   1 
HETATM 1185 O  O   . HOH E 5 .   ? 6.854   -10.103 9.673   1.00 25.03 ? 2082 HOH A O   1 
HETATM 1186 O  O   . HOH E 5 .   ? 5.231   -6.521  6.344   1.00 12.64 ? 2083 HOH A O   1 
HETATM 1187 O  O   . HOH E 5 .   ? 2.488   -9.850  7.851   1.00 38.17 ? 2084 HOH A O   1 
HETATM 1188 O  O   . HOH E 5 .   ? -2.583  -9.970  8.634   1.00 34.65 ? 2085 HOH A O   1 
HETATM 1189 O  O   . HOH E 5 .   ? -14.828 -7.526  -0.279  1.00 29.89 ? 2086 HOH A O   1 
HETATM 1190 O  O   . HOH E 5 .   ? -11.755 -8.514  2.206   1.00 22.34 ? 2087 HOH A O   1 
HETATM 1191 O  O   . HOH E 5 .   ? -16.826 -4.238  -5.328  1.00 39.00 ? 2088 HOH A O   1 
HETATM 1192 O  O   . HOH E 5 .   ? -18.269 -7.362  -5.551  1.00 36.25 ? 2089 HOH A O   1 
HETATM 1193 O  O   . HOH E 5 .   ? -16.819 -8.526  -1.960  1.00 25.23 ? 2090 HOH A O   1 
HETATM 1194 O  O   . HOH E 5 .   ? -16.441 -15.078 -4.914  1.00 47.89 ? 2091 HOH A O   1 
HETATM 1195 O  O   . HOH E 5 .   ? -14.173 -13.186 -7.021  1.00 31.61 ? 2092 HOH A O   1 
HETATM 1196 O  O   . HOH E 5 .   ? -12.496 -11.181 -8.312  1.00 30.68 ? 2093 HOH A O   1 
HETATM 1197 O  O   . HOH E 5 .   ? -16.927 -10.934 -12.277 1.00 38.56 ? 2094 HOH A O   1 
HETATM 1198 O  O   . HOH E 5 .   ? -13.808 -6.550  -12.742 1.00 31.61 ? 2095 HOH A O   1 
HETATM 1199 O  O   . HOH E 5 .   ? -10.606 -10.969 -14.986 1.00 35.89 ? 2096 HOH A O   1 
HETATM 1200 O  O   . HOH E 5 .   ? -10.267 -12.915 -8.096  1.00 29.07 ? 2097 HOH A O   1 
HETATM 1201 O  O   . HOH E 5 .   ? -14.298 -0.056  -12.582 1.00 38.44 ? 2098 HOH A O   1 
HETATM 1202 O  O   . HOH E 5 .   ? -1.936  -5.700  -13.043 1.00 12.80 ? 2099 HOH A O   1 
HETATM 1203 O  O   . HOH E 5 .   ? -0.145  -3.211  -16.076 1.00 20.90 ? 2100 HOH A O   1 
HETATM 1204 O  O   . HOH E 5 .   ? 1.931   1.318   -16.789 1.00 38.06 ? 2101 HOH A O   1 
HETATM 1205 O  O   . HOH E 5 .   ? -2.086  4.589   -14.922 1.00 37.39 ? 2102 HOH A O   1 
HETATM 1206 O  O   . HOH E 5 .   ? 2.187   10.463  -12.524 1.00 40.49 ? 2103 HOH A O   1 
HETATM 1207 O  O   . HOH E 5 .   ? 4.132   6.632   -12.895 1.00 29.61 ? 2104 HOH A O   1 
HETATM 1208 O  O   . HOH E 5 .   ? -2.848  10.126  -12.170 1.00 45.76 ? 2105 HOH A O   1 
HETATM 1209 O  O   . HOH E 5 .   ? 6.906   10.241  -2.187  1.00 15.04 ? 2106 HOH A O   1 
HETATM 1210 O  O   . HOH E 5 .   ? 5.989   12.741  3.785   1.00 17.78 ? 2107 HOH A O   1 
HETATM 1211 O  O   . HOH E 5 .   ? 7.239   6.137   5.740   1.00 12.95 ? 2108 HOH A O   1 
HETATM 1212 O  O   . HOH E 5 .   ? 5.505   11.859  10.994  1.00 28.98 ? 2109 HOH A O   1 
HETATM 1213 O  O   . HOH E 5 .   ? 4.777   12.014  13.535  1.00 34.95 ? 2110 HOH A O   1 
HETATM 1214 O  O   . HOH E 5 .   ? 4.434   9.204   17.226  1.00 24.80 ? 2111 HOH A O   1 
HETATM 1215 O  O   . HOH E 5 .   ? 13.391  8.521   10.659  1.00 41.15 ? 2112 HOH A O   1 
HETATM 1216 O  O   . HOH E 5 .   ? 12.020  11.923  12.367  1.00 48.33 ? 2113 HOH A O   1 
HETATM 1217 O  O   . HOH E 5 .   ? 12.082  8.173   15.911  1.00 47.28 ? 2114 HOH A O   1 
HETATM 1218 O  O   . HOH E 5 .   ? 11.586  14.700  5.989   1.00 36.65 ? 2115 HOH A O   1 
HETATM 1219 O  O   . HOH E 5 .   ? 14.027  11.922  3.834   1.00 43.45 ? 2116 HOH A O   1 
HETATM 1220 O  O   . HOH E 5 .   ? 13.558  12.943  7.208   1.00 43.41 ? 2117 HOH A O   1 
HETATM 1221 O  O   . HOH E 5 .   ? 13.342  0.479   5.442   1.00 19.45 ? 2118 HOH A O   1 
HETATM 1222 O  O   . HOH E 5 .   ? 17.032  9.013   5.349   1.00 49.10 ? 2119 HOH A O   1 
HETATM 1223 O  O   . HOH E 5 .   ? 13.464  6.264   9.294   1.00 34.77 ? 2120 HOH A O   1 
HETATM 1224 O  O   . HOH E 5 .   ? 16.202  1.184   7.259   1.00 46.76 ? 2121 HOH A O   1 
HETATM 1225 O  O   . HOH E 5 .   ? 6.884   1.246   5.369   1.00 11.37 ? 2122 HOH A O   1 
HETATM 1226 O  O   . HOH E 5 .   ? 13.329  3.588   11.755  1.00 32.10 ? 2123 HOH A O   1 
HETATM 1227 O  O   . HOH E 5 .   ? 10.082  0.757   13.772  1.00 40.99 ? 2124 HOH A O   1 
HETATM 1228 O  O   . HOH E 5 .   ? 11.565  2.868   16.604  1.00 39.67 ? 2125 HOH A O   1 
HETATM 1229 O  O   . HOH E 5 .   ? 9.150   -5.549  2.645   1.00 18.42 ? 2126 HOH A O   1 
HETATM 1230 O  O   . HOH E 5 .   ? 11.979  -6.180  -0.208  1.00 12.84 ? 2127 HOH A O   1 
HETATM 1231 O  O   . HOH E 5 .   ? 5.463   -11.316 -4.237  1.00 17.92 ? 2128 HOH A O   1 
HETATM 1232 O  O   . HOH E 5 .   ? -10.412 -13.998 -6.220  1.00 34.26 ? 2129 HOH A O   1 
HETATM 1233 O  O   . HOH E 5 .   ? -1.630  -21.535 -0.105  1.00 30.27 ? 2130 HOH A O   1 
HETATM 1234 O  O   . HOH E 5 .   ? -4.719  -20.158 1.135   1.00 31.29 ? 2131 HOH A O   1 
HETATM 1235 O  O   . HOH E 5 .   ? -5.823  -11.288 4.729   1.00 40.92 ? 2132 HOH A O   1 
HETATM 1236 O  O   . HOH E 5 .   ? -11.812 -12.146 0.889   1.00 22.13 ? 2133 HOH A O   1 
HETATM 1237 O  O   . HOH E 5 .   ? -9.502  -9.933  2.977   1.00 24.14 ? 2134 HOH A O   1 
HETATM 1238 O  O   . HOH E 5 .   ? -12.289 -15.542 4.149   1.00 41.80 ? 2135 HOH A O   1 
HETATM 1239 O  O   . HOH E 5 .   ? -8.905  -17.071 2.862   1.00 27.92 ? 2136 HOH A O   1 
HETATM 1240 O  O   . HOH E 5 .   ? 1.087   -15.820 1.668   1.00 28.85 ? 2137 HOH A O   1 
HETATM 1241 O  O   . HOH E 5 .   ? -0.609  -13.750 4.256   1.00 34.71 ? 2138 HOH A O   1 
HETATM 1242 O  O   . HOH E 5 .   ? -3.999  -18.647 4.706   1.00 27.97 ? 2139 HOH A O   1 
HETATM 1243 O  O   . HOH E 5 .   ? -1.461  -19.889 2.129   1.00 32.00 ? 2140 HOH A O   1 
HETATM 1244 O  O   . HOH E 5 .   ? 3.398   -14.618 -1.509  1.00 34.12 ? 2141 HOH A O   1 
HETATM 1245 O  O   . HOH E 5 .   ? 3.272   -16.150 -5.027  1.00 26.56 ? 2142 HOH A O   1 
HETATM 1246 O  O   . HOH E 5 .   ? 2.458   -19.943 -2.868  1.00 18.92 ? 2143 HOH A O   1 
HETATM 1247 O  O   . HOH E 5 .   ? -1.008  -13.471 -9.094  1.00 15.02 ? 2144 HOH A O   1 
HETATM 1248 O  O   . HOH E 5 .   ? 5.769   -13.745 -6.327  1.00 32.59 ? 2145 HOH A O   1 
HETATM 1249 O  O   . HOH E 5 .   ? 6.923   -11.703 -7.602  1.00 17.64 ? 2146 HOH A O   1 
HETATM 1250 O  O   . HOH E 5 .   ? 4.781   -7.617  -11.811 1.00 19.78 ? 2147 HOH A O   1 
HETATM 1251 O  O   . HOH E 5 .   ? 8.624   -6.933  -9.572  1.00 39.01 ? 2148 HOH A O   1 
HETATM 1252 O  O   . HOH E 5 .   ? 9.466   -11.175 -6.320  1.00 23.65 ? 2149 HOH A O   1 
HETATM 1253 O  O   . HOH E 5 .   ? 9.450   -9.517  -4.223  1.00 17.32 ? 2150 HOH A O   1 
HETATM 1254 O  O   . HOH E 5 .   ? 6.852   -1.855  -11.896 1.00 37.27 ? 2151 HOH A O   1 
HETATM 1255 O  O   . HOH E 5 .   ? 5.195   -4.685  -12.288 1.00 30.69 ? 2152 HOH A O   1 
HETATM 1256 O  O   . HOH E 5 .   ? 10.137  -5.399  -8.125  1.00 19.91 ? 2153 HOH A O   1 
HETATM 1257 O  O   . HOH E 5 .   ? 10.395  -2.729  -8.803  1.00 21.39 ? 2154 HOH A O   1 
HETATM 1258 O  O   . HOH E 5 .   ? 12.594  0.231   -7.748  1.00 34.91 ? 2155 HOH A O   1 
HETATM 1259 O  O   . HOH E 5 .   ? 11.470  -7.522  -4.709  1.00 13.42 ? 2156 HOH A O   1 
HETATM 1260 O  O   . HOH E 5 .   ? 12.436  2.935   -5.602  1.00 20.45 ? 2157 HOH A O   1 
HETATM 1261 O  O   . HOH E 5 .   ? 17.694  -0.123  -1.342  1.00 33.00 ? 2158 HOH A O   1 
HETATM 1262 O  O   . HOH E 5 .   ? 11.048  5.955   -3.808  1.00 21.06 ? 2159 HOH A O   1 
HETATM 1263 O  O   . HOH E 5 .   ? 17.787  6.636   -2.100  1.00 33.90 ? 2160 HOH A O   1 
HETATM 1264 O  O   . HOH E 5 .   ? 14.285  11.336  -1.916  1.00 35.01 ? 2161 HOH A O   1 
HETATM 1265 O  O   . HOH E 5 .   ? 12.959  11.856  1.429   1.00 26.29 ? 2162 HOH A O   1 
HETATM 1266 O  O   . HOH E 5 .   ? 10.225  9.990   -4.622  1.00 25.34 ? 2163 HOH A O   1 
HETATM 1267 O  O   . HOH E 5 .   ? 12.433  14.348  0.553   1.00 30.22 ? 2164 HOH A O   1 
HETATM 1268 O  O   . HOH E 5 .   ? 9.502   15.813  -2.116  1.00 25.21 ? 2165 HOH A O   1 
HETATM 1269 O  O   . HOH E 5 .   ? 3.064   18.163  1.200   1.00 21.59 ? 2166 HOH A O   1 
HETATM 1270 O  O   . HOH E 5 .   ? 3.940   11.918  -8.849  1.00 28.25 ? 2167 HOH A O   1 
HETATM 1271 O  O   . HOH E 5 .   ? 6.978   10.236  -9.043  1.00 27.27 ? 2168 HOH A O   1 
HETATM 1272 O  O   . HOH E 5 .   ? 8.951   7.134   -9.662  1.00 32.54 ? 2169 HOH A O   1 
HETATM 1273 O  O   . HOH E 5 .   ? 8.158   3.569   -12.674 1.00 33.80 ? 2170 HOH A O   1 
HETATM 1274 O  O   . HOH E 5 .   ? 1.665   -11.998 -12.684 1.00 23.95 ? 2171 HOH A O   1 
HETATM 1275 O  O   . HOH E 5 .   ? -6.208  -9.514  -17.184 1.00 32.51 ? 2172 HOH A O   1 
HETATM 1276 O  O   . HOH E 5 .   ? -4.285  -7.033  -19.254 1.00 30.14 ? 2173 HOH A O   1 
HETATM 1277 O  O   . HOH E 5 .   ? -0.368  -12.496 -16.377 1.00 31.87 ? 2174 HOH A O   1 
HETATM 1278 O  O   . HOH E 5 .   ? -6.373  -12.424 -13.595 1.00 24.51 ? 2175 HOH A O   1 
HETATM 1279 O  O   . HOH E 5 .   ? -15.483 -12.646 -0.501  1.00 34.04 ? 2176 HOH A O   1 
HETATM 1280 O  O   . HOH E 5 .   ? -14.739 -14.598 -2.431  1.00 29.74 ? 2177 HOH A O   1 
HETATM 1281 O  O   . HOH E 5 .   ? -0.420  -11.553 4.913   1.00 35.92 ? 2178 HOH A O   1 
HETATM 1282 O  O   . HOH E 5 .   ? 2.381   -12.545 3.595   1.00 39.98 ? 2179 HOH A O   1 
HETATM 1283 O  O   . HOH E 5 .   ? 12.273  -0.156  8.037   1.00 14.35 ? 2180 HOH A O   1 
HETATM 1284 O  O   . HOH E 5 .   ? 15.044  -3.573  8.354   1.00 26.40 ? 2181 HOH A O   1 
HETATM 1285 O  O   . HOH E 5 .   ? 9.507   -10.180 9.244   1.00 13.52 ? 2182 HOH A O   1 
HETATM 1286 O  O   . HOH E 5 .   ? 13.796  1.488   9.249   1.00 28.98 ? 2183 HOH A O   1 
HETATM 1287 O  O   . HOH E 5 .   ? 6.414   -0.946  17.625  1.00 34.72 ? 2184 HOH A O   1 
HETATM 1288 O  O   . HOH E 5 .   ? 8.875   -0.231  16.401  1.00 30.20 ? 2185 HOH A O   1 
HETATM 1289 O  O   . HOH E 5 .   ? -5.865  8.769   -1.358  1.00 17.05 ? 2186 HOH A O   1 
HETATM 1290 O  O   . HOH E 5 .   ? -6.225  5.031   -2.507  1.00 18.31 ? 2187 HOH A O   1 
HETATM 1291 O  O   . HOH E 5 .   ? -10.542 1.908   -13.536 1.00 28.24 ? 2188 HOH A O   1 
HETATM 1292 O  O   . HOH E 5 .   ? -7.467  -6.980  -19.177 1.00 46.94 ? 2189 HOH A O   1 
HETATM 1293 O  O   . HOH E 5 .   ? 7.599   8.919   19.152  1.00 39.49 ? 2190 HOH A O   1 
# 
loop_
_pdbx_poly_seq_scheme.asym_id 
_pdbx_poly_seq_scheme.entity_id 
_pdbx_poly_seq_scheme.seq_id 
_pdbx_poly_seq_scheme.mon_id 
_pdbx_poly_seq_scheme.ndb_seq_num 
_pdbx_poly_seq_scheme.pdb_seq_num 
_pdbx_poly_seq_scheme.auth_seq_num 
_pdbx_poly_seq_scheme.pdb_mon_id 
_pdbx_poly_seq_scheme.auth_mon_id 
_pdbx_poly_seq_scheme.pdb_strand_id 
_pdbx_poly_seq_scheme.pdb_ins_code 
_pdbx_poly_seq_scheme.hetero 
A 1 1   MET 1   -1  ?   ?   ?   A . n 
A 1 2   ALA 2   0   ?   ?   ?   A . n 
A 1 3   SER 3   1   ?   ?   ?   A . n 
A 1 4   TYR 4   2   2   TYR TYR A . n 
A 1 5   PRO 5   3   3   PRO PRO A . n 
A 1 6   LYS 6   4   4   LYS LYS A . n 
A 1 7   LEU 7   5   5   LEU LEU A . n 
A 1 8   THR 8   6   6   THR THR A . n 
A 1 9   GLY 9   7   7   GLY GLY A . n 
A 1 10  THR 10  8   8   THR THR A . n 
A 1 11  VAL 11  9   9   VAL VAL A . n 
A 1 12  ILE 12  10  10  ILE ILE A . n 
A 1 13  GLY 13  11  11  GLY GLY A . n 
A 1 14  THR 14  12  12  THR THR A . n 
A 1 15  GLN 15  13  13  GLN GLN A . n 
A 1 16  GLY 16  14  14  GLY GLY A . n 
A 1 17  SER 17  15  15  SER SER A . n 
A 1 18  TRP 18  16  16  TRP TRP A . n 
A 1 19  ASN 19  17  17  ASN ASN A . n 
A 1 20  ASN 20  18  18  ASN ASN A . n 
A 1 21  ILE 21  19  19  ILE ILE A . n 
A 1 22  GLY 22  20  20  GLY GLY A . n 
A 1 23  ASN 23  21  21  ASN ASN A . n 
A 1 24  THR 24  22  22  THR THR A . n 
A 1 25  ILE 25  23  23  ILE ILE A . n 
A 1 26  HIS 26  24  24  HIS HIS A . n 
A 1 27  LYS 27  25  25  LYS LYS A . n 
A 1 28  ALA 28  26  26  ALA ALA A . n 
A 1 29  PHE 29  27  27  PHE PHE A . n 
A 1 30  ASP 30  28  28  ASP ASP A . n 
A 1 31  GLY 31  29  29  GLY GLY A . n 
A 1 32  ASP 32  30  30  ASP ASP A . n 
A 1 33  LEU 33  31  31  LEU LEU A . n 
A 1 34  ASN 34  32  32  ASN ASN A . n 
A 1 35  THR 35  33  33  THR THR A . n 
A 1 36  PHE 36  34  34  PHE PHE A . n 
A 1 37  PHE 37  35  35  PHE PHE A . n 
A 1 38  ASP 38  36  36  ASP ASP A . n 
A 1 39  GLY 39  37  37  GLY GLY A . n 
A 1 40  PRO 40  38  38  PRO PRO A . n 
A 1 41  THR 41  39  39  THR THR A . n 
A 1 42  ALA 42  40  40  ALA ALA A . n 
A 1 43  ASN 43  41  41  ASN ASN A . n 
A 1 44  GLY 44  42  42  GLY GLY A . n 
A 1 45  CYS 45  43  43  CYS CYS A . n 
A 1 46  TRP 46  44  44  TRP TRP A . n 
A 1 47  LEU 47  45  45  LEU LEU A . n 
A 1 48  GLY 48  46  46  GLY GLY A . n 
A 1 49  LEU 49  47  47  LEU LEU A . n 
A 1 50  ASP 50  48  48  ASP ASP A . n 
A 1 51  PHE 51  49  49  PHE PHE A . n 
A 1 52  GLY 52  50  50  GLY GLY A . n 
A 1 53  GLU 53  51  51  GLU GLU A . n 
A 1 54  GLY 54  52  52  GLY GLY A . n 
A 1 55  VAL 55  53  53  VAL VAL A . n 
A 1 56  ARG 56  54  54  ARG ARG A . n 
A 1 57  ASN 57  55  55  ASN ASN A . n 
A 1 58  VAL 58  56  56  VAL VAL A . n 
A 1 59  ILE 59  57  57  ILE ILE A . n 
A 1 60  THR 60  58  58  THR THR A . n 
A 1 61  GLN 61  59  59  GLN GLN A . n 
A 1 62  ILE 62  60  60  ILE ILE A . n 
A 1 63  LYS 63  61  61  LYS LYS A . n 
A 1 64  PHE 64  62  62  PHE PHE A . n 
A 1 65  CYS 65  63  63  CYS CYS A . n 
A 1 66  PRO 66  64  64  PRO PRO A . n 
A 1 67  ARG 67  65  65  ARG ARG A . n 
A 1 68  SER 68  66  66  SER SER A . n 
A 1 69  GLY 69  67  67  GLY GLY A . n 
A 1 70  TYR 70  68  68  TYR TYR A . n 
A 1 71  GLU 71  69  69  GLU GLU A . n 
A 1 72  GLN 72  70  70  GLN GLN A . n 
A 1 73  ARG 73  71  71  ARG ARG A . n 
A 1 74  MET 74  72  72  MET MET A . n 
A 1 75  ILE 75  73  73  ILE ILE A . n 
A 1 76  GLY 76  74  74  GLY GLY A . n 
A 1 77  GLY 77  75  75  GLY GLY A . n 
A 1 78  ILE 78  76  76  ILE ILE A . n 
A 1 79  PHE 79  77  77  PHE PHE A . n 
A 1 80  GLN 80  78  78  GLN GLN A . n 
A 1 81  GLY 81  79  79  GLY GLY A . n 
A 1 82  ALA 82  80  80  ALA ALA A . n 
A 1 83  ASN 83  81  81  ASN ASN A . n 
A 1 84  LYS 84  82  82  LYS LYS A . n 
A 1 85  GLU 85  83  83  GLU GLU A . n 
A 1 86  ASP 86  84  84  ASP ASP A . n 
A 1 87  PHE 87  85  85  PHE PHE A . n 
A 1 88  SER 88  86  86  SER SER A . n 
A 1 89  ASP 89  87  87  ASP ASP A . n 
A 1 90  ALA 90  88  88  ALA ALA A . n 
A 1 91  VAL 91  89  89  VAL VAL A . n 
A 1 92  THR 92  90  90  THR THR A . n 
A 1 93  LEU 93  91  91  LEU LEU A . n 
A 1 94  PHE 94  92  92  PHE PHE A . n 
A 1 95  THR 95  93  93  THR THR A . n 
A 1 96  ILE 96  94  94  ILE ILE A . n 
A 1 97  THR 97  95  95  THR THR A . n 
A 1 98  SER 98  96  96  SER SER A . n 
A 1 99  LEU 99  97  97  LEU LEU A . n 
A 1 100 PRO 100 98  98  PRO PRO A . n 
A 1 101 GLY 101 99  99  GLY GLY A . n 
A 1 102 SER 102 100 100 SER SER A . n 
A 1 103 GLY 103 101 101 GLY GLY A . n 
A 1 104 THR 104 102 102 THR THR A . n 
A 1 105 LEU 105 103 103 LEU LEU A . n 
A 1 106 THR 106 104 104 THR THR A . n 
A 1 107 SER 107 105 105 SER SER A . n 
A 1 108 VAL 108 106 106 VAL VAL A . n 
A 1 109 ASP 109 107 107 ASP ASP A . n 
A 1 110 VAL 110 108 108 VAL VAL A . n 
A 1 111 ASP 111 109 109 ASP ASP A . n 
A 1 112 ASN 112 110 110 ASN ASN A . n 
A 1 113 PRO 113 111 111 PRO PRO A . n 
A 1 114 THR 114 112 112 THR THR A . n 
A 1 115 GLY 115 113 113 GLY GLY A . n 
A 1 116 PHE 116 114 114 PHE PHE A . n 
A 1 117 ARG 117 115 115 ARG ARG A . n 
A 1 118 TYR 118 116 116 TYR TYR A . n 
A 1 119 VAL 119 117 117 VAL VAL A . n 
A 1 120 ARG 120 118 118 ARG ARG A . n 
A 1 121 TYR 121 119 119 TYR TYR A . n 
A 1 122 LEU 122 120 120 LEU LEU A . n 
A 1 123 SER 123 121 121 SER SER A . n 
A 1 124 PRO 124 122 122 PRO PRO A . n 
A 1 125 ASP 125 123 123 ASP ASP A . n 
A 1 126 GLY 126 124 124 GLY GLY A . n 
A 1 127 SER 127 125 125 SER SER A . n 
A 1 128 ASN 128 126 126 ASN ASN A . n 
A 1 129 GLY 129 127 127 GLY GLY A . n 
A 1 130 ASN 130 128 128 ASN ASN A . n 
A 1 131 ILE 131 129 129 ILE ILE A . n 
A 1 132 ALA 132 130 130 ALA ALA A . n 
A 1 133 GLU 133 131 131 GLU GLU A . n 
A 1 134 LEU 134 132 132 LEU LEU A . n 
A 1 135 GLN 135 133 133 GLN GLN A . n 
A 1 136 PHE 136 134 134 PHE PHE A . n 
A 1 137 PHE 137 135 135 PHE PHE A . n 
A 1 138 GLY 138 136 136 GLY GLY A . n 
A 1 139 THR 139 137 137 THR THR A . n 
A 1 140 PRO 140 138 138 PRO PRO A . n 
A 1 141 ALA 141 139 139 ALA ALA A . n 
A 1 142 GLY 142 140 140 GLY GLY A . n 
A 1 143 GLU 143 141 ?   ?   ?   A . n 
A 1 144 GLU 144 142 ?   ?   ?   A . n 
A 1 145 ASN 145 143 ?   ?   ?   A . n 
A 1 146 ASP 146 144 ?   ?   ?   A . n 
A 1 147 ASP 147 145 ?   ?   ?   A . n 
A 1 148 LEU 148 146 ?   ?   ?   A . n 
A 1 149 GLU 149 147 ?   ?   ?   A . n 
A 1 150 HIS 150 148 ?   ?   ?   A . n 
A 1 151 HIS 151 149 ?   ?   ?   A . n 
A 1 152 HIS 152 150 ?   ?   ?   A . n 
A 1 153 HIS 153 151 ?   ?   ?   A . n 
A 1 154 HIS 154 152 ?   ?   ?   A . n 
A 1 155 HIS 155 153 ?   ?   ?   A . n 
# 
loop_
_pdbx_nonpoly_scheme.asym_id 
_pdbx_nonpoly_scheme.entity_id 
_pdbx_nonpoly_scheme.mon_id 
_pdbx_nonpoly_scheme.ndb_seq_num 
_pdbx_nonpoly_scheme.pdb_seq_num 
_pdbx_nonpoly_scheme.auth_seq_num 
_pdbx_nonpoly_scheme.pdb_mon_id 
_pdbx_nonpoly_scheme.auth_mon_id 
_pdbx_nonpoly_scheme.pdb_strand_id 
_pdbx_nonpoly_scheme.pdb_ins_code 
C 3 GOL 1   1143 1143 GOL GOL A . 
D 4 CA  1   1144 1144 CA  CA  A . 
E 5 HOH 1   2001 2001 HOH HOH A . 
E 5 HOH 2   2002 2002 HOH HOH A . 
E 5 HOH 3   2003 2003 HOH HOH A . 
E 5 HOH 4   2004 2004 HOH HOH A . 
E 5 HOH 5   2005 2005 HOH HOH A . 
E 5 HOH 6   2006 2006 HOH HOH A . 
E 5 HOH 7   2007 2007 HOH HOH A . 
E 5 HOH 8   2008 2008 HOH HOH A . 
E 5 HOH 9   2009 2009 HOH HOH A . 
E 5 HOH 10  2010 2010 HOH HOH A . 
E 5 HOH 11  2011 2011 HOH HOH A . 
E 5 HOH 12  2012 2012 HOH HOH A . 
E 5 HOH 13  2013 2013 HOH HOH A . 
E 5 HOH 14  2014 2014 HOH HOH A . 
E 5 HOH 15  2015 2015 HOH HOH A . 
E 5 HOH 16  2016 2016 HOH HOH A . 
E 5 HOH 17  2017 2017 HOH HOH A . 
E 5 HOH 18  2018 2018 HOH HOH A . 
E 5 HOH 19  2019 2019 HOH HOH A . 
E 5 HOH 20  2020 2020 HOH HOH A . 
E 5 HOH 21  2021 2021 HOH HOH A . 
E 5 HOH 22  2022 2022 HOH HOH A . 
E 5 HOH 23  2023 2023 HOH HOH A . 
E 5 HOH 24  2024 2024 HOH HOH A . 
E 5 HOH 25  2025 2025 HOH HOH A . 
E 5 HOH 26  2026 2026 HOH HOH A . 
E 5 HOH 27  2027 2027 HOH HOH A . 
E 5 HOH 28  2028 2028 HOH HOH A . 
E 5 HOH 29  2029 2029 HOH HOH A . 
E 5 HOH 30  2030 2030 HOH HOH A . 
E 5 HOH 31  2031 2031 HOH HOH A . 
E 5 HOH 32  2032 2032 HOH HOH A . 
E 5 HOH 33  2033 2033 HOH HOH A . 
E 5 HOH 34  2034 2034 HOH HOH A . 
E 5 HOH 35  2035 2035 HOH HOH A . 
E 5 HOH 36  2036 2036 HOH HOH A . 
E 5 HOH 37  2037 2037 HOH HOH A . 
E 5 HOH 38  2038 2038 HOH HOH A . 
E 5 HOH 39  2039 2039 HOH HOH A . 
E 5 HOH 40  2040 2040 HOH HOH A . 
E 5 HOH 41  2041 2041 HOH HOH A . 
E 5 HOH 42  2042 2042 HOH HOH A . 
E 5 HOH 43  2043 2043 HOH HOH A . 
E 5 HOH 44  2044 2044 HOH HOH A . 
E 5 HOH 45  2045 2045 HOH HOH A . 
E 5 HOH 46  2046 2046 HOH HOH A . 
E 5 HOH 47  2047 2047 HOH HOH A . 
E 5 HOH 48  2048 2048 HOH HOH A . 
E 5 HOH 49  2049 2049 HOH HOH A . 
E 5 HOH 50  2050 2050 HOH HOH A . 
E 5 HOH 51  2051 2051 HOH HOH A . 
E 5 HOH 52  2052 2052 HOH HOH A . 
E 5 HOH 53  2053 2053 HOH HOH A . 
E 5 HOH 54  2054 2054 HOH HOH A . 
E 5 HOH 55  2055 2055 HOH HOH A . 
E 5 HOH 56  2056 2056 HOH HOH A . 
E 5 HOH 57  2057 2057 HOH HOH A . 
E 5 HOH 58  2058 2058 HOH HOH A . 
E 5 HOH 59  2059 2059 HOH HOH A . 
E 5 HOH 60  2060 2060 HOH HOH A . 
E 5 HOH 61  2061 2061 HOH HOH A . 
E 5 HOH 62  2062 2062 HOH HOH A . 
E 5 HOH 63  2063 2063 HOH HOH A . 
E 5 HOH 64  2064 2064 HOH HOH A . 
E 5 HOH 65  2065 2065 HOH HOH A . 
E 5 HOH 66  2066 2066 HOH HOH A . 
E 5 HOH 67  2067 2067 HOH HOH A . 
E 5 HOH 68  2068 2068 HOH HOH A . 
E 5 HOH 69  2069 2069 HOH HOH A . 
E 5 HOH 70  2070 2070 HOH HOH A . 
E 5 HOH 71  2071 2071 HOH HOH A . 
E 5 HOH 72  2072 2072 HOH HOH A . 
E 5 HOH 73  2073 2073 HOH HOH A . 
E 5 HOH 74  2074 2074 HOH HOH A . 
E 5 HOH 75  2075 2075 HOH HOH A . 
E 5 HOH 76  2076 2076 HOH HOH A . 
E 5 HOH 77  2077 2077 HOH HOH A . 
E 5 HOH 78  2078 2078 HOH HOH A . 
E 5 HOH 79  2079 2079 HOH HOH A . 
E 5 HOH 80  2080 2080 HOH HOH A . 
E 5 HOH 81  2081 2081 HOH HOH A . 
E 5 HOH 82  2082 2082 HOH HOH A . 
E 5 HOH 83  2083 2083 HOH HOH A . 
E 5 HOH 84  2084 2084 HOH HOH A . 
E 5 HOH 85  2085 2085 HOH HOH A . 
E 5 HOH 86  2086 2086 HOH HOH A . 
E 5 HOH 87  2087 2087 HOH HOH A . 
E 5 HOH 88  2088 2088 HOH HOH A . 
E 5 HOH 89  2089 2089 HOH HOH A . 
E 5 HOH 90  2090 2090 HOH HOH A . 
E 5 HOH 91  2091 2091 HOH HOH A . 
E 5 HOH 92  2092 2092 HOH HOH A . 
E 5 HOH 93  2093 2093 HOH HOH A . 
E 5 HOH 94  2094 2094 HOH HOH A . 
E 5 HOH 95  2095 2095 HOH HOH A . 
E 5 HOH 96  2096 2096 HOH HOH A . 
E 5 HOH 97  2097 2097 HOH HOH A . 
E 5 HOH 98  2098 2098 HOH HOH A . 
E 5 HOH 99  2099 2099 HOH HOH A . 
E 5 HOH 100 2100 2100 HOH HOH A . 
E 5 HOH 101 2101 2101 HOH HOH A . 
E 5 HOH 102 2102 2102 HOH HOH A . 
E 5 HOH 103 2103 2103 HOH HOH A . 
E 5 HOH 104 2104 2104 HOH HOH A . 
E 5 HOH 105 2105 2105 HOH HOH A . 
E 5 HOH 106 2106 2106 HOH HOH A . 
E 5 HOH 107 2107 2107 HOH HOH A . 
E 5 HOH 108 2108 2108 HOH HOH A . 
E 5 HOH 109 2109 2109 HOH HOH A . 
E 5 HOH 110 2110 2110 HOH HOH A . 
E 5 HOH 111 2111 2111 HOH HOH A . 
E 5 HOH 112 2112 2112 HOH HOH A . 
E 5 HOH 113 2113 2113 HOH HOH A . 
E 5 HOH 114 2114 2114 HOH HOH A . 
E 5 HOH 115 2115 2115 HOH HOH A . 
E 5 HOH 116 2116 2116 HOH HOH A . 
E 5 HOH 117 2117 2117 HOH HOH A . 
E 5 HOH 118 2118 2118 HOH HOH A . 
E 5 HOH 119 2119 2119 HOH HOH A . 
E 5 HOH 120 2120 2120 HOH HOH A . 
E 5 HOH 121 2121 2121 HOH HOH A . 
E 5 HOH 122 2122 2122 HOH HOH A . 
E 5 HOH 123 2123 2123 HOH HOH A . 
E 5 HOH 124 2124 2124 HOH HOH A . 
E 5 HOH 125 2125 2125 HOH HOH A . 
E 5 HOH 126 2126 2126 HOH HOH A . 
E 5 HOH 127 2127 2127 HOH HOH A . 
E 5 HOH 128 2128 2128 HOH HOH A . 
E 5 HOH 129 2129 2129 HOH HOH A . 
E 5 HOH 130 2130 2130 HOH HOH A . 
E 5 HOH 131 2131 2131 HOH HOH A . 
E 5 HOH 132 2132 2132 HOH HOH A . 
E 5 HOH 133 2133 2133 HOH HOH A . 
E 5 HOH 134 2134 2134 HOH HOH A . 
E 5 HOH 135 2135 2135 HOH HOH A . 
E 5 HOH 136 2136 2136 HOH HOH A . 
E 5 HOH 137 2137 2137 HOH HOH A . 
E 5 HOH 138 2138 2138 HOH HOH A . 
E 5 HOH 139 2139 2139 HOH HOH A . 
E 5 HOH 140 2140 2140 HOH HOH A . 
E 5 HOH 141 2141 2141 HOH HOH A . 
E 5 HOH 142 2142 2142 HOH HOH A . 
E 5 HOH 143 2143 2143 HOH HOH A . 
E 5 HOH 144 2144 2144 HOH HOH A . 
E 5 HOH 145 2145 2145 HOH HOH A . 
E 5 HOH 146 2146 2146 HOH HOH A . 
E 5 HOH 147 2147 2147 HOH HOH A . 
E 5 HOH 148 2148 2148 HOH HOH A . 
E 5 HOH 149 2149 2149 HOH HOH A . 
E 5 HOH 150 2150 2150 HOH HOH A . 
E 5 HOH 151 2151 2151 HOH HOH A . 
E 5 HOH 152 2152 2152 HOH HOH A . 
E 5 HOH 153 2153 2153 HOH HOH A . 
E 5 HOH 154 2154 2154 HOH HOH A . 
E 5 HOH 155 2155 2155 HOH HOH A . 
E 5 HOH 156 2156 2156 HOH HOH A . 
E 5 HOH 157 2157 2157 HOH HOH A . 
E 5 HOH 158 2158 2158 HOH HOH A . 
E 5 HOH 159 2159 2159 HOH HOH A . 
E 5 HOH 160 2160 2160 HOH HOH A . 
E 5 HOH 161 2161 2161 HOH HOH A . 
E 5 HOH 162 2162 2162 HOH HOH A . 
E 5 HOH 163 2163 2163 HOH HOH A . 
E 5 HOH 164 2164 2164 HOH HOH A . 
E 5 HOH 165 2165 2165 HOH HOH A . 
E 5 HOH 166 2166 2166 HOH HOH A . 
E 5 HOH 167 2167 2167 HOH HOH A . 
E 5 HOH 168 2168 2168 HOH HOH A . 
E 5 HOH 169 2169 2169 HOH HOH A . 
E 5 HOH 170 2170 2170 HOH HOH A . 
E 5 HOH 171 2171 2171 HOH HOH A . 
E 5 HOH 172 2172 2172 HOH HOH A . 
E 5 HOH 173 2173 2173 HOH HOH A . 
E 5 HOH 174 2174 2174 HOH HOH A . 
E 5 HOH 175 2175 2175 HOH HOH A . 
E 5 HOH 176 2176 2176 HOH HOH A . 
E 5 HOH 177 2177 2177 HOH HOH A . 
E 5 HOH 178 2178 2178 HOH HOH A . 
E 5 HOH 179 2179 2179 HOH HOH A . 
E 5 HOH 180 2180 2180 HOH HOH A . 
E 5 HOH 181 2181 2181 HOH HOH A . 
E 5 HOH 182 2182 2182 HOH HOH A . 
E 5 HOH 183 2183 2183 HOH HOH A . 
E 5 HOH 184 2184 2184 HOH HOH A . 
E 5 HOH 185 2185 2185 HOH HOH A . 
E 5 HOH 186 2186 2186 HOH HOH A . 
E 5 HOH 187 2187 2187 HOH HOH A . 
E 5 HOH 188 2188 2188 HOH HOH A . 
E 5 HOH 189 2189 2189 HOH HOH A . 
E 5 HOH 190 2190 2190 HOH HOH A . 
# 
_pdbx_struct_assembly.id                   1 
_pdbx_struct_assembly.details              author_and_software_defined_assembly 
_pdbx_struct_assembly.method_details       PISA 
_pdbx_struct_assembly.oligomeric_details   monomeric 
_pdbx_struct_assembly.oligomeric_count     1 
# 
_pdbx_struct_assembly_gen.assembly_id       1 
_pdbx_struct_assembly_gen.oper_expression   1 
_pdbx_struct_assembly_gen.asym_id_list      A,B,C,D,E 
# 
_pdbx_struct_oper_list.id                   1 
_pdbx_struct_oper_list.type                 'identity operation' 
_pdbx_struct_oper_list.name                 1_555 
_pdbx_struct_oper_list.symmetry_operation   x,y,z 
_pdbx_struct_oper_list.matrix[1][1]         1.0000000000 
_pdbx_struct_oper_list.matrix[1][2]         0.0000000000 
_pdbx_struct_oper_list.matrix[1][3]         0.0000000000 
_pdbx_struct_oper_list.vector[1]            0.0000000000 
_pdbx_struct_oper_list.matrix[2][1]         0.0000000000 
_pdbx_struct_oper_list.matrix[2][2]         1.0000000000 
_pdbx_struct_oper_list.matrix[2][3]         0.0000000000 
_pdbx_struct_oper_list.vector[2]            0.0000000000 
_pdbx_struct_oper_list.matrix[3][1]         0.0000000000 
_pdbx_struct_oper_list.matrix[3][2]         0.0000000000 
_pdbx_struct_oper_list.matrix[3][3]         1.0000000000 
_pdbx_struct_oper_list.vector[3]            0.0000000000 
# 
loop_
_pdbx_struct_special_symmetry.id 
_pdbx_struct_special_symmetry.PDB_model_num 
_pdbx_struct_special_symmetry.auth_asym_id 
_pdbx_struct_special_symmetry.auth_comp_id 
_pdbx_struct_special_symmetry.auth_seq_id 
_pdbx_struct_special_symmetry.PDB_ins_code 
_pdbx_struct_special_symmetry.label_asym_id 
_pdbx_struct_special_symmetry.label_comp_id 
_pdbx_struct_special_symmetry.label_seq_id 
1 1 A HOH 2009 ? E HOH . 
2 1 A HOH 2041 ? E HOH . 
3 1 A HOH 2066 ? E HOH . 
# 
loop_
_pdbx_struct_conn_angle.id 
_pdbx_struct_conn_angle.ptnr1_label_atom_id 
_pdbx_struct_conn_angle.ptnr1_label_alt_id 
_pdbx_struct_conn_angle.ptnr1_label_asym_id 
_pdbx_struct_conn_angle.ptnr1_label_comp_id 
_pdbx_struct_conn_angle.ptnr1_label_seq_id 
_pdbx_struct_conn_angle.ptnr1_auth_atom_id 
_pdbx_struct_conn_angle.ptnr1_auth_asym_id 
_pdbx_struct_conn_angle.ptnr1_auth_comp_id 
_pdbx_struct_conn_angle.ptnr1_auth_seq_id 
_pdbx_struct_conn_angle.ptnr1_PDB_ins_code 
_pdbx_struct_conn_angle.ptnr1_symmetry 
_pdbx_struct_conn_angle.ptnr2_label_atom_id 
_pdbx_struct_conn_angle.ptnr2_label_alt_id 
_pdbx_struct_conn_angle.ptnr2_label_asym_id 
_pdbx_struct_conn_angle.ptnr2_label_comp_id 
_pdbx_struct_conn_angle.ptnr2_label_seq_id 
_pdbx_struct_conn_angle.ptnr2_auth_atom_id 
_pdbx_struct_conn_angle.ptnr2_auth_asym_id 
_pdbx_struct_conn_angle.ptnr2_auth_comp_id 
_pdbx_struct_conn_angle.ptnr2_auth_seq_id 
_pdbx_struct_conn_angle.ptnr2_PDB_ins_code 
_pdbx_struct_conn_angle.ptnr2_symmetry 
_pdbx_struct_conn_angle.ptnr3_label_atom_id 
_pdbx_struct_conn_angle.ptnr3_label_alt_id 
_pdbx_struct_conn_angle.ptnr3_label_asym_id 
_pdbx_struct_conn_angle.ptnr3_label_comp_id 
_pdbx_struct_conn_angle.ptnr3_label_seq_id 
_pdbx_struct_conn_angle.ptnr3_auth_atom_id 
_pdbx_struct_conn_angle.ptnr3_auth_asym_id 
_pdbx_struct_conn_angle.ptnr3_auth_comp_id 
_pdbx_struct_conn_angle.ptnr3_auth_seq_id 
_pdbx_struct_conn_angle.ptnr3_PDB_ins_code 
_pdbx_struct_conn_angle.ptnr3_symmetry 
_pdbx_struct_conn_angle.value 
_pdbx_struct_conn_angle.value_esd 
1  O   ? A LYS 27  ? A LYS 25  ? 1_555 CA ? D CA . ? A CA 1144 ? 1_555 OD1 ? A ASP 30  ? A ASP 28  ? 1_555 76.7  ? 
2  O   ? A LYS 27  ? A LYS 25  ? 1_555 CA ? D CA . ? A CA 1144 ? 1_555 O   ? A ASP 32  ? A ASP 30  ? 1_555 165.2 ? 
3  OD1 ? A ASP 30  ? A ASP 28  ? 1_555 CA ? D CA . ? A CA 1144 ? 1_555 O   ? A ASP 32  ? A ASP 30  ? 1_555 91.0  ? 
4  O   ? A LYS 27  ? A LYS 25  ? 1_555 CA ? D CA . ? A CA 1144 ? 1_555 O   ? A THR 35  ? A THR 33  ? 1_555 94.5  ? 
5  OD1 ? A ASP 30  ? A ASP 28  ? 1_555 CA ? D CA . ? A CA 1144 ? 1_555 O   ? A THR 35  ? A THR 33  ? 1_555 139.2 ? 
6  O   ? A ASP 32  ? A ASP 30  ? 1_555 CA ? D CA . ? A CA 1144 ? 1_555 O   ? A THR 35  ? A THR 33  ? 1_555 89.4  ? 
7  O   ? A LYS 27  ? A LYS 25  ? 1_555 CA ? D CA . ? A CA 1144 ? 1_555 OG1 ? A THR 35  ? A THR 33  ? 1_555 88.3  ? 
8  OD1 ? A ASP 30  ? A ASP 28  ? 1_555 CA ? D CA . ? A CA 1144 ? 1_555 OG1 ? A THR 35  ? A THR 33  ? 1_555 69.7  ? 
9  O   ? A ASP 32  ? A ASP 30  ? 1_555 CA ? D CA . ? A CA 1144 ? 1_555 OG1 ? A THR 35  ? A THR 33  ? 1_555 79.5  ? 
10 O   ? A THR 35  ? A THR 33  ? 1_555 CA ? D CA . ? A CA 1144 ? 1_555 OG1 ? A THR 35  ? A THR 33  ? 1_555 70.2  ? 
11 O   ? A LYS 27  ? A LYS 25  ? 1_555 CA ? D CA . ? A CA 1144 ? 1_555 O   ? A ALA 132 ? A ALA 130 ? 1_555 83.4  ? 
12 OD1 ? A ASP 30  ? A ASP 28  ? 1_555 CA ? D CA . ? A CA 1144 ? 1_555 O   ? A ALA 132 ? A ALA 130 ? 1_555 144.5 ? 
13 O   ? A ASP 32  ? A ASP 30  ? 1_555 CA ? D CA . ? A CA 1144 ? 1_555 O   ? A ALA 132 ? A ALA 130 ? 1_555 111.4 ? 
14 O   ? A THR 35  ? A THR 33  ? 1_555 CA ? D CA . ? A CA 1144 ? 1_555 O   ? A ALA 132 ? A ALA 130 ? 1_555 70.8  ? 
15 OG1 ? A THR 35  ? A THR 33  ? 1_555 CA ? D CA . ? A CA 1144 ? 1_555 O   ? A ALA 132 ? A ALA 130 ? 1_555 139.3 ? 
16 O   ? A LYS 27  ? A LYS 25  ? 1_555 CA ? D CA . ? A CA 1144 ? 1_555 OE1 ? A GLU 133 ? A GLU 131 ? 1_555 101.1 ? 
17 OD1 ? A ASP 30  ? A ASP 28  ? 1_555 CA ? D CA . ? A CA 1144 ? 1_555 OE1 ? A GLU 133 ? A GLU 131 ? 1_555 78.4  ? 
18 O   ? A ASP 32  ? A ASP 30  ? 1_555 CA ? D CA . ? A CA 1144 ? 1_555 OE1 ? A GLU 133 ? A GLU 131 ? 1_555 84.2  ? 
19 O   ? A THR 35  ? A THR 33  ? 1_555 CA ? D CA . ? A CA 1144 ? 1_555 OE1 ? A GLU 133 ? A GLU 131 ? 1_555 142.1 ? 
20 OG1 ? A THR 35  ? A THR 33  ? 1_555 CA ? D CA . ? A CA 1144 ? 1_555 OE1 ? A GLU 133 ? A GLU 131 ? 1_555 143.7 ? 
21 O   ? A ALA 132 ? A ALA 130 ? 1_555 CA ? D CA . ? A CA 1144 ? 1_555 OE1 ? A GLU 133 ? A GLU 131 ? 1_555 77.0  ? 
# 
loop_
_pdbx_audit_revision_history.ordinal 
_pdbx_audit_revision_history.data_content_type 
_pdbx_audit_revision_history.major_revision 
_pdbx_audit_revision_history.minor_revision 
_pdbx_audit_revision_history.revision_date 
1 'Structure model' 1 0 2011-05-18 
2 'Structure model' 1 1 2012-05-30 
3 'Structure model' 2 0 2020-07-29 
4 'Structure model' 2 1 2023-12-20 
# 
loop_
_pdbx_audit_revision_details.ordinal 
_pdbx_audit_revision_details.revision_ordinal 
_pdbx_audit_revision_details.data_content_type 
_pdbx_audit_revision_details.provider 
_pdbx_audit_revision_details.type 
_pdbx_audit_revision_details.description 
_pdbx_audit_revision_details.details 
1 1 'Structure model' repository 'Initial release' ?                          ? 
2 3 'Structure model' repository Remediation       'Carbohydrate remediation' ? 
# 
loop_
_pdbx_audit_revision_group.ordinal 
_pdbx_audit_revision_group.revision_ordinal 
_pdbx_audit_revision_group.data_content_type 
_pdbx_audit_revision_group.group 
1  2 'Structure model' 'Database references'     
2  2 'Structure model' 'Non-polymer description' 
3  2 'Structure model' 'Structure summary'       
4  3 'Structure model' 'Atomic model'            
5  3 'Structure model' 'Data collection'         
6  3 'Structure model' 'Derived calculations'    
7  3 'Structure model' Other                     
8  3 'Structure model' 'Structure summary'       
9  4 'Structure model' 'Data collection'         
10 4 'Structure model' 'Database references'     
11 4 'Structure model' 'Refinement description'  
12 4 'Structure model' 'Structure summary'       
# 
loop_
_pdbx_audit_revision_category.ordinal 
_pdbx_audit_revision_category.revision_ordinal 
_pdbx_audit_revision_category.data_content_type 
_pdbx_audit_revision_category.category 
1  3 'Structure model' atom_site                     
2  3 'Structure model' chem_comp                     
3  3 'Structure model' entity                        
4  3 'Structure model' pdbx_branch_scheme            
5  3 'Structure model' pdbx_chem_comp_identifier     
6  3 'Structure model' pdbx_database_status          
7  3 'Structure model' pdbx_entity_branch            
8  3 'Structure model' pdbx_entity_branch_descriptor 
9  3 'Structure model' pdbx_entity_branch_link       
10 3 'Structure model' pdbx_entity_branch_list       
11 3 'Structure model' pdbx_entity_nonpoly           
12 3 'Structure model' pdbx_nonpoly_scheme           
13 3 'Structure model' pdbx_struct_assembly_gen      
14 3 'Structure model' pdbx_struct_conn_angle        
15 3 'Structure model' pdbx_struct_special_symmetry  
16 3 'Structure model' struct_asym                   
17 3 'Structure model' struct_conn                   
18 3 'Structure model' struct_site                   
19 3 'Structure model' struct_site_gen               
20 4 'Structure model' chem_comp                     
21 4 'Structure model' chem_comp_atom                
22 4 'Structure model' chem_comp_bond                
23 4 'Structure model' database_2                    
24 4 'Structure model' pdbx_initial_refinement_model 
# 
loop_
_pdbx_audit_revision_item.ordinal 
_pdbx_audit_revision_item.revision_ordinal 
_pdbx_audit_revision_item.data_content_type 
_pdbx_audit_revision_item.item 
1  3 'Structure model' '_atom_site.B_iso_or_equiv'                   
2  3 'Structure model' '_atom_site.Cartn_x'                          
3  3 'Structure model' '_atom_site.Cartn_y'                          
4  3 'Structure model' '_atom_site.Cartn_z'                          
5  3 'Structure model' '_atom_site.auth_asym_id'                     
6  3 'Structure model' '_atom_site.auth_atom_id'                     
7  3 'Structure model' '_atom_site.auth_comp_id'                     
8  3 'Structure model' '_atom_site.auth_seq_id'                      
9  3 'Structure model' '_atom_site.label_asym_id'                    
10 3 'Structure model' '_atom_site.label_atom_id'                    
11 3 'Structure model' '_atom_site.label_comp_id'                    
12 3 'Structure model' '_atom_site.label_entity_id'                  
13 3 'Structure model' '_atom_site.type_symbol'                      
14 3 'Structure model' '_chem_comp.name'                             
15 3 'Structure model' '_chem_comp.type'                             
16 3 'Structure model' '_pdbx_database_status.status_code_sf'        
17 3 'Structure model' '_pdbx_struct_assembly_gen.asym_id_list'      
18 3 'Structure model' '_pdbx_struct_conn_angle.ptnr1_auth_comp_id'  
19 3 'Structure model' '_pdbx_struct_conn_angle.ptnr1_auth_seq_id'   
20 3 'Structure model' '_pdbx_struct_conn_angle.ptnr1_label_atom_id' 
21 3 'Structure model' '_pdbx_struct_conn_angle.ptnr1_label_comp_id' 
22 3 'Structure model' '_pdbx_struct_conn_angle.ptnr1_label_seq_id'  
23 3 'Structure model' '_pdbx_struct_conn_angle.ptnr2_label_asym_id' 
24 3 'Structure model' '_pdbx_struct_conn_angle.ptnr3_auth_comp_id'  
25 3 'Structure model' '_pdbx_struct_conn_angle.ptnr3_auth_seq_id'   
26 3 'Structure model' '_pdbx_struct_conn_angle.ptnr3_label_atom_id' 
27 3 'Structure model' '_pdbx_struct_conn_angle.ptnr3_label_comp_id' 
28 3 'Structure model' '_pdbx_struct_conn_angle.ptnr3_label_seq_id'  
29 3 'Structure model' '_pdbx_struct_conn_angle.value'               
30 3 'Structure model' '_pdbx_struct_special_symmetry.label_asym_id' 
31 3 'Structure model' '_struct_conn.pdbx_dist_value'                
32 3 'Structure model' '_struct_conn.pdbx_leaving_atom_flag'         
33 3 'Structure model' '_struct_conn.ptnr1_auth_asym_id'             
34 3 'Structure model' '_struct_conn.ptnr1_auth_comp_id'             
35 3 'Structure model' '_struct_conn.ptnr1_auth_seq_id'              
36 3 'Structure model' '_struct_conn.ptnr1_label_asym_id'            
37 3 'Structure model' '_struct_conn.ptnr1_label_atom_id'            
38 3 'Structure model' '_struct_conn.ptnr1_label_comp_id'            
39 3 'Structure model' '_struct_conn.ptnr1_label_seq_id'             
40 3 'Structure model' '_struct_conn.ptnr2_auth_asym_id'             
41 3 'Structure model' '_struct_conn.ptnr2_auth_comp_id'             
42 3 'Structure model' '_struct_conn.ptnr2_auth_seq_id'              
43 3 'Structure model' '_struct_conn.ptnr2_label_asym_id'            
44 3 'Structure model' '_struct_conn.ptnr2_label_atom_id'            
45 3 'Structure model' '_struct_conn.ptnr2_label_comp_id'            
46 3 'Structure model' '_struct_conn.ptnr2_label_seq_id'             
47 4 'Structure model' '_chem_comp.pdbx_synonyms'                    
48 4 'Structure model' '_database_2.pdbx_DOI'                        
49 4 'Structure model' '_database_2.pdbx_database_accession'         
# 
loop_
_software.name 
_software.classification 
_software.version 
_software.citation_id 
_software.pdbx_ordinal 
REFMAC refinement       5.5.0109 ? 1 
XDS    'data reduction' .        ? 2 
SCALA  'data scaling'   .        ? 3 
AMoRE  phasing          .        ? 4 
# 
loop_
_pdbx_validate_close_contact.id 
_pdbx_validate_close_contact.PDB_model_num 
_pdbx_validate_close_contact.auth_atom_id_1 
_pdbx_validate_close_contact.auth_asym_id_1 
_pdbx_validate_close_contact.auth_comp_id_1 
_pdbx_validate_close_contact.auth_seq_id_1 
_pdbx_validate_close_contact.PDB_ins_code_1 
_pdbx_validate_close_contact.label_alt_id_1 
_pdbx_validate_close_contact.auth_atom_id_2 
_pdbx_validate_close_contact.auth_asym_id_2 
_pdbx_validate_close_contact.auth_comp_id_2 
_pdbx_validate_close_contact.auth_seq_id_2 
_pdbx_validate_close_contact.PDB_ins_code_2 
_pdbx_validate_close_contact.label_alt_id_2 
_pdbx_validate_close_contact.dist 
1 1 NE2 A GLN 70   ? B O A HOH 2121 ? ? 1.94 
2 1 O   A HOH 2051 ? ? O A HOH 2055 ? ? 1.97 
3 1 O   A HOH 2097 ? ? O A HOH 2129 ? ? 2.17 
4 1 CZ3 A TRP 16   ? B O A HOH 2184 ? ? 2.18 
# 
loop_
_pdbx_validate_symm_contact.id 
_pdbx_validate_symm_contact.PDB_model_num 
_pdbx_validate_symm_contact.auth_atom_id_1 
_pdbx_validate_symm_contact.auth_asym_id_1 
_pdbx_validate_symm_contact.auth_comp_id_1 
_pdbx_validate_symm_contact.auth_seq_id_1 
_pdbx_validate_symm_contact.PDB_ins_code_1 
_pdbx_validate_symm_contact.label_alt_id_1 
_pdbx_validate_symm_contact.site_symmetry_1 
_pdbx_validate_symm_contact.auth_atom_id_2 
_pdbx_validate_symm_contact.auth_asym_id_2 
_pdbx_validate_symm_contact.auth_comp_id_2 
_pdbx_validate_symm_contact.auth_seq_id_2 
_pdbx_validate_symm_contact.PDB_ins_code_2 
_pdbx_validate_symm_contact.label_alt_id_2 
_pdbx_validate_symm_contact.site_symmetry_2 
_pdbx_validate_symm_contact.dist 
1 1 O A HOH 2129 ? ? 1_555 O A HOH 2181 ? ? 35_555 1.92 
2 1 O A HOH 2082 ? ? 1_555 O A HOH 2131 ? ? 56_555 2.01 
# 
_pdbx_validate_torsion.id              1 
_pdbx_validate_torsion.PDB_model_num   1 
_pdbx_validate_torsion.auth_comp_id    ASN 
_pdbx_validate_torsion.auth_asym_id    A 
_pdbx_validate_torsion.auth_seq_id     17 
_pdbx_validate_torsion.PDB_ins_code    ? 
_pdbx_validate_torsion.label_alt_id    ? 
_pdbx_validate_torsion.phi             55.96 
_pdbx_validate_torsion.psi             19.12 
# 
loop_
_pdbx_unobs_or_zero_occ_residues.id 
_pdbx_unobs_or_zero_occ_residues.PDB_model_num 
_pdbx_unobs_or_zero_occ_residues.polymer_flag 
_pdbx_unobs_or_zero_occ_residues.occupancy_flag 
_pdbx_unobs_or_zero_occ_residues.auth_asym_id 
_pdbx_unobs_or_zero_occ_residues.auth_comp_id 
_pdbx_unobs_or_zero_occ_residues.auth_seq_id 
_pdbx_unobs_or_zero_occ_residues.PDB_ins_code 
_pdbx_unobs_or_zero_occ_residues.label_asym_id 
_pdbx_unobs_or_zero_occ_residues.label_comp_id 
_pdbx_unobs_or_zero_occ_residues.label_seq_id 
1  1 Y 1 A MET -1  ? A MET 1   
2  1 Y 1 A ALA 0   ? A ALA 2   
3  1 Y 1 A SER 1   ? A SER 3   
4  1 Y 1 A GLU 141 ? A GLU 143 
5  1 Y 1 A GLU 142 ? A GLU 144 
6  1 Y 1 A ASN 143 ? A ASN 145 
7  1 Y 1 A ASP 144 ? A ASP 146 
8  1 Y 1 A ASP 145 ? A ASP 147 
9  1 Y 1 A LEU 146 ? A LEU 148 
10 1 Y 1 A GLU 147 ? A GLU 149 
11 1 Y 1 A HIS 148 ? A HIS 150 
12 1 Y 1 A HIS 149 ? A HIS 151 
13 1 Y 1 A HIS 150 ? A HIS 152 
14 1 Y 1 A HIS 151 ? A HIS 153 
15 1 Y 1 A HIS 152 ? A HIS 154 
16 1 Y 1 A HIS 153 ? A HIS 155 
# 
loop_
_chem_comp_atom.comp_id 
_chem_comp_atom.atom_id 
_chem_comp_atom.type_symbol 
_chem_comp_atom.pdbx_aromatic_flag 
_chem_comp_atom.pdbx_stereo_config 
_chem_comp_atom.pdbx_ordinal 
ALA N    N  N N 1   
ALA CA   C  N S 2   
ALA C    C  N N 3   
ALA O    O  N N 4   
ALA CB   C  N N 5   
ALA OXT  O  N N 6   
ALA H    H  N N 7   
ALA H2   H  N N 8   
ALA HA   H  N N 9   
ALA HB1  H  N N 10  
ALA HB2  H  N N 11  
ALA HB3  H  N N 12  
ALA HXT  H  N N 13  
ARG N    N  N N 14  
ARG CA   C  N S 15  
ARG C    C  N N 16  
ARG O    O  N N 17  
ARG CB   C  N N 18  
ARG CG   C  N N 19  
ARG CD   C  N N 20  
ARG NE   N  N N 21  
ARG CZ   C  N N 22  
ARG NH1  N  N N 23  
ARG NH2  N  N N 24  
ARG OXT  O  N N 25  
ARG H    H  N N 26  
ARG H2   H  N N 27  
ARG HA   H  N N 28  
ARG HB2  H  N N 29  
ARG HB3  H  N N 30  
ARG HG2  H  N N 31  
ARG HG3  H  N N 32  
ARG HD2  H  N N 33  
ARG HD3  H  N N 34  
ARG HE   H  N N 35  
ARG HH11 H  N N 36  
ARG HH12 H  N N 37  
ARG HH21 H  N N 38  
ARG HH22 H  N N 39  
ARG HXT  H  N N 40  
ASN N    N  N N 41  
ASN CA   C  N S 42  
ASN C    C  N N 43  
ASN O    O  N N 44  
ASN CB   C  N N 45  
ASN CG   C  N N 46  
ASN OD1  O  N N 47  
ASN ND2  N  N N 48  
ASN OXT  O  N N 49  
ASN H    H  N N 50  
ASN H2   H  N N 51  
ASN HA   H  N N 52  
ASN HB2  H  N N 53  
ASN HB3  H  N N 54  
ASN HD21 H  N N 55  
ASN HD22 H  N N 56  
ASN HXT  H  N N 57  
ASP N    N  N N 58  
ASP CA   C  N S 59  
ASP C    C  N N 60  
ASP O    O  N N 61  
ASP CB   C  N N 62  
ASP CG   C  N N 63  
ASP OD1  O  N N 64  
ASP OD2  O  N N 65  
ASP OXT  O  N N 66  
ASP H    H  N N 67  
ASP H2   H  N N 68  
ASP HA   H  N N 69  
ASP HB2  H  N N 70  
ASP HB3  H  N N 71  
ASP HD2  H  N N 72  
ASP HXT  H  N N 73  
BMA C1   C  N R 74  
BMA C2   C  N S 75  
BMA C3   C  N S 76  
BMA C4   C  N S 77  
BMA C5   C  N R 78  
BMA C6   C  N N 79  
BMA O1   O  N N 80  
BMA O2   O  N N 81  
BMA O3   O  N N 82  
BMA O4   O  N N 83  
BMA O5   O  N N 84  
BMA O6   O  N N 85  
BMA H1   H  N N 86  
BMA H2   H  N N 87  
BMA H3   H  N N 88  
BMA H4   H  N N 89  
BMA H5   H  N N 90  
BMA H61  H  N N 91  
BMA H62  H  N N 92  
BMA HO1  H  N N 93  
BMA HO2  H  N N 94  
BMA HO3  H  N N 95  
BMA HO4  H  N N 96  
BMA HO6  H  N N 97  
CA  CA   CA N N 98  
CYS N    N  N N 99  
CYS CA   C  N R 100 
CYS C    C  N N 101 
CYS O    O  N N 102 
CYS CB   C  N N 103 
CYS SG   S  N N 104 
CYS OXT  O  N N 105 
CYS H    H  N N 106 
CYS H2   H  N N 107 
CYS HA   H  N N 108 
CYS HB2  H  N N 109 
CYS HB3  H  N N 110 
CYS HG   H  N N 111 
CYS HXT  H  N N 112 
GLA C1   C  N S 113 
GLA C2   C  N R 114 
GLA C3   C  N S 115 
GLA C4   C  N R 116 
GLA C5   C  N R 117 
GLA C6   C  N N 118 
GLA O1   O  N N 119 
GLA O2   O  N N 120 
GLA O3   O  N N 121 
GLA O4   O  N N 122 
GLA O5   O  N N 123 
GLA O6   O  N N 124 
GLA H1   H  N N 125 
GLA H2   H  N N 126 
GLA H3   H  N N 127 
GLA H4   H  N N 128 
GLA H5   H  N N 129 
GLA H61  H  N N 130 
GLA H62  H  N N 131 
GLA HO1  H  N N 132 
GLA HO2  H  N N 133 
GLA HO3  H  N N 134 
GLA HO4  H  N N 135 
GLA HO6  H  N N 136 
GLN N    N  N N 137 
GLN CA   C  N S 138 
GLN C    C  N N 139 
GLN O    O  N N 140 
GLN CB   C  N N 141 
GLN CG   C  N N 142 
GLN CD   C  N N 143 
GLN OE1  O  N N 144 
GLN NE2  N  N N 145 
GLN OXT  O  N N 146 
GLN H    H  N N 147 
GLN H2   H  N N 148 
GLN HA   H  N N 149 
GLN HB2  H  N N 150 
GLN HB3  H  N N 151 
GLN HG2  H  N N 152 
GLN HG3  H  N N 153 
GLN HE21 H  N N 154 
GLN HE22 H  N N 155 
GLN HXT  H  N N 156 
GLU N    N  N N 157 
GLU CA   C  N S 158 
GLU C    C  N N 159 
GLU O    O  N N 160 
GLU CB   C  N N 161 
GLU CG   C  N N 162 
GLU CD   C  N N 163 
GLU OE1  O  N N 164 
GLU OE2  O  N N 165 
GLU OXT  O  N N 166 
GLU H    H  N N 167 
GLU H2   H  N N 168 
GLU HA   H  N N 169 
GLU HB2  H  N N 170 
GLU HB3  H  N N 171 
GLU HG2  H  N N 172 
GLU HG3  H  N N 173 
GLU HE2  H  N N 174 
GLU HXT  H  N N 175 
GLY N    N  N N 176 
GLY CA   C  N N 177 
GLY C    C  N N 178 
GLY O    O  N N 179 
GLY OXT  O  N N 180 
GLY H    H  N N 181 
GLY H2   H  N N 182 
GLY HA2  H  N N 183 
GLY HA3  H  N N 184 
GLY HXT  H  N N 185 
GOL C1   C  N N 186 
GOL O1   O  N N 187 
GOL C2   C  N N 188 
GOL O2   O  N N 189 
GOL C3   C  N N 190 
GOL O3   O  N N 191 
GOL H11  H  N N 192 
GOL H12  H  N N 193 
GOL HO1  H  N N 194 
GOL H2   H  N N 195 
GOL HO2  H  N N 196 
GOL H31  H  N N 197 
GOL H32  H  N N 198 
GOL HO3  H  N N 199 
HIS N    N  N N 200 
HIS CA   C  N S 201 
HIS C    C  N N 202 
HIS O    O  N N 203 
HIS CB   C  N N 204 
HIS CG   C  Y N 205 
HIS ND1  N  Y N 206 
HIS CD2  C  Y N 207 
HIS CE1  C  Y N 208 
HIS NE2  N  Y N 209 
HIS OXT  O  N N 210 
HIS H    H  N N 211 
HIS H2   H  N N 212 
HIS HA   H  N N 213 
HIS HB2  H  N N 214 
HIS HB3  H  N N 215 
HIS HD1  H  N N 216 
HIS HD2  H  N N 217 
HIS HE1  H  N N 218 
HIS HE2  H  N N 219 
HIS HXT  H  N N 220 
HOH O    O  N N 221 
HOH H1   H  N N 222 
HOH H2   H  N N 223 
ILE N    N  N N 224 
ILE CA   C  N S 225 
ILE C    C  N N 226 
ILE O    O  N N 227 
ILE CB   C  N S 228 
ILE CG1  C  N N 229 
ILE CG2  C  N N 230 
ILE CD1  C  N N 231 
ILE OXT  O  N N 232 
ILE H    H  N N 233 
ILE H2   H  N N 234 
ILE HA   H  N N 235 
ILE HB   H  N N 236 
ILE HG12 H  N N 237 
ILE HG13 H  N N 238 
ILE HG21 H  N N 239 
ILE HG22 H  N N 240 
ILE HG23 H  N N 241 
ILE HD11 H  N N 242 
ILE HD12 H  N N 243 
ILE HD13 H  N N 244 
ILE HXT  H  N N 245 
LEU N    N  N N 246 
LEU CA   C  N S 247 
LEU C    C  N N 248 
LEU O    O  N N 249 
LEU CB   C  N N 250 
LEU CG   C  N N 251 
LEU CD1  C  N N 252 
LEU CD2  C  N N 253 
LEU OXT  O  N N 254 
LEU H    H  N N 255 
LEU H2   H  N N 256 
LEU HA   H  N N 257 
LEU HB2  H  N N 258 
LEU HB3  H  N N 259 
LEU HG   H  N N 260 
LEU HD11 H  N N 261 
LEU HD12 H  N N 262 
LEU HD13 H  N N 263 
LEU HD21 H  N N 264 
LEU HD22 H  N N 265 
LEU HD23 H  N N 266 
LEU HXT  H  N N 267 
LYS N    N  N N 268 
LYS CA   C  N S 269 
LYS C    C  N N 270 
LYS O    O  N N 271 
LYS CB   C  N N 272 
LYS CG   C  N N 273 
LYS CD   C  N N 274 
LYS CE   C  N N 275 
LYS NZ   N  N N 276 
LYS OXT  O  N N 277 
LYS H    H  N N 278 
LYS H2   H  N N 279 
LYS HA   H  N N 280 
LYS HB2  H  N N 281 
LYS HB3  H  N N 282 
LYS HG2  H  N N 283 
LYS HG3  H  N N 284 
LYS HD2  H  N N 285 
LYS HD3  H  N N 286 
LYS HE2  H  N N 287 
LYS HE3  H  N N 288 
LYS HZ1  H  N N 289 
LYS HZ2  H  N N 290 
LYS HZ3  H  N N 291 
LYS HXT  H  N N 292 
MET N    N  N N 293 
MET CA   C  N S 294 
MET C    C  N N 295 
MET O    O  N N 296 
MET CB   C  N N 297 
MET CG   C  N N 298 
MET SD   S  N N 299 
MET CE   C  N N 300 
MET OXT  O  N N 301 
MET H    H  N N 302 
MET H2   H  N N 303 
MET HA   H  N N 304 
MET HB2  H  N N 305 
MET HB3  H  N N 306 
MET HG2  H  N N 307 
MET HG3  H  N N 308 
MET HE1  H  N N 309 
MET HE2  H  N N 310 
MET HE3  H  N N 311 
MET HXT  H  N N 312 
PHE N    N  N N 313 
PHE CA   C  N S 314 
PHE C    C  N N 315 
PHE O    O  N N 316 
PHE CB   C  N N 317 
PHE CG   C  Y N 318 
PHE CD1  C  Y N 319 
PHE CD2  C  Y N 320 
PHE CE1  C  Y N 321 
PHE CE2  C  Y N 322 
PHE CZ   C  Y N 323 
PHE OXT  O  N N 324 
PHE H    H  N N 325 
PHE H2   H  N N 326 
PHE HA   H  N N 327 
PHE HB2  H  N N 328 
PHE HB3  H  N N 329 
PHE HD1  H  N N 330 
PHE HD2  H  N N 331 
PHE HE1  H  N N 332 
PHE HE2  H  N N 333 
PHE HZ   H  N N 334 
PHE HXT  H  N N 335 
PRO N    N  N N 336 
PRO CA   C  N S 337 
PRO C    C  N N 338 
PRO O    O  N N 339 
PRO CB   C  N N 340 
PRO CG   C  N N 341 
PRO CD   C  N N 342 
PRO OXT  O  N N 343 
PRO H    H  N N 344 
PRO HA   H  N N 345 
PRO HB2  H  N N 346 
PRO HB3  H  N N 347 
PRO HG2  H  N N 348 
PRO HG3  H  N N 349 
PRO HD2  H  N N 350 
PRO HD3  H  N N 351 
PRO HXT  H  N N 352 
SER N    N  N N 353 
SER CA   C  N S 354 
SER C    C  N N 355 
SER O    O  N N 356 
SER CB   C  N N 357 
SER OG   O  N N 358 
SER OXT  O  N N 359 
SER H    H  N N 360 
SER H2   H  N N 361 
SER HA   H  N N 362 
SER HB2  H  N N 363 
SER HB3  H  N N 364 
SER HG   H  N N 365 
SER HXT  H  N N 366 
THR N    N  N N 367 
THR CA   C  N S 368 
THR C    C  N N 369 
THR O    O  N N 370 
THR CB   C  N R 371 
THR OG1  O  N N 372 
THR CG2  C  N N 373 
THR OXT  O  N N 374 
THR H    H  N N 375 
THR H2   H  N N 376 
THR HA   H  N N 377 
THR HB   H  N N 378 
THR HG1  H  N N 379 
THR HG21 H  N N 380 
THR HG22 H  N N 381 
THR HG23 H  N N 382 
THR HXT  H  N N 383 
TRP N    N  N N 384 
TRP CA   C  N S 385 
TRP C    C  N N 386 
TRP O    O  N N 387 
TRP CB   C  N N 388 
TRP CG   C  Y N 389 
TRP CD1  C  Y N 390 
TRP CD2  C  Y N 391 
TRP NE1  N  Y N 392 
TRP CE2  C  Y N 393 
TRP CE3  C  Y N 394 
TRP CZ2  C  Y N 395 
TRP CZ3  C  Y N 396 
TRP CH2  C  Y N 397 
TRP OXT  O  N N 398 
TRP H    H  N N 399 
TRP H2   H  N N 400 
TRP HA   H  N N 401 
TRP HB2  H  N N 402 
TRP HB3  H  N N 403 
TRP HD1  H  N N 404 
TRP HE1  H  N N 405 
TRP HE3  H  N N 406 
TRP HZ2  H  N N 407 
TRP HZ3  H  N N 408 
TRP HH2  H  N N 409 
TRP HXT  H  N N 410 
TYR N    N  N N 411 
TYR CA   C  N S 412 
TYR C    C  N N 413 
TYR O    O  N N 414 
TYR CB   C  N N 415 
TYR CG   C  Y N 416 
TYR CD1  C  Y N 417 
TYR CD2  C  Y N 418 
TYR CE1  C  Y N 419 
TYR CE2  C  Y N 420 
TYR CZ   C  Y N 421 
TYR OH   O  N N 422 
TYR OXT  O  N N 423 
TYR H    H  N N 424 
TYR H2   H  N N 425 
TYR HA   H  N N 426 
TYR HB2  H  N N 427 
TYR HB3  H  N N 428 
TYR HD1  H  N N 429 
TYR HD2  H  N N 430 
TYR HE1  H  N N 431 
TYR HE2  H  N N 432 
TYR HH   H  N N 433 
TYR HXT  H  N N 434 
VAL N    N  N N 435 
VAL CA   C  N S 436 
VAL C    C  N N 437 
VAL O    O  N N 438 
VAL CB   C  N N 439 
VAL CG1  C  N N 440 
VAL CG2  C  N N 441 
VAL OXT  O  N N 442 
VAL H    H  N N 443 
VAL H2   H  N N 444 
VAL HA   H  N N 445 
VAL HB   H  N N 446 
VAL HG11 H  N N 447 
VAL HG12 H  N N 448 
VAL HG13 H  N N 449 
VAL HG21 H  N N 450 
VAL HG22 H  N N 451 
VAL HG23 H  N N 452 
VAL HXT  H  N N 453 
# 
loop_
_chem_comp_bond.comp_id 
_chem_comp_bond.atom_id_1 
_chem_comp_bond.atom_id_2 
_chem_comp_bond.value_order 
_chem_comp_bond.pdbx_aromatic_flag 
_chem_comp_bond.pdbx_stereo_config 
_chem_comp_bond.pdbx_ordinal 
ALA N   CA   sing N N 1   
ALA N   H    sing N N 2   
ALA N   H2   sing N N 3   
ALA CA  C    sing N N 4   
ALA CA  CB   sing N N 5   
ALA CA  HA   sing N N 6   
ALA C   O    doub N N 7   
ALA C   OXT  sing N N 8   
ALA CB  HB1  sing N N 9   
ALA CB  HB2  sing N N 10  
ALA CB  HB3  sing N N 11  
ALA OXT HXT  sing N N 12  
ARG N   CA   sing N N 13  
ARG N   H    sing N N 14  
ARG N   H2   sing N N 15  
ARG CA  C    sing N N 16  
ARG CA  CB   sing N N 17  
ARG CA  HA   sing N N 18  
ARG C   O    doub N N 19  
ARG C   OXT  sing N N 20  
ARG CB  CG   sing N N 21  
ARG CB  HB2  sing N N 22  
ARG CB  HB3  sing N N 23  
ARG CG  CD   sing N N 24  
ARG CG  HG2  sing N N 25  
ARG CG  HG3  sing N N 26  
ARG CD  NE   sing N N 27  
ARG CD  HD2  sing N N 28  
ARG CD  HD3  sing N N 29  
ARG NE  CZ   sing N N 30  
ARG NE  HE   sing N N 31  
ARG CZ  NH1  sing N N 32  
ARG CZ  NH2  doub N N 33  
ARG NH1 HH11 sing N N 34  
ARG NH1 HH12 sing N N 35  
ARG NH2 HH21 sing N N 36  
ARG NH2 HH22 sing N N 37  
ARG OXT HXT  sing N N 38  
ASN N   CA   sing N N 39  
ASN N   H    sing N N 40  
ASN N   H2   sing N N 41  
ASN CA  C    sing N N 42  
ASN CA  CB   sing N N 43  
ASN CA  HA   sing N N 44  
ASN C   O    doub N N 45  
ASN C   OXT  sing N N 46  
ASN CB  CG   sing N N 47  
ASN CB  HB2  sing N N 48  
ASN CB  HB3  sing N N 49  
ASN CG  OD1  doub N N 50  
ASN CG  ND2  sing N N 51  
ASN ND2 HD21 sing N N 52  
ASN ND2 HD22 sing N N 53  
ASN OXT HXT  sing N N 54  
ASP N   CA   sing N N 55  
ASP N   H    sing N N 56  
ASP N   H2   sing N N 57  
ASP CA  C    sing N N 58  
ASP CA  CB   sing N N 59  
ASP CA  HA   sing N N 60  
ASP C   O    doub N N 61  
ASP C   OXT  sing N N 62  
ASP CB  CG   sing N N 63  
ASP CB  HB2  sing N N 64  
ASP CB  HB3  sing N N 65  
ASP CG  OD1  doub N N 66  
ASP CG  OD2  sing N N 67  
ASP OD2 HD2  sing N N 68  
ASP OXT HXT  sing N N 69  
BMA C1  C2   sing N N 70  
BMA C1  O1   sing N N 71  
BMA C1  O5   sing N N 72  
BMA C1  H1   sing N N 73  
BMA C2  C3   sing N N 74  
BMA C2  O2   sing N N 75  
BMA C2  H2   sing N N 76  
BMA C3  C4   sing N N 77  
BMA C3  O3   sing N N 78  
BMA C3  H3   sing N N 79  
BMA C4  C5   sing N N 80  
BMA C4  O4   sing N N 81  
BMA C4  H4   sing N N 82  
BMA C5  C6   sing N N 83  
BMA C5  O5   sing N N 84  
BMA C5  H5   sing N N 85  
BMA C6  O6   sing N N 86  
BMA C6  H61  sing N N 87  
BMA C6  H62  sing N N 88  
BMA O1  HO1  sing N N 89  
BMA O2  HO2  sing N N 90  
BMA O3  HO3  sing N N 91  
BMA O4  HO4  sing N N 92  
BMA O6  HO6  sing N N 93  
CYS N   CA   sing N N 94  
CYS N   H    sing N N 95  
CYS N   H2   sing N N 96  
CYS CA  C    sing N N 97  
CYS CA  CB   sing N N 98  
CYS CA  HA   sing N N 99  
CYS C   O    doub N N 100 
CYS C   OXT  sing N N 101 
CYS CB  SG   sing N N 102 
CYS CB  HB2  sing N N 103 
CYS CB  HB3  sing N N 104 
CYS SG  HG   sing N N 105 
CYS OXT HXT  sing N N 106 
GLA C1  C2   sing N N 107 
GLA C1  O1   sing N N 108 
GLA C1  O5   sing N N 109 
GLA C1  H1   sing N N 110 
GLA C2  C3   sing N N 111 
GLA C2  O2   sing N N 112 
GLA C2  H2   sing N N 113 
GLA C3  C4   sing N N 114 
GLA C3  O3   sing N N 115 
GLA C3  H3   sing N N 116 
GLA C4  C5   sing N N 117 
GLA C4  O4   sing N N 118 
GLA C4  H4   sing N N 119 
GLA C5  C6   sing N N 120 
GLA C5  O5   sing N N 121 
GLA C5  H5   sing N N 122 
GLA C6  O6   sing N N 123 
GLA C6  H61  sing N N 124 
GLA C6  H62  sing N N 125 
GLA O1  HO1  sing N N 126 
GLA O2  HO2  sing N N 127 
GLA O3  HO3  sing N N 128 
GLA O4  HO4  sing N N 129 
GLA O6  HO6  sing N N 130 
GLN N   CA   sing N N 131 
GLN N   H    sing N N 132 
GLN N   H2   sing N N 133 
GLN CA  C    sing N N 134 
GLN CA  CB   sing N N 135 
GLN CA  HA   sing N N 136 
GLN C   O    doub N N 137 
GLN C   OXT  sing N N 138 
GLN CB  CG   sing N N 139 
GLN CB  HB2  sing N N 140 
GLN CB  HB3  sing N N 141 
GLN CG  CD   sing N N 142 
GLN CG  HG2  sing N N 143 
GLN CG  HG3  sing N N 144 
GLN CD  OE1  doub N N 145 
GLN CD  NE2  sing N N 146 
GLN NE2 HE21 sing N N 147 
GLN NE2 HE22 sing N N 148 
GLN OXT HXT  sing N N 149 
GLU N   CA   sing N N 150 
GLU N   H    sing N N 151 
GLU N   H2   sing N N 152 
GLU CA  C    sing N N 153 
GLU CA  CB   sing N N 154 
GLU CA  HA   sing N N 155 
GLU C   O    doub N N 156 
GLU C   OXT  sing N N 157 
GLU CB  CG   sing N N 158 
GLU CB  HB2  sing N N 159 
GLU CB  HB3  sing N N 160 
GLU CG  CD   sing N N 161 
GLU CG  HG2  sing N N 162 
GLU CG  HG3  sing N N 163 
GLU CD  OE1  doub N N 164 
GLU CD  OE2  sing N N 165 
GLU OE2 HE2  sing N N 166 
GLU OXT HXT  sing N N 167 
GLY N   CA   sing N N 168 
GLY N   H    sing N N 169 
GLY N   H2   sing N N 170 
GLY CA  C    sing N N 171 
GLY CA  HA2  sing N N 172 
GLY CA  HA3  sing N N 173 
GLY C   O    doub N N 174 
GLY C   OXT  sing N N 175 
GLY OXT HXT  sing N N 176 
GOL C1  O1   sing N N 177 
GOL C1  C2   sing N N 178 
GOL C1  H11  sing N N 179 
GOL C1  H12  sing N N 180 
GOL O1  HO1  sing N N 181 
GOL C2  O2   sing N N 182 
GOL C2  C3   sing N N 183 
GOL C2  H2   sing N N 184 
GOL O2  HO2  sing N N 185 
GOL C3  O3   sing N N 186 
GOL C3  H31  sing N N 187 
GOL C3  H32  sing N N 188 
GOL O3  HO3  sing N N 189 
HIS N   CA   sing N N 190 
HIS N   H    sing N N 191 
HIS N   H2   sing N N 192 
HIS CA  C    sing N N 193 
HIS CA  CB   sing N N 194 
HIS CA  HA   sing N N 195 
HIS C   O    doub N N 196 
HIS C   OXT  sing N N 197 
HIS CB  CG   sing N N 198 
HIS CB  HB2  sing N N 199 
HIS CB  HB3  sing N N 200 
HIS CG  ND1  sing Y N 201 
HIS CG  CD2  doub Y N 202 
HIS ND1 CE1  doub Y N 203 
HIS ND1 HD1  sing N N 204 
HIS CD2 NE2  sing Y N 205 
HIS CD2 HD2  sing N N 206 
HIS CE1 NE2  sing Y N 207 
HIS CE1 HE1  sing N N 208 
HIS NE2 HE2  sing N N 209 
HIS OXT HXT  sing N N 210 
HOH O   H1   sing N N 211 
HOH O   H2   sing N N 212 
ILE N   CA   sing N N 213 
ILE N   H    sing N N 214 
ILE N   H2   sing N N 215 
ILE CA  C    sing N N 216 
ILE CA  CB   sing N N 217 
ILE CA  HA   sing N N 218 
ILE C   O    doub N N 219 
ILE C   OXT  sing N N 220 
ILE CB  CG1  sing N N 221 
ILE CB  CG2  sing N N 222 
ILE CB  HB   sing N N 223 
ILE CG1 CD1  sing N N 224 
ILE CG1 HG12 sing N N 225 
ILE CG1 HG13 sing N N 226 
ILE CG2 HG21 sing N N 227 
ILE CG2 HG22 sing N N 228 
ILE CG2 HG23 sing N N 229 
ILE CD1 HD11 sing N N 230 
ILE CD1 HD12 sing N N 231 
ILE CD1 HD13 sing N N 232 
ILE OXT HXT  sing N N 233 
LEU N   CA   sing N N 234 
LEU N   H    sing N N 235 
LEU N   H2   sing N N 236 
LEU CA  C    sing N N 237 
LEU CA  CB   sing N N 238 
LEU CA  HA   sing N N 239 
LEU C   O    doub N N 240 
LEU C   OXT  sing N N 241 
LEU CB  CG   sing N N 242 
LEU CB  HB2  sing N N 243 
LEU CB  HB3  sing N N 244 
LEU CG  CD1  sing N N 245 
LEU CG  CD2  sing N N 246 
LEU CG  HG   sing N N 247 
LEU CD1 HD11 sing N N 248 
LEU CD1 HD12 sing N N 249 
LEU CD1 HD13 sing N N 250 
LEU CD2 HD21 sing N N 251 
LEU CD2 HD22 sing N N 252 
LEU CD2 HD23 sing N N 253 
LEU OXT HXT  sing N N 254 
LYS N   CA   sing N N 255 
LYS N   H    sing N N 256 
LYS N   H2   sing N N 257 
LYS CA  C    sing N N 258 
LYS CA  CB   sing N N 259 
LYS CA  HA   sing N N 260 
LYS C   O    doub N N 261 
LYS C   OXT  sing N N 262 
LYS CB  CG   sing N N 263 
LYS CB  HB2  sing N N 264 
LYS CB  HB3  sing N N 265 
LYS CG  CD   sing N N 266 
LYS CG  HG2  sing N N 267 
LYS CG  HG3  sing N N 268 
LYS CD  CE   sing N N 269 
LYS CD  HD2  sing N N 270 
LYS CD  HD3  sing N N 271 
LYS CE  NZ   sing N N 272 
LYS CE  HE2  sing N N 273 
LYS CE  HE3  sing N N 274 
LYS NZ  HZ1  sing N N 275 
LYS NZ  HZ2  sing N N 276 
LYS NZ  HZ3  sing N N 277 
LYS OXT HXT  sing N N 278 
MET N   CA   sing N N 279 
MET N   H    sing N N 280 
MET N   H2   sing N N 281 
MET CA  C    sing N N 282 
MET CA  CB   sing N N 283 
MET CA  HA   sing N N 284 
MET C   O    doub N N 285 
MET C   OXT  sing N N 286 
MET CB  CG   sing N N 287 
MET CB  HB2  sing N N 288 
MET CB  HB3  sing N N 289 
MET CG  SD   sing N N 290 
MET CG  HG2  sing N N 291 
MET CG  HG3  sing N N 292 
MET SD  CE   sing N N 293 
MET CE  HE1  sing N N 294 
MET CE  HE2  sing N N 295 
MET CE  HE3  sing N N 296 
MET OXT HXT  sing N N 297 
PHE N   CA   sing N N 298 
PHE N   H    sing N N 299 
PHE N   H2   sing N N 300 
PHE CA  C    sing N N 301 
PHE CA  CB   sing N N 302 
PHE CA  HA   sing N N 303 
PHE C   O    doub N N 304 
PHE C   OXT  sing N N 305 
PHE CB  CG   sing N N 306 
PHE CB  HB2  sing N N 307 
PHE CB  HB3  sing N N 308 
PHE CG  CD1  doub Y N 309 
PHE CG  CD2  sing Y N 310 
PHE CD1 CE1  sing Y N 311 
PHE CD1 HD1  sing N N 312 
PHE CD2 CE2  doub Y N 313 
PHE CD2 HD2  sing N N 314 
PHE CE1 CZ   doub Y N 315 
PHE CE1 HE1  sing N N 316 
PHE CE2 CZ   sing Y N 317 
PHE CE2 HE2  sing N N 318 
PHE CZ  HZ   sing N N 319 
PHE OXT HXT  sing N N 320 
PRO N   CA   sing N N 321 
PRO N   CD   sing N N 322 
PRO N   H    sing N N 323 
PRO CA  C    sing N N 324 
PRO CA  CB   sing N N 325 
PRO CA  HA   sing N N 326 
PRO C   O    doub N N 327 
PRO C   OXT  sing N N 328 
PRO CB  CG   sing N N 329 
PRO CB  HB2  sing N N 330 
PRO CB  HB3  sing N N 331 
PRO CG  CD   sing N N 332 
PRO CG  HG2  sing N N 333 
PRO CG  HG3  sing N N 334 
PRO CD  HD2  sing N N 335 
PRO CD  HD3  sing N N 336 
PRO OXT HXT  sing N N 337 
SER N   CA   sing N N 338 
SER N   H    sing N N 339 
SER N   H2   sing N N 340 
SER CA  C    sing N N 341 
SER CA  CB   sing N N 342 
SER CA  HA   sing N N 343 
SER C   O    doub N N 344 
SER C   OXT  sing N N 345 
SER CB  OG   sing N N 346 
SER CB  HB2  sing N N 347 
SER CB  HB3  sing N N 348 
SER OG  HG   sing N N 349 
SER OXT HXT  sing N N 350 
THR N   CA   sing N N 351 
THR N   H    sing N N 352 
THR N   H2   sing N N 353 
THR CA  C    sing N N 354 
THR CA  CB   sing N N 355 
THR CA  HA   sing N N 356 
THR C   O    doub N N 357 
THR C   OXT  sing N N 358 
THR CB  OG1  sing N N 359 
THR CB  CG2  sing N N 360 
THR CB  HB   sing N N 361 
THR OG1 HG1  sing N N 362 
THR CG2 HG21 sing N N 363 
THR CG2 HG22 sing N N 364 
THR CG2 HG23 sing N N 365 
THR OXT HXT  sing N N 366 
TRP N   CA   sing N N 367 
TRP N   H    sing N N 368 
TRP N   H2   sing N N 369 
TRP CA  C    sing N N 370 
TRP CA  CB   sing N N 371 
TRP CA  HA   sing N N 372 
TRP C   O    doub N N 373 
TRP C   OXT  sing N N 374 
TRP CB  CG   sing N N 375 
TRP CB  HB2  sing N N 376 
TRP CB  HB3  sing N N 377 
TRP CG  CD1  doub Y N 378 
TRP CG  CD2  sing Y N 379 
TRP CD1 NE1  sing Y N 380 
TRP CD1 HD1  sing N N 381 
TRP CD2 CE2  doub Y N 382 
TRP CD2 CE3  sing Y N 383 
TRP NE1 CE2  sing Y N 384 
TRP NE1 HE1  sing N N 385 
TRP CE2 CZ2  sing Y N 386 
TRP CE3 CZ3  doub Y N 387 
TRP CE3 HE3  sing N N 388 
TRP CZ2 CH2  doub Y N 389 
TRP CZ2 HZ2  sing N N 390 
TRP CZ3 CH2  sing Y N 391 
TRP CZ3 HZ3  sing N N 392 
TRP CH2 HH2  sing N N 393 
TRP OXT HXT  sing N N 394 
TYR N   CA   sing N N 395 
TYR N   H    sing N N 396 
TYR N   H2   sing N N 397 
TYR CA  C    sing N N 398 
TYR CA  CB   sing N N 399 
TYR CA  HA   sing N N 400 
TYR C   O    doub N N 401 
TYR C   OXT  sing N N 402 
TYR CB  CG   sing N N 403 
TYR CB  HB2  sing N N 404 
TYR CB  HB3  sing N N 405 
TYR CG  CD1  doub Y N 406 
TYR CG  CD2  sing Y N 407 
TYR CD1 CE1  sing Y N 408 
TYR CD1 HD1  sing N N 409 
TYR CD2 CE2  doub Y N 410 
TYR CD2 HD2  sing N N 411 
TYR CE1 CZ   doub Y N 412 
TYR CE1 HE1  sing N N 413 
TYR CE2 CZ   sing Y N 414 
TYR CE2 HE2  sing N N 415 
TYR CZ  OH   sing N N 416 
TYR OH  HH   sing N N 417 
TYR OXT HXT  sing N N 418 
VAL N   CA   sing N N 419 
VAL N   H    sing N N 420 
VAL N   H2   sing N N 421 
VAL CA  C    sing N N 422 
VAL CA  CB   sing N N 423 
VAL CA  HA   sing N N 424 
VAL C   O    doub N N 425 
VAL C   OXT  sing N N 426 
VAL CB  CG1  sing N N 427 
VAL CB  CG2  sing N N 428 
VAL CB  HB   sing N N 429 
VAL CG1 HG11 sing N N 430 
VAL CG1 HG12 sing N N 431 
VAL CG1 HG13 sing N N 432 
VAL CG2 HG21 sing N N 433 
VAL CG2 HG22 sing N N 434 
VAL CG2 HG23 sing N N 435 
VAL OXT HXT  sing N N 436 
# 
loop_
_pdbx_branch_scheme.asym_id 
_pdbx_branch_scheme.entity_id 
_pdbx_branch_scheme.mon_id 
_pdbx_branch_scheme.num 
_pdbx_branch_scheme.pdb_asym_id 
_pdbx_branch_scheme.pdb_mon_id 
_pdbx_branch_scheme.pdb_seq_num 
_pdbx_branch_scheme.auth_asym_id 
_pdbx_branch_scheme.auth_mon_id 
_pdbx_branch_scheme.auth_seq_num 
_pdbx_branch_scheme.hetero 
B 2 BMA 1 B BMA 1 A BMA 1142 n 
B 2 GLA 2 B GLA 2 A GLA 1141 n 
# 
loop_
_pdbx_chem_comp_identifier.comp_id 
_pdbx_chem_comp_identifier.type 
_pdbx_chem_comp_identifier.program 
_pdbx_chem_comp_identifier.program_version 
_pdbx_chem_comp_identifier.identifier 
BMA 'CONDENSED IUPAC CARBOHYDRATE SYMBOL' GMML     1.0 DManpb              
BMA 'COMMON NAME'                         GMML     1.0 b-D-mannopyranose   
BMA 'IUPAC CARBOHYDRATE SYMBOL'           PDB-CARE 1.0 b-D-Manp            
BMA 'SNFG CARBOHYDRATE SYMBOL'            GMML     1.0 Man                 
GLA 'CONDENSED IUPAC CARBOHYDRATE SYMBOL' GMML     1.0 DGalpa              
GLA 'COMMON NAME'                         GMML     1.0 a-D-galactopyranose 
GLA 'IUPAC CARBOHYDRATE SYMBOL'           PDB-CARE 1.0 a-D-Galp            
GLA 'SNFG CARBOHYDRATE SYMBOL'            GMML     1.0 Gal                 
# 
_pdbx_entity_branch.entity_id   2 
_pdbx_entity_branch.type        oligosaccharide 
# 
loop_
_pdbx_entity_branch_descriptor.ordinal 
_pdbx_entity_branch_descriptor.entity_id 
_pdbx_entity_branch_descriptor.descriptor 
_pdbx_entity_branch_descriptor.type 
_pdbx_entity_branch_descriptor.program 
_pdbx_entity_branch_descriptor.program_version 
1 2 DGalpa1-6DManpb1-ROH                                       'Glycam Condensed Sequence' GMML       1.0   
2 2 'WURCS=2.0/2,2,1/[a1122h-1b_1-5][a2112h-1a_1-5]/1-2/a6-b1' WURCS                       PDB2Glycan 1.1.0 
3 2 '[][b-D-Manp]{[(6+1)][a-D-Galp]{}}'                        LINUCS                      PDB-CARE   ?     
# 
_pdbx_entity_branch_link.link_id                    1 
_pdbx_entity_branch_link.entity_id                  2 
_pdbx_entity_branch_link.entity_branch_list_num_1   2 
_pdbx_entity_branch_link.comp_id_1                  GLA 
_pdbx_entity_branch_link.atom_id_1                  C1 
_pdbx_entity_branch_link.leaving_atom_id_1          O1 
_pdbx_entity_branch_link.entity_branch_list_num_2   1 
_pdbx_entity_branch_link.comp_id_2                  BMA 
_pdbx_entity_branch_link.atom_id_2                  O6 
_pdbx_entity_branch_link.leaving_atom_id_2          HO6 
_pdbx_entity_branch_link.value_order                sing 
_pdbx_entity_branch_link.details                    ? 
# 
loop_
_pdbx_entity_branch_list.entity_id 
_pdbx_entity_branch_list.comp_id 
_pdbx_entity_branch_list.num 
_pdbx_entity_branch_list.hetero 
2 BMA 1 n 
2 GLA 2 n 
# 
loop_
_pdbx_entity_nonpoly.entity_id 
_pdbx_entity_nonpoly.name 
_pdbx_entity_nonpoly.comp_id 
3 GLYCEROL      GOL 
4 'CALCIUM ION' CA  
5 water         HOH 
# 
_pdbx_initial_refinement_model.id               1 
_pdbx_initial_refinement_model.entity_id_list   ? 
_pdbx_initial_refinement_model.type             'experimental model' 
_pdbx_initial_refinement_model.source_name      PDB 
_pdbx_initial_refinement_model.accession_code   2YFU 
_pdbx_initial_refinement_model.details          'PDB ENTRY 2YFU' 
# 
